data_8CXX
#
_entry.id   8CXX
#
_cell.length_a   81.757
_cell.length_b   161.469
_cell.length_c   230.266
_cell.angle_alpha   90.000
_cell.angle_beta   90.000
_cell.angle_gamma   90.000
#
_symmetry.space_group_name_H-M   'P 21 21 21'
#
loop_
_entity.id
_entity.type
_entity.pdbx_description
1 polymer 'Site-specific DNA-methyltransferase (adenine-specific)'
2 polymer 'DNA Strand 1'
3 polymer 'DNA Strand 2'
4 non-polymer 'POTASSIUM ION'
5 non-polymer 1,2-ETHANEDIOL
6 non-polymer N-[(1R)-2,3-dihydro-1H-inden-1-yl]adenosine
7 water water
#
loop_
_entity_poly.entity_id
_entity_poly.type
_entity_poly.pdbx_seq_one_letter_code
_entity_poly.pdbx_strand_id
1 'polypeptide(L)'
;HMDDISQDNFLLSKEYENSLDVDTKKASGIYYTPKIIVDYIVKKTLKNHDIIKNPYPRILDISCGCGNFLLEVYDILYDL
FEENIYELKKKYDENYWTVDNIHRHILNYCIYGADIDEKAISILKDSLTNKKVVNDLDESDIKINLFCCDSLKKKWRYKF
DYIVGNPPYIGHKKLEKKYKKFLLEKYSEVYKDKADLYFCFYKKIIDILKQGGIGSVITPRYFLESLSGKDLREYIKSNV
NVQEIVDFLGANIFKNIGVSSCILTFDKKKTKETYIDVFKIKNEDICINKFETLEELLKSSKFEHFNINQRLLSDEWILV
NKDDETFYNKIQEKCKYSLEDIAISFQGIITGCDKAFILSKDDVKLNLVDDKFLKCWIKSKNINKYIVDKSEYRLIYSND
IDNENTNKRILDEIIGLYKTKLENRRECKSGIRKWYELQWGREKLFFERKKIMYPYKSNENRFAIDYDNNFSSADVYSFF
IKEEYLDKFSYEYLVGILNSSVYDKYFKITAKKMSKNIYDYYPNKVMKIRIFRDNNYEEIENLSKQIISILLNKSIDKGK
VEKLQIKMDNLIMDSLGI
;
A,B,C
2 'polydeoxyribonucleotide' (DT)(DT)(DC)(DA)(DA)(DA)(DA)(DA)(DG)(DT)(DC)(DC)(DC)(DA) D,F,H
3 'polydeoxyribonucleotide' (DA)(DT)(DG)(DG)(DG)(DA)(DC)(DT)(DT)(DT)(DT)(DT)(DG)(DA) E,G,I
#
# COMPACT_ATOMS: atom_id res chain seq x y z
N GLY A 29 -32.14 -23.16 30.17
CA GLY A 29 -31.83 -21.74 30.13
C GLY A 29 -32.23 -20.98 31.37
N ILE A 30 -33.01 -21.62 32.24
CA ILE A 30 -33.52 -21.02 33.46
C ILE A 30 -32.99 -21.82 34.66
N TYR A 31 -32.45 -21.10 35.64
CA TYR A 31 -31.82 -21.72 36.82
C TYR A 31 -32.56 -21.29 38.08
N TYR A 32 -32.83 -22.26 38.95
CA TYR A 32 -33.60 -22.03 40.18
C TYR A 32 -32.65 -21.69 41.32
N THR A 33 -32.83 -20.51 41.92
CA THR A 33 -32.04 -20.12 43.08
C THR A 33 -32.66 -20.69 44.35
N PRO A 34 -31.88 -21.27 45.25
CA PRO A 34 -32.46 -21.85 46.48
C PRO A 34 -33.21 -20.80 47.28
N LYS A 35 -34.35 -21.22 47.84
CA LYS A 35 -35.25 -20.26 48.48
C LYS A 35 -34.57 -19.52 49.62
N ILE A 36 -33.68 -20.20 50.34
CA ILE A 36 -33.03 -19.57 51.48
C ILE A 36 -32.16 -18.39 51.02
N ILE A 37 -31.59 -18.48 49.82
CA ILE A 37 -30.75 -17.41 49.31
C ILE A 37 -31.60 -16.29 48.70
N VAL A 38 -32.72 -16.65 48.08
CA VAL A 38 -33.63 -15.62 47.56
C VAL A 38 -34.16 -14.76 48.69
N ASP A 39 -34.63 -15.39 49.78
CA ASP A 39 -35.16 -14.63 50.90
C ASP A 39 -34.10 -13.71 51.50
N TYR A 40 -32.85 -14.19 51.59
CA TYR A 40 -31.79 -13.37 52.13
C TYR A 40 -31.55 -12.13 51.26
N ILE A 41 -31.51 -12.31 49.94
CA ILE A 41 -31.20 -11.21 49.04
C ILE A 41 -32.30 -10.15 49.08
N VAL A 42 -33.56 -10.60 49.09
CA VAL A 42 -34.68 -9.65 49.17
C VAL A 42 -34.68 -8.94 50.53
N LYS A 43 -34.46 -9.67 51.62
CA LYS A 43 -34.39 -9.04 52.93
C LYS A 43 -33.22 -8.06 53.00
N LYS A 44 -32.11 -8.39 52.34
CA LYS A 44 -30.94 -7.51 52.38
C LYS A 44 -31.26 -6.13 51.82
N THR A 45 -32.03 -6.07 50.74
CA THR A 45 -32.30 -4.77 50.13
C THR A 45 -33.52 -4.06 50.71
N LEU A 46 -34.44 -4.76 51.37
CA LEU A 46 -35.70 -4.16 51.77
C LEU A 46 -35.94 -4.05 53.26
N LYS A 47 -35.14 -4.71 54.10
CA LYS A 47 -35.50 -4.85 55.51
C LYS A 47 -35.56 -3.51 56.24
N ASN A 48 -34.86 -2.48 55.76
CA ASN A 48 -34.86 -1.18 56.41
C ASN A 48 -35.48 -0.08 55.55
N HIS A 49 -36.31 -0.45 54.58
CA HIS A 49 -36.93 0.56 53.73
C HIS A 49 -38.00 1.30 54.52
N ASP A 50 -37.96 2.63 54.43
CA ASP A 50 -38.91 3.49 55.13
C ASP A 50 -40.11 3.69 54.21
N ILE A 51 -41.10 2.79 54.31
CA ILE A 51 -42.26 2.87 53.44
C ILE A 51 -43.11 4.11 53.69
N ILE A 52 -43.04 4.71 54.89
CA ILE A 52 -43.79 5.94 55.13
C ILE A 52 -43.18 7.09 54.31
N LYS A 53 -41.85 7.22 54.35
CA LYS A 53 -41.19 8.29 53.62
C LYS A 53 -41.27 8.08 52.10
N ASN A 54 -41.10 6.85 51.64
CA ASN A 54 -41.23 6.53 50.21
C ASN A 54 -42.09 5.29 50.03
N PRO A 55 -43.39 5.48 49.83
CA PRO A 55 -44.27 4.34 49.53
C PRO A 55 -44.29 3.91 48.07
N TYR A 56 -43.35 4.39 47.25
CA TYR A 56 -43.25 4.01 45.84
C TYR A 56 -41.87 3.43 45.49
N PRO A 57 -41.36 2.46 46.24
CA PRO A 57 -40.06 1.90 45.86
C PRO A 57 -40.17 1.12 44.56
N ARG A 58 -39.16 1.28 43.70
CA ARG A 58 -39.08 0.52 42.45
C ARG A 58 -38.07 -0.62 42.65
N ILE A 59 -38.55 -1.85 42.60
CA ILE A 59 -37.71 -3.04 42.77
C ILE A 59 -37.68 -3.80 41.45
N LEU A 60 -36.48 -4.14 41.00
CA LEU A 60 -36.26 -4.69 39.67
C LEU A 60 -35.45 -5.99 39.77
N ASP A 61 -35.87 -6.98 38.99
CA ASP A 61 -35.04 -8.16 38.71
C ASP A 61 -34.75 -8.16 37.21
N ILE A 62 -33.47 -8.03 36.87
CA ILE A 62 -33.06 -7.78 35.48
C ILE A 62 -33.12 -9.04 34.62
N SER A 63 -33.08 -10.23 35.23
CA SER A 63 -33.37 -11.49 34.53
C SER A 63 -34.18 -12.32 35.51
N CYS A 64 -35.50 -12.11 35.50
CA CYS A 64 -36.34 -12.55 36.60
C CYS A 64 -36.81 -13.99 36.47
N GLY A 65 -36.65 -14.61 35.31
CA GLY A 65 -37.08 -15.98 35.16
C GLY A 65 -38.57 -16.12 35.44
N CYS A 66 -38.93 -17.19 36.14
CA CYS A 66 -40.32 -17.39 36.52
C CYS A 66 -40.75 -16.53 37.70
N GLY A 67 -39.82 -15.80 38.30
CA GLY A 67 -40.17 -14.85 39.35
C GLY A 67 -39.76 -15.28 40.73
N ASN A 68 -38.66 -16.05 40.82
CA ASN A 68 -38.17 -16.49 42.13
C ASN A 68 -38.01 -15.31 43.07
N PHE A 69 -37.34 -14.25 42.60
CA PHE A 69 -37.11 -13.08 43.45
C PHE A 69 -38.34 -12.19 43.52
N LEU A 70 -38.99 -11.93 42.38
CA LEU A 70 -40.05 -10.94 42.35
C LEU A 70 -41.26 -11.36 43.18
N LEU A 71 -41.59 -12.66 43.19
CA LEU A 71 -42.73 -13.13 43.98
C LEU A 71 -42.46 -13.00 45.47
N GLU A 72 -41.21 -13.15 45.89
CA GLU A 72 -40.87 -12.90 47.29
C GLU A 72 -40.86 -11.41 47.59
N VAL A 73 -40.44 -10.60 46.62
CA VAL A 73 -40.54 -9.15 46.77
C VAL A 73 -41.99 -8.73 47.00
N TYR A 74 -42.92 -9.37 46.28
CA TYR A 74 -44.33 -9.06 46.48
C TYR A 74 -44.75 -9.30 47.92
N ASP A 75 -44.43 -10.48 48.46
CA ASP A 75 -44.84 -10.82 49.82
C ASP A 75 -44.23 -9.86 50.83
N ILE A 76 -42.95 -9.54 50.69
CA ILE A 76 -42.32 -8.60 51.62
C ILE A 76 -42.99 -7.24 51.51
N LEU A 77 -43.25 -6.79 50.29
CA LEU A 77 -43.90 -5.49 50.12
C LEU A 77 -45.30 -5.48 50.71
N TYR A 78 -46.07 -6.55 50.50
CA TYR A 78 -47.45 -6.58 50.98
C TYR A 78 -47.51 -6.42 52.49
N ASP A 79 -46.63 -7.13 53.21
CA ASP A 79 -46.58 -6.97 54.67
C ASP A 79 -46.17 -5.56 55.05
N LEU A 80 -45.23 -4.97 54.29
CA LEU A 80 -44.75 -3.64 54.61
C LEU A 80 -45.85 -2.59 54.50
N PHE A 81 -46.64 -2.65 53.42
CA PHE A 81 -47.76 -1.73 53.26
C PHE A 81 -48.86 -2.01 54.28
N GLU A 82 -49.18 -3.29 54.50
CA GLU A 82 -50.30 -3.62 55.38
C GLU A 82 -50.00 -3.23 56.81
N GLU A 83 -48.76 -3.43 57.24
CA GLU A 83 -48.34 -3.05 58.60
C GLU A 83 -48.45 -1.55 58.84
N ASN A 84 -48.38 -0.73 57.79
CA ASN A 84 -48.37 0.73 57.95
C ASN A 84 -49.53 1.39 57.22
N ILE A 85 -50.61 0.66 56.94
CA ILE A 85 -51.64 1.16 56.05
C ILE A 85 -52.34 2.37 56.66
N TYR A 86 -52.53 2.39 57.99
CA TYR A 86 -53.21 3.53 58.58
C TYR A 86 -52.32 4.76 58.64
N GLU A 87 -51.01 4.58 58.84
CA GLU A 87 -50.13 5.74 58.80
C GLU A 87 -50.06 6.33 57.40
N LEU A 88 -50.00 5.48 56.38
CA LEU A 88 -50.07 5.98 55.01
C LEU A 88 -51.40 6.68 54.75
N LYS A 89 -52.49 6.07 55.21
CA LYS A 89 -53.81 6.65 55.01
C LYS A 89 -53.86 8.06 55.60
N LYS A 90 -53.25 8.26 56.76
CA LYS A 90 -53.29 9.55 57.42
C LYS A 90 -52.35 10.56 56.74
N LYS A 91 -51.16 10.14 56.36
CA LYS A 91 -50.18 11.05 55.78
C LYS A 91 -50.53 11.45 54.34
N TYR A 92 -51.14 10.55 53.57
CA TYR A 92 -51.35 10.76 52.15
C TYR A 92 -52.83 10.67 51.82
N ASP A 93 -53.15 10.50 50.53
CA ASP A 93 -54.53 10.32 50.11
C ASP A 93 -55.18 9.18 50.89
N GLU A 94 -56.15 9.51 51.74
CA GLU A 94 -56.75 8.48 52.59
C GLU A 94 -57.69 7.56 51.81
N ASN A 95 -58.19 7.99 50.66
CA ASN A 95 -58.98 7.09 49.81
C ASN A 95 -58.11 6.13 49.03
N TYR A 96 -56.83 6.46 48.82
CA TYR A 96 -55.95 5.60 48.04
C TYR A 96 -55.35 4.49 48.89
N TRP A 97 -55.00 4.78 50.14
CA TRP A 97 -54.28 3.81 50.98
C TRP A 97 -55.29 3.00 51.79
N THR A 98 -55.77 1.93 51.19
CA THR A 98 -56.59 0.93 51.83
C THR A 98 -55.93 -0.43 51.62
N VAL A 99 -56.25 -1.39 52.49
CA VAL A 99 -55.66 -2.71 52.35
C VAL A 99 -56.06 -3.32 51.01
N ASP A 100 -57.32 -3.14 50.61
CA ASP A 100 -57.80 -3.73 49.36
C ASP A 100 -57.10 -3.17 48.13
N ASN A 101 -56.44 -2.03 48.25
CA ASN A 101 -55.75 -1.41 47.14
C ASN A 101 -54.25 -1.72 47.11
N ILE A 102 -53.74 -2.44 48.10
CA ILE A 102 -52.30 -2.70 48.17
C ILE A 102 -51.83 -3.50 46.97
N HIS A 103 -52.58 -4.54 46.60
CA HIS A 103 -52.20 -5.41 45.50
C HIS A 103 -52.00 -4.61 44.21
N ARG A 104 -53.00 -3.80 43.86
CA ARG A 104 -52.91 -2.99 42.64
C ARG A 104 -51.74 -2.02 42.71
N HIS A 105 -51.51 -1.40 43.88
CA HIS A 105 -50.44 -0.42 43.98
C HIS A 105 -49.07 -1.05 43.81
N ILE A 106 -48.88 -2.25 44.38
CA ILE A 106 -47.60 -2.95 44.24
C ILE A 106 -47.29 -3.22 42.77
N LEU A 107 -48.29 -3.70 42.04
CA LEU A 107 -48.06 -4.08 40.64
C LEU A 107 -47.89 -2.85 39.76
N ASN A 108 -48.64 -1.79 40.03
CA ASN A 108 -48.53 -0.60 39.18
C ASN A 108 -47.18 0.09 39.34
N TYR A 109 -46.67 0.18 40.58
CA TYR A 109 -45.58 1.09 40.87
C TYR A 109 -44.33 0.45 41.45
N CYS A 110 -44.36 -0.80 41.87
CA CYS A 110 -43.24 -1.27 42.69
C CYS A 110 -42.45 -2.40 42.07
N ILE A 111 -43.10 -3.35 41.40
CA ILE A 111 -42.43 -4.56 40.92
C ILE A 111 -42.14 -4.42 39.44
N TYR A 112 -40.88 -4.66 39.05
CA TYR A 112 -40.44 -4.61 37.66
C TYR A 112 -39.58 -5.83 37.38
N GLY A 113 -39.70 -6.37 36.18
CA GLY A 113 -38.91 -7.53 35.79
C GLY A 113 -38.71 -7.60 34.30
N ALA A 114 -37.55 -8.16 33.92
CA ALA A 114 -37.22 -8.35 32.51
C ALA A 114 -36.59 -9.72 32.33
N ASP A 115 -36.92 -10.39 31.23
CA ASP A 115 -36.30 -11.66 30.91
C ASP A 115 -36.47 -11.95 29.43
N ILE A 116 -35.45 -12.58 28.84
CA ILE A 116 -35.50 -12.89 27.42
C ILE A 116 -36.51 -13.99 27.11
N ASP A 117 -36.86 -14.81 28.10
CA ASP A 117 -37.70 -15.98 27.89
C ASP A 117 -39.17 -15.57 27.98
N GLU A 118 -39.86 -15.61 26.84
CA GLU A 118 -41.25 -15.16 26.78
C GLU A 118 -42.16 -16.00 27.65
N LYS A 119 -41.97 -17.32 27.64
CA LYS A 119 -42.84 -18.19 28.44
C LYS A 119 -42.70 -17.90 29.92
N ALA A 120 -41.47 -17.67 30.39
CA ALA A 120 -41.26 -17.42 31.82
C ALA A 120 -41.96 -16.15 32.26
N ILE A 121 -41.89 -15.10 31.44
CA ILE A 121 -42.59 -13.86 31.74
C ILE A 121 -44.10 -14.12 31.82
N SER A 122 -44.62 -14.90 30.89
CA SER A 122 -46.05 -15.23 30.89
C SER A 122 -46.45 -15.93 32.18
N ILE A 123 -45.63 -16.88 32.65
CA ILE A 123 -45.92 -17.57 33.90
C ILE A 123 -45.85 -16.62 35.08
N LEU A 124 -44.81 -15.76 35.11
CA LEU A 124 -44.67 -14.82 36.22
C LEU A 124 -45.84 -13.84 36.26
N LYS A 125 -46.29 -13.38 35.08
CA LYS A 125 -47.45 -12.50 35.03
C LYS A 125 -48.67 -13.15 35.67
N ASP A 126 -48.91 -14.42 35.37
CA ASP A 126 -50.02 -15.14 36.00
C ASP A 126 -49.82 -15.26 37.50
N SER A 127 -48.59 -15.55 37.93
CA SER A 127 -48.33 -15.71 39.36
C SER A 127 -48.59 -14.42 40.12
N LEU A 128 -48.14 -13.28 39.56
CA LEU A 128 -48.42 -12.00 40.18
C LEU A 128 -49.91 -11.68 40.19
N THR A 129 -50.60 -11.98 39.08
CA THR A 129 -52.04 -11.72 39.02
C THR A 129 -52.78 -12.54 40.07
N ASN A 130 -52.38 -13.79 40.26
CA ASN A 130 -53.04 -14.70 41.19
C ASN A 130 -52.65 -14.47 42.65
N LYS A 131 -51.94 -13.39 42.96
CA LYS A 131 -51.70 -13.06 44.36
C LYS A 131 -52.96 -12.58 45.05
N LYS A 132 -53.97 -12.13 44.29
CA LYS A 132 -55.25 -11.69 44.83
C LYS A 132 -56.36 -12.18 43.90
N VAL A 133 -57.46 -12.63 44.50
CA VAL A 133 -58.60 -13.12 43.71
C VAL A 133 -59.62 -12.01 43.49
N ASP A 138 -64.07 -9.61 35.92
CA ASP A 138 -62.83 -8.89 36.21
C ASP A 138 -63.07 -7.37 36.25
N GLU A 139 -62.37 -6.71 37.16
CA GLU A 139 -62.43 -5.25 37.25
C GLU A 139 -61.51 -4.65 36.19
N SER A 140 -61.23 -3.35 36.28
CA SER A 140 -60.27 -2.73 35.38
C SER A 140 -58.91 -3.39 35.54
N ASP A 141 -58.32 -3.78 34.41
CA ASP A 141 -57.10 -4.57 34.44
C ASP A 141 -55.93 -3.77 35.01
N ILE A 142 -54.96 -4.48 35.56
CA ILE A 142 -53.80 -3.90 36.22
C ILE A 142 -52.58 -4.11 35.33
N LYS A 143 -51.88 -3.02 35.04
CA LYS A 143 -50.65 -3.11 34.25
C LYS A 143 -49.53 -3.67 35.12
N ILE A 144 -48.84 -4.68 34.60
CA ILE A 144 -47.73 -5.32 35.29
C ILE A 144 -46.46 -5.00 34.52
N ASN A 145 -45.45 -4.48 35.22
CA ASN A 145 -44.23 -3.99 34.57
C ASN A 145 -43.26 -5.16 34.36
N LEU A 146 -43.58 -5.99 33.38
CA LEU A 146 -42.74 -7.11 32.98
C LEU A 146 -42.39 -6.98 31.51
N PHE A 147 -41.10 -7.08 31.21
CA PHE A 147 -40.60 -6.87 29.86
C PHE A 147 -39.92 -8.15 29.36
N CYS A 148 -40.31 -8.60 28.17
CA CYS A 148 -39.63 -9.69 27.50
C CYS A 148 -38.64 -9.06 26.51
N CYS A 149 -37.36 -9.05 26.87
CA CYS A 149 -36.37 -8.30 26.13
C CYS A 149 -34.98 -8.74 26.56
N ASP A 150 -33.98 -8.28 25.83
CA ASP A 150 -32.58 -8.36 26.25
C ASP A 150 -32.31 -7.18 27.18
N SER A 151 -32.11 -7.47 28.46
CA SER A 151 -31.93 -6.40 29.44
C SER A 151 -30.70 -5.57 29.14
N LEU A 152 -29.72 -6.14 28.44
CA LEU A 152 -28.49 -5.42 28.10
C LEU A 152 -28.70 -4.45 26.94
N LYS A 153 -29.82 -4.54 26.23
CA LYS A 153 -30.13 -3.62 25.15
C LYS A 153 -31.30 -2.71 25.43
N LYS A 154 -32.12 -3.01 26.45
CA LYS A 154 -33.31 -2.21 26.69
C LYS A 154 -32.95 -0.77 27.02
N LYS A 155 -33.69 0.15 26.42
CA LYS A 155 -33.62 1.57 26.79
C LYS A 155 -34.41 1.72 28.09
N TRP A 156 -33.71 1.75 29.22
CA TRP A 156 -34.36 1.89 30.52
C TRP A 156 -34.75 3.35 30.73
N ARG A 157 -36.05 3.59 30.94
CA ARG A 157 -36.57 4.94 31.00
C ARG A 157 -36.40 5.62 32.35
N TYR A 158 -35.95 4.88 33.37
CA TYR A 158 -35.72 5.46 34.69
C TYR A 158 -34.88 4.50 35.53
N LYS A 159 -34.33 5.02 36.62
CA LYS A 159 -33.51 4.24 37.52
C LYS A 159 -34.38 3.57 38.59
N PHE A 160 -33.77 2.74 39.42
CA PHE A 160 -34.51 1.91 40.36
C PHE A 160 -33.95 2.01 41.76
N ASP A 161 -34.84 1.88 42.75
CA ASP A 161 -34.42 1.94 44.15
C ASP A 161 -33.67 0.68 44.55
N TYR A 162 -34.19 -0.48 44.18
CA TYR A 162 -33.63 -1.75 44.59
C TYR A 162 -33.58 -2.69 43.40
N ILE A 163 -32.45 -3.41 43.26
CA ILE A 163 -32.26 -4.37 42.18
C ILE A 163 -31.74 -5.67 42.78
N VAL A 164 -32.41 -6.77 42.47
CA VAL A 164 -32.06 -8.09 42.98
C VAL A 164 -32.08 -9.09 41.83
N GLY A 165 -31.39 -10.20 42.01
CA GLY A 165 -31.61 -11.36 41.17
C GLY A 165 -30.36 -12.15 40.90
N ASN A 166 -30.50 -13.05 39.93
CA ASN A 166 -29.47 -14.01 39.51
C ASN A 166 -29.29 -13.91 38.00
N PRO A 167 -28.25 -13.22 37.54
CA PRO A 167 -28.09 -12.99 36.09
C PRO A 167 -27.59 -14.24 35.38
N PRO A 168 -27.67 -14.28 34.06
CA PRO A 168 -27.07 -15.42 33.33
C PRO A 168 -25.56 -15.39 33.39
N TYR A 169 -24.97 -16.58 33.47
CA TYR A 169 -23.52 -16.76 33.40
C TYR A 169 -23.22 -17.45 32.08
N ILE A 170 -22.52 -16.77 31.18
CA ILE A 170 -22.10 -17.38 29.91
C ILE A 170 -20.67 -16.96 29.63
N GLY A 171 -19.77 -17.93 29.54
CA GLY A 171 -18.36 -17.67 29.31
C GLY A 171 -18.03 -17.53 27.82
N HIS A 172 -16.74 -17.33 27.56
CA HIS A 172 -16.29 -16.94 26.22
C HIS A 172 -16.50 -18.02 25.18
N LYS A 173 -16.60 -19.30 25.57
CA LYS A 173 -16.82 -20.35 24.57
C LYS A 173 -18.30 -20.50 24.23
N LYS A 174 -19.17 -20.44 25.23
CA LYS A 174 -20.59 -20.72 25.04
C LYS A 174 -21.39 -19.49 24.63
N LEU A 175 -20.75 -18.33 24.48
CA LEU A 175 -21.43 -17.12 24.06
C LEU A 175 -21.33 -16.99 22.55
N GLU A 176 -22.48 -16.78 21.89
CA GLU A 176 -22.51 -16.67 20.44
C GLU A 176 -21.65 -15.50 19.98
N LYS A 177 -20.85 -15.74 18.94
CA LYS A 177 -19.85 -14.76 18.51
C LYS A 177 -20.48 -13.47 18.00
N LYS A 178 -21.65 -13.55 17.36
CA LYS A 178 -22.33 -12.34 16.91
C LYS A 178 -22.69 -11.43 18.07
N TYR A 179 -22.98 -12.00 19.24
CA TYR A 179 -23.35 -11.16 20.38
C TYR A 179 -22.14 -10.51 21.02
N LYS A 180 -20.96 -11.14 20.97
CA LYS A 180 -19.79 -10.57 21.62
C LYS A 180 -19.39 -9.23 21.02
N LYS A 181 -19.65 -9.03 19.73
CA LYS A 181 -19.32 -7.77 19.09
C LYS A 181 -20.04 -6.61 19.78
N PHE A 182 -21.32 -6.79 20.08
CA PHE A 182 -22.06 -5.78 20.81
C PHE A 182 -21.48 -5.55 22.21
N LEU A 183 -21.14 -6.64 22.90
CA LEU A 183 -20.59 -6.50 24.26
C LEU A 183 -19.23 -5.82 24.25
N LEU A 184 -18.36 -6.20 23.30
CA LEU A 184 -17.04 -5.59 23.25
C LEU A 184 -17.13 -4.11 22.93
N GLU A 185 -18.14 -3.68 22.18
CA GLU A 185 -18.29 -2.28 21.79
C GLU A 185 -19.05 -1.45 22.82
N LYS A 186 -20.06 -2.00 23.47
CA LYS A 186 -20.90 -1.23 24.38
C LYS A 186 -20.62 -1.50 25.85
N TYR A 187 -19.94 -2.60 26.19
CA TYR A 187 -19.62 -2.92 27.57
C TYR A 187 -18.12 -3.08 27.77
N SER A 188 -17.34 -2.30 27.00
CA SER A 188 -15.90 -2.46 26.99
C SER A 188 -15.26 -2.14 28.33
N GLU A 189 -15.95 -1.39 29.19
CA GLU A 189 -15.38 -1.07 30.50
C GLU A 189 -15.31 -2.27 31.42
N VAL A 190 -16.06 -3.34 31.15
CA VAL A 190 -16.03 -4.52 32.01
C VAL A 190 -15.85 -5.79 31.19
N TYR A 191 -16.02 -5.70 29.88
CA TYR A 191 -16.03 -6.89 29.02
C TYR A 191 -14.96 -6.77 27.93
N LYS A 192 -13.87 -7.51 28.09
CA LYS A 192 -12.89 -7.76 27.03
C LYS A 192 -12.42 -9.20 27.13
N ASP A 193 -11.74 -9.65 26.07
CA ASP A 193 -11.02 -10.93 26.10
C ASP A 193 -11.89 -12.08 26.57
N LYS A 194 -11.51 -12.71 27.69
CA LYS A 194 -12.17 -13.91 28.18
C LYS A 194 -13.17 -13.61 29.29
N ALA A 195 -13.78 -12.42 29.27
CA ALA A 195 -14.76 -12.02 30.27
C ALA A 195 -16.04 -12.83 30.13
N ASP A 196 -16.94 -12.65 31.09
CA ASP A 196 -18.19 -13.39 31.15
C ASP A 196 -19.37 -12.44 30.97
N LEU A 197 -20.48 -12.99 30.47
CA LEU A 197 -21.69 -12.20 30.28
C LEU A 197 -22.16 -11.53 31.56
N TYR A 198 -21.99 -12.20 32.71
CA TYR A 198 -22.51 -11.62 33.94
C TYR A 198 -21.73 -10.38 34.36
N PHE A 199 -20.53 -10.17 33.82
CA PHE A 199 -19.85 -8.89 34.05
C PHE A 199 -20.72 -7.74 33.58
N CYS A 200 -21.37 -7.89 32.42
CA CYS A 200 -22.17 -6.82 31.86
C CYS A 200 -23.43 -6.57 32.66
N PHE A 201 -24.00 -7.61 33.26
CA PHE A 201 -25.17 -7.42 34.12
C PHE A 201 -24.80 -6.64 35.37
N TYR A 202 -23.61 -6.87 35.92
CA TYR A 202 -23.11 -6.01 36.99
C TYR A 202 -23.08 -4.56 36.54
N LYS A 203 -22.56 -4.30 35.33
CA LYS A 203 -22.50 -2.93 34.86
C LYS A 203 -23.89 -2.34 34.64
N LYS A 204 -24.80 -3.12 34.05
CA LYS A 204 -26.14 -2.60 33.80
C LYS A 204 -26.87 -2.31 35.11
N ILE A 205 -26.77 -3.20 36.08
CA ILE A 205 -27.45 -3.02 37.36
C ILE A 205 -26.94 -1.77 38.06
N ILE A 206 -25.63 -1.60 38.08
CA ILE A 206 -25.04 -0.42 38.72
C ILE A 206 -25.51 0.84 38.03
N ASP A 207 -25.52 0.85 36.69
CA ASP A 207 -25.84 2.06 35.95
C ASP A 207 -27.27 2.52 36.17
N ILE A 208 -28.21 1.60 36.35
CA ILE A 208 -29.62 1.97 36.52
C ILE A 208 -30.07 1.91 37.96
N LEU A 209 -29.14 1.79 38.90
CA LEU A 209 -29.46 1.91 40.32
C LEU A 209 -29.52 3.39 40.72
N LYS A 210 -30.62 3.78 41.37
CA LYS A 210 -30.79 5.15 41.81
C LYS A 210 -29.72 5.55 42.82
N GLN A 211 -29.51 6.87 42.94
CA GLN A 211 -28.73 7.37 44.05
C GLN A 211 -29.38 6.96 45.36
N GLY A 212 -28.58 6.41 46.26
CA GLY A 212 -29.10 5.89 47.51
C GLY A 212 -29.75 4.53 47.39
N GLY A 213 -29.74 3.90 46.22
CA GLY A 213 -30.33 2.59 46.06
C GLY A 213 -29.42 1.47 46.49
N ILE A 214 -29.97 0.27 46.54
CA ILE A 214 -29.25 -0.92 47.01
C ILE A 214 -29.45 -2.05 46.01
N GLY A 215 -28.36 -2.73 45.67
CA GLY A 215 -28.41 -3.91 44.82
C GLY A 215 -27.85 -5.12 45.53
N SER A 216 -28.41 -6.28 45.22
CA SER A 216 -27.96 -7.53 45.84
C SER A 216 -28.19 -8.66 44.85
N VAL A 217 -27.11 -9.36 44.49
CA VAL A 217 -27.16 -10.39 43.44
C VAL A 217 -26.28 -11.57 43.84
N ILE A 218 -26.64 -12.74 43.33
CA ILE A 218 -25.78 -13.92 43.38
C ILE A 218 -25.23 -14.15 41.98
N THR A 219 -23.91 -14.22 41.88
CA THR A 219 -23.19 -14.43 40.62
C THR A 219 -22.09 -15.44 40.89
N PRO A 220 -21.34 -15.90 39.88
CA PRO A 220 -20.14 -16.68 40.18
C PRO A 220 -19.15 -15.85 40.98
N ARG A 221 -18.34 -16.54 41.77
CA ARG A 221 -17.34 -15.89 42.60
C ARG A 221 -16.06 -15.54 41.83
N TYR A 222 -15.89 -16.06 40.62
CA TYR A 222 -14.57 -16.07 40.00
C TYR A 222 -14.05 -14.66 39.72
N PHE A 223 -14.95 -13.69 39.47
CA PHE A 223 -14.51 -12.34 39.17
C PHE A 223 -13.76 -11.70 40.34
N LEU A 224 -13.95 -12.20 41.57
CA LEU A 224 -13.26 -11.64 42.72
C LEU A 224 -11.74 -11.74 42.59
N GLU A 225 -11.24 -12.77 41.89
CA GLU A 225 -9.80 -12.97 41.74
C GLU A 225 -9.32 -13.06 40.30
N SER A 226 -10.20 -13.29 39.34
CA SER A 226 -9.75 -13.64 38.01
C SER A 226 -9.14 -12.43 37.29
N LEU A 227 -8.19 -12.74 36.39
CA LEU A 227 -7.59 -11.71 35.55
C LEU A 227 -8.65 -11.04 34.69
N SER A 228 -9.63 -11.80 34.21
CA SER A 228 -10.66 -11.20 33.35
C SER A 228 -11.49 -10.19 34.12
N GLY A 229 -11.68 -10.40 35.42
CA GLY A 229 -12.52 -9.51 36.19
C GLY A 229 -11.87 -8.25 36.69
N LYS A 230 -10.63 -7.97 36.28
CA LYS A 230 -9.94 -6.78 36.78
C LYS A 230 -10.72 -5.52 36.47
N ASP A 231 -11.16 -5.37 35.21
CA ASP A 231 -11.91 -4.18 34.85
C ASP A 231 -13.25 -4.12 35.58
N LEU A 232 -13.93 -5.26 35.73
CA LEU A 232 -15.18 -5.28 36.48
C LEU A 232 -14.96 -4.89 37.94
N ARG A 233 -13.91 -5.43 38.57
CA ARG A 233 -13.60 -5.05 39.95
C ARG A 233 -13.36 -3.54 40.05
N GLU A 234 -12.67 -2.97 39.07
CA GLU A 234 -12.45 -1.52 39.07
C GLU A 234 -13.77 -0.77 38.93
N TYR A 235 -14.70 -1.30 38.14
CA TYR A 235 -15.96 -0.60 37.92
C TYR A 235 -16.82 -0.61 39.18
N ILE A 236 -16.83 -1.73 39.91
CA ILE A 236 -17.62 -1.81 41.14
C ILE A 236 -17.03 -0.90 42.21
N LYS A 237 -15.72 -0.97 42.42
CA LYS A 237 -15.08 -0.24 43.51
C LYS A 237 -15.29 1.27 43.39
N SER A 238 -15.27 1.80 42.17
CA SER A 238 -15.31 3.25 41.98
C SER A 238 -16.71 3.77 41.69
N ASN A 239 -17.73 2.92 41.66
CA ASN A 239 -19.08 3.38 41.36
C ASN A 239 -20.10 3.08 42.45
N VAL A 240 -19.87 2.09 43.31
CA VAL A 240 -20.78 1.76 44.38
C VAL A 240 -19.99 1.49 45.66
N ASN A 241 -20.69 1.53 46.78
CA ASN A 241 -20.16 1.04 48.03
C ASN A 241 -20.57 -0.42 48.19
N VAL A 242 -19.58 -1.30 48.31
CA VAL A 242 -19.86 -2.72 48.52
C VAL A 242 -20.15 -2.92 50.00
N GLN A 243 -21.41 -3.24 50.32
CA GLN A 243 -21.77 -3.44 51.72
C GLN A 243 -21.24 -4.77 52.24
N GLU A 244 -21.37 -5.83 51.44
CA GLU A 244 -21.17 -7.17 51.95
C GLU A 244 -20.87 -8.13 50.81
N ILE A 245 -19.98 -9.09 51.06
CA ILE A 245 -19.65 -10.18 50.14
C ILE A 245 -19.79 -11.49 50.91
N VAL A 246 -20.71 -12.35 50.47
CA VAL A 246 -20.80 -13.71 50.98
C VAL A 246 -20.11 -14.62 49.98
N ASP A 247 -19.03 -15.28 50.40
CA ASP A 247 -18.21 -16.10 49.52
C ASP A 247 -18.40 -17.56 49.93
N PHE A 248 -19.09 -18.32 49.08
CA PHE A 248 -19.32 -19.74 49.35
C PHE A 248 -18.16 -20.62 48.91
N LEU A 249 -17.12 -20.06 48.31
CA LEU A 249 -15.94 -20.80 47.85
C LEU A 249 -16.44 -21.97 46.97
N GLY A 250 -16.00 -23.19 47.22
CA GLY A 250 -16.34 -24.32 46.39
C GLY A 250 -17.61 -25.05 46.76
N ALA A 251 -18.41 -24.51 47.68
CA ALA A 251 -19.66 -25.17 48.05
C ALA A 251 -20.60 -25.26 46.85
N ASN A 252 -21.42 -26.29 46.85
CA ASN A 252 -22.36 -26.53 45.76
C ASN A 252 -23.69 -25.88 46.15
N ILE A 253 -23.89 -24.64 45.70
CA ILE A 253 -25.11 -23.90 46.01
C ILE A 253 -26.25 -24.31 45.09
N PHE A 254 -25.95 -24.51 43.81
CA PHE A 254 -26.92 -24.93 42.81
C PHE A 254 -26.74 -26.42 42.56
N LYS A 255 -27.78 -27.21 42.85
CA LYS A 255 -27.69 -28.66 42.70
C LYS A 255 -27.37 -29.04 41.26
N ASN A 256 -26.39 -29.94 41.10
CA ASN A 256 -26.01 -30.49 39.80
C ASN A 256 -25.52 -29.42 38.84
N ILE A 257 -24.98 -28.32 39.37
CA ILE A 257 -24.41 -27.25 38.56
C ILE A 257 -22.95 -27.10 38.97
N GLY A 258 -22.05 -27.15 37.99
CA GLY A 258 -20.64 -26.98 38.28
C GLY A 258 -20.22 -25.54 38.33
N VAL A 259 -20.67 -24.79 39.35
CA VAL A 259 -20.32 -23.39 39.50
C VAL A 259 -20.11 -23.08 40.98
N SER A 260 -19.33 -22.04 41.24
CA SER A 260 -19.05 -21.58 42.59
C SER A 260 -19.55 -20.15 42.73
N SER A 261 -20.26 -19.90 43.84
CA SER A 261 -21.16 -18.76 43.98
C SER A 261 -20.69 -17.77 45.03
N CYS A 262 -21.15 -16.52 44.88
CA CYS A 262 -21.01 -15.50 45.89
C CYS A 262 -22.20 -14.56 45.80
N ILE A 263 -22.46 -13.83 46.88
CA ILE A 263 -23.52 -12.83 46.93
C ILE A 263 -22.89 -11.47 47.20
N LEU A 264 -23.17 -10.50 46.34
CA LEU A 264 -22.68 -9.14 46.52
C LEU A 264 -23.85 -8.21 46.81
N THR A 265 -23.72 -7.42 47.87
CA THR A 265 -24.66 -6.36 48.18
C THR A 265 -23.92 -5.02 48.13
N PHE A 266 -24.49 -4.05 47.42
CA PHE A 266 -23.85 -2.78 47.21
C PHE A 266 -24.90 -1.68 47.20
N ASP A 267 -24.45 -0.43 47.36
CA ASP A 267 -25.37 0.69 47.39
C ASP A 267 -24.70 1.90 46.75
N LYS A 268 -25.53 2.90 46.46
CA LYS A 268 -25.09 4.20 46.00
C LYS A 268 -25.43 5.27 47.03
N LYS A 269 -25.17 4.97 48.30
CA LYS A 269 -25.43 5.89 49.39
C LYS A 269 -24.22 6.78 49.66
N LYS A 270 -24.49 8.01 50.08
CA LYS A 270 -23.43 8.93 50.47
C LYS A 270 -22.88 8.48 51.81
N THR A 271 -21.74 7.79 51.79
CA THR A 271 -21.12 7.28 52.99
C THR A 271 -19.72 7.84 53.13
N LYS A 272 -19.16 7.70 54.33
CA LYS A 272 -17.81 8.17 54.61
C LYS A 272 -16.82 7.05 54.92
N GLU A 273 -17.29 5.91 55.42
CA GLU A 273 -16.40 4.87 55.91
C GLU A 273 -16.10 3.79 54.88
N THR A 274 -17.11 3.35 54.12
CA THR A 274 -17.02 2.33 53.07
C THR A 274 -16.11 1.15 53.48
N TYR A 275 -16.56 0.44 54.51
CA TYR A 275 -16.00 -0.85 54.87
C TYR A 275 -16.94 -1.96 54.41
N ILE A 276 -16.35 -3.05 53.91
CA ILE A 276 -17.08 -4.21 53.43
C ILE A 276 -17.16 -5.26 54.53
N ASP A 277 -18.35 -5.82 54.73
CA ASP A 277 -18.48 -7.06 55.51
C ASP A 277 -18.18 -8.23 54.59
N VAL A 278 -17.21 -9.08 54.95
CA VAL A 278 -16.92 -10.29 54.21
C VAL A 278 -17.29 -11.48 55.08
N PHE A 279 -18.17 -12.33 54.55
CA PHE A 279 -18.50 -13.62 55.14
C PHE A 279 -17.93 -14.68 54.22
N LYS A 280 -16.94 -15.43 54.72
CA LYS A 280 -16.27 -16.46 53.94
C LYS A 280 -16.52 -17.80 54.60
N ILE A 281 -17.02 -18.76 53.83
CA ILE A 281 -17.37 -20.06 54.38
C ILE A 281 -16.10 -20.77 54.86
N LYS A 282 -16.26 -21.61 55.87
CA LYS A 282 -15.14 -22.35 56.44
C LYS A 282 -15.15 -23.83 56.08
N ASN A 283 -16.33 -24.38 55.79
CA ASN A 283 -16.48 -25.79 55.43
C ASN A 283 -17.30 -25.86 54.16
N GLU A 284 -16.67 -26.28 53.07
CA GLU A 284 -17.36 -26.35 51.78
C GLU A 284 -18.36 -27.51 51.70
N ASP A 285 -18.37 -28.40 52.68
CA ASP A 285 -19.22 -29.60 52.64
C ASP A 285 -20.61 -29.36 53.19
N ILE A 286 -20.93 -28.15 53.66
CA ILE A 286 -22.21 -27.93 54.31
C ILE A 286 -23.35 -28.03 53.30
N CYS A 287 -24.51 -28.49 53.78
CA CYS A 287 -25.75 -28.36 53.04
C CYS A 287 -26.44 -27.07 53.47
N ILE A 288 -26.87 -26.29 52.49
CA ILE A 288 -27.26 -24.90 52.75
C ILE A 288 -28.51 -24.77 53.60
N ASN A 289 -29.26 -25.85 53.81
CA ASN A 289 -30.49 -25.80 54.59
C ASN A 289 -30.30 -26.13 56.06
N LYS A 290 -29.11 -25.81 56.60
CA LYS A 290 -28.82 -26.12 58.00
C LYS A 290 -29.79 -25.40 58.93
N PHE A 291 -30.07 -24.13 58.67
CA PHE A 291 -31.03 -23.36 59.45
C PHE A 291 -32.17 -22.90 58.54
N GLU A 292 -33.17 -22.28 59.17
CA GLU A 292 -34.30 -21.76 58.42
C GLU A 292 -33.89 -20.57 57.55
N THR A 293 -32.83 -19.86 57.91
CA THR A 293 -32.42 -18.65 57.23
C THR A 293 -30.93 -18.67 56.93
N LEU A 294 -30.52 -17.89 55.93
CA LEU A 294 -29.10 -17.82 55.62
C LEU A 294 -28.32 -17.06 56.68
N GLU A 295 -28.93 -16.02 57.28
CA GLU A 295 -28.19 -15.21 58.24
C GLU A 295 -27.84 -16.00 59.49
N GLU A 296 -28.64 -17.02 59.82
CA GLU A 296 -28.23 -17.93 60.88
C GLU A 296 -26.95 -18.66 60.52
N LEU A 297 -26.83 -19.08 59.25
CA LEU A 297 -25.61 -19.75 58.80
C LEU A 297 -24.42 -18.81 58.85
N LEU A 298 -24.61 -17.55 58.43
CA LEU A 298 -23.50 -16.61 58.37
C LEU A 298 -22.96 -16.27 59.77
N LYS A 299 -23.84 -16.20 60.76
CA LYS A 299 -23.39 -15.93 62.12
C LYS A 299 -22.76 -17.14 62.79
N SER A 300 -22.97 -18.34 62.25
CA SER A 300 -22.54 -19.56 62.90
C SER A 300 -21.04 -19.79 62.71
N SER A 301 -20.55 -20.87 63.32
CA SER A 301 -19.15 -21.26 63.19
C SER A 301 -18.81 -21.78 61.80
N LYS A 302 -19.81 -22.04 60.95
CA LYS A 302 -19.53 -22.50 59.59
C LYS A 302 -18.96 -21.40 58.72
N PHE A 303 -19.11 -20.15 59.12
CA PHE A 303 -18.57 -19.00 58.39
C PHE A 303 -17.61 -18.22 59.28
N GLU A 304 -16.76 -17.43 58.65
CA GLU A 304 -15.96 -16.44 59.35
C GLU A 304 -16.31 -15.05 58.82
N HIS A 305 -16.21 -14.06 59.67
CA HIS A 305 -16.49 -12.68 59.30
C HIS A 305 -15.27 -11.81 59.51
N PHE A 306 -15.03 -10.90 58.58
CA PHE A 306 -14.00 -9.89 58.74
C PHE A 306 -14.34 -8.71 57.84
N ASN A 307 -13.68 -7.58 58.10
CA ASN A 307 -13.93 -6.33 57.39
C ASN A 307 -12.75 -5.98 56.50
N ILE A 308 -13.06 -5.37 55.36
CA ILE A 308 -12.07 -4.89 54.41
C ILE A 308 -12.39 -3.44 54.08
N ASN A 309 -11.37 -2.58 54.11
CA ASN A 309 -11.52 -1.19 53.72
C ASN A 309 -11.54 -1.10 52.21
N GLN A 310 -12.69 -0.74 51.64
CA GLN A 310 -12.82 -0.64 50.19
C GLN A 310 -11.79 0.32 49.60
N ARG A 311 -11.43 1.36 50.35
CA ARG A 311 -10.46 2.33 49.87
C ARG A 311 -9.06 1.74 49.73
N LEU A 312 -8.76 0.63 50.39
CA LEU A 312 -7.46 -0.01 50.31
C LEU A 312 -7.40 -1.12 49.26
N LEU A 313 -8.48 -1.36 48.54
CA LEU A 313 -8.44 -2.34 47.46
C LEU A 313 -7.59 -1.82 46.31
N SER A 314 -6.66 -2.65 45.85
CA SER A 314 -5.89 -2.35 44.64
C SER A 314 -6.66 -2.94 43.45
N ASP A 315 -6.00 -3.08 42.30
CA ASP A 315 -6.63 -3.82 41.22
C ASP A 315 -6.95 -5.26 41.63
N GLU A 316 -6.24 -5.79 42.63
CA GLU A 316 -6.52 -7.06 43.24
C GLU A 316 -7.29 -6.84 44.54
N TRP A 317 -8.33 -7.66 44.77
CA TRP A 317 -9.08 -7.63 46.03
C TRP A 317 -8.61 -8.79 46.89
N ILE A 318 -7.83 -8.49 47.91
CA ILE A 318 -7.28 -9.51 48.81
C ILE A 318 -8.19 -9.52 50.04
N LEU A 319 -9.11 -10.47 50.08
CA LEU A 319 -10.16 -10.54 51.09
C LEU A 319 -9.83 -11.63 52.09
N VAL A 320 -9.02 -11.27 53.09
CA VAL A 320 -8.56 -12.21 54.10
C VAL A 320 -8.62 -11.55 55.47
N ASN A 321 -8.64 -12.39 56.50
CA ASN A 321 -8.64 -11.88 57.87
C ASN A 321 -7.27 -11.31 58.24
N LYS A 322 -7.20 -10.66 59.40
CA LYS A 322 -6.00 -9.94 59.79
C LYS A 322 -4.80 -10.88 59.98
N ASP A 323 -5.03 -12.10 60.46
CA ASP A 323 -3.93 -13.06 60.57
C ASP A 323 -3.34 -13.36 59.19
N ASP A 324 -4.20 -13.68 58.22
CA ASP A 324 -3.74 -14.00 56.88
C ASP A 324 -3.12 -12.79 56.20
N GLU A 325 -3.69 -11.60 56.39
CA GLU A 325 -3.12 -10.40 55.82
C GLU A 325 -1.72 -10.14 56.38
N THR A 326 -1.56 -10.27 57.70
CA THR A 326 -0.24 -10.13 58.32
C THR A 326 0.73 -11.15 57.73
N PHE A 327 0.28 -12.39 57.57
CA PHE A 327 1.08 -13.45 56.99
C PHE A 327 1.49 -13.12 55.56
N TYR A 328 0.52 -12.73 54.74
CA TYR A 328 0.79 -12.41 53.35
C TYR A 328 1.78 -11.26 53.21
N ASN A 329 1.58 -10.19 54.00
CA ASN A 329 2.44 -9.01 53.88
C ASN A 329 3.88 -9.31 54.31
N LYS A 330 4.06 -10.17 55.31
CA LYS A 330 5.42 -10.52 55.72
C LYS A 330 6.17 -11.17 54.57
N ILE A 331 5.53 -12.13 53.89
CA ILE A 331 6.18 -12.84 52.81
C ILE A 331 6.50 -11.89 51.66
N GLN A 332 5.54 -11.03 51.31
CA GLN A 332 5.75 -10.09 50.21
C GLN A 332 6.92 -9.16 50.49
N GLU A 333 6.98 -8.61 51.71
CA GLU A 333 8.05 -7.67 52.04
C GLU A 333 9.40 -8.36 52.13
N LYS A 334 9.43 -9.61 52.58
CA LYS A 334 10.71 -10.29 52.75
C LYS A 334 11.31 -10.77 51.43
N CYS A 335 10.47 -11.16 50.47
CA CYS A 335 10.94 -11.75 49.23
C CYS A 335 11.26 -10.68 48.19
N LYS A 336 12.50 -10.68 47.71
CA LYS A 336 12.95 -9.67 46.75
C LYS A 336 12.67 -10.06 45.30
N TYR A 337 12.43 -11.33 45.01
CA TYR A 337 12.23 -11.80 43.65
C TYR A 337 10.84 -12.41 43.51
N SER A 338 10.34 -12.42 42.28
CA SER A 338 9.17 -13.20 41.92
C SER A 338 9.59 -14.27 40.91
N LEU A 339 8.76 -15.29 40.77
CA LEU A 339 9.03 -16.30 39.75
C LEU A 339 9.15 -15.67 38.37
N GLU A 340 8.30 -14.68 38.08
CA GLU A 340 8.36 -14.01 36.78
C GLU A 340 9.73 -13.38 36.55
N ASP A 341 10.34 -12.85 37.62
CA ASP A 341 11.66 -12.23 37.49
C ASP A 341 12.72 -13.23 37.04
N ILE A 342 12.62 -14.47 37.48
CA ILE A 342 13.73 -15.41 37.38
C ILE A 342 13.45 -16.55 36.43
N ALA A 343 12.24 -16.65 35.87
CA ALA A 343 11.83 -17.84 35.15
C ALA A 343 11.08 -17.47 33.87
N ILE A 344 11.08 -18.40 32.93
CA ILE A 344 10.30 -18.30 31.69
C ILE A 344 9.17 -19.30 31.78
N SER A 345 7.93 -18.81 31.70
CA SER A 345 6.74 -19.63 31.82
C SER A 345 6.15 -19.91 30.44
N PHE A 346 5.46 -21.04 30.31
CA PHE A 346 4.75 -21.31 29.07
C PHE A 346 3.68 -22.38 29.29
N GLN A 347 2.61 -22.28 28.50
CA GLN A 347 1.53 -23.25 28.51
C GLN A 347 1.90 -24.45 27.64
N GLY A 348 1.30 -25.59 27.95
CA GLY A 348 1.62 -26.81 27.24
C GLY A 348 1.05 -26.85 25.83
N ILE A 349 1.36 -27.95 25.14
CA ILE A 349 0.87 -28.18 23.79
C ILE A 349 -0.65 -28.14 23.77
N ILE A 350 -1.21 -27.58 22.70
CA ILE A 350 -2.65 -27.67 22.44
C ILE A 350 -2.80 -28.31 21.06
N THR A 351 -3.12 -29.61 21.03
CA THR A 351 -3.19 -30.28 19.73
C THR A 351 -4.42 -29.87 18.95
N GLY A 352 -5.51 -29.55 19.65
CA GLY A 352 -6.79 -29.28 19.03
C GLY A 352 -7.63 -30.52 18.80
N CYS A 353 -7.03 -31.71 18.88
CA CYS A 353 -7.79 -32.96 18.90
C CYS A 353 -6.85 -34.02 19.51
N ASP A 354 -7.00 -34.26 20.81
CA ASP A 354 -6.05 -35.13 21.50
C ASP A 354 -6.14 -36.57 20.99
N LYS A 355 -7.36 -37.04 20.66
CA LYS A 355 -7.52 -38.41 20.22
C LYS A 355 -6.77 -38.71 18.92
N ALA A 356 -6.51 -37.69 18.10
CA ALA A 356 -5.79 -37.90 16.86
C ALA A 356 -4.28 -38.06 17.06
N PHE A 357 -3.71 -37.42 18.07
CA PHE A 357 -2.27 -37.32 18.23
C PHE A 357 -1.72 -38.03 19.46
N ILE A 358 -2.55 -38.45 20.39
CA ILE A 358 -2.11 -39.01 21.65
C ILE A 358 -2.45 -40.49 21.65
N LEU A 359 -1.44 -41.33 21.88
CA LEU A 359 -1.63 -42.77 21.90
C LEU A 359 -0.99 -43.34 23.15
N SER A 360 -1.55 -44.45 23.63
CA SER A 360 -0.90 -45.18 24.71
C SER A 360 0.44 -45.71 24.22
N LYS A 361 1.44 -45.68 25.10
CA LYS A 361 2.78 -46.06 24.68
C LYS A 361 2.87 -47.52 24.24
N ASP A 362 1.88 -48.35 24.58
CA ASP A 362 1.83 -49.74 24.16
C ASP A 362 0.92 -49.95 22.95
N ASP A 363 0.40 -48.89 22.34
CA ASP A 363 -0.44 -49.04 21.16
C ASP A 363 0.38 -49.56 19.99
N VAL A 364 -0.16 -50.56 19.30
CA VAL A 364 0.56 -51.14 18.16
C VAL A 364 0.72 -50.15 17.02
N LYS A 365 -0.13 -49.12 16.96
CA LYS A 365 -0.02 -48.13 15.89
C LYS A 365 1.32 -47.39 15.93
N LEU A 366 1.94 -47.30 17.11
CA LEU A 366 3.20 -46.57 17.24
C LEU A 366 4.36 -47.23 16.49
N ASN A 367 4.20 -48.49 16.06
CA ASN A 367 5.20 -49.07 15.19
C ASN A 367 5.21 -48.42 13.81
N LEU A 368 4.14 -47.72 13.46
CA LEU A 368 4.10 -46.98 12.20
C LEU A 368 4.80 -45.64 12.29
N VAL A 369 5.13 -45.16 13.49
CA VAL A 369 5.63 -43.81 13.69
C VAL A 369 7.10 -43.88 14.03
N ASP A 370 7.93 -43.20 13.23
CA ASP A 370 9.35 -43.09 13.55
C ASP A 370 9.52 -42.44 14.91
N ASP A 371 10.41 -43.01 15.72
CA ASP A 371 10.54 -42.57 17.10
C ASP A 371 11.02 -41.12 17.20
N LYS A 372 11.57 -40.57 16.13
CA LYS A 372 11.93 -39.16 16.14
C LYS A 372 10.69 -38.26 16.22
N PHE A 373 9.51 -38.78 15.88
CA PHE A 373 8.26 -38.03 15.97
C PHE A 373 7.57 -38.15 17.32
N LEU A 374 8.05 -39.04 18.19
CA LEU A 374 7.34 -39.39 19.42
C LEU A 374 7.89 -38.64 20.61
N LYS A 375 6.99 -38.12 21.44
CA LYS A 375 7.33 -37.42 22.67
C LYS A 375 6.58 -38.05 23.83
N CYS A 376 7.20 -38.05 25.00
CA CYS A 376 6.51 -38.47 26.22
C CYS A 376 5.44 -37.44 26.60
N TRP A 377 4.29 -37.93 27.03
CA TRP A 377 3.10 -37.12 27.26
C TRP A 377 2.51 -37.47 28.61
N ILE A 378 2.27 -36.45 29.44
CA ILE A 378 1.75 -36.64 30.79
C ILE A 378 0.50 -35.79 30.95
N LYS A 379 -0.31 -36.17 31.93
CA LYS A 379 -1.51 -35.43 32.33
C LYS A 379 -1.26 -34.76 33.68
N SER A 380 -2.19 -33.90 34.10
CA SER A 380 -2.02 -33.20 35.36
C SER A 380 -1.92 -34.18 36.53
N LYS A 381 -2.67 -35.29 36.48
CA LYS A 381 -2.64 -36.25 37.57
C LYS A 381 -1.27 -36.90 37.74
N ASN A 382 -0.40 -36.83 36.73
CA ASN A 382 0.94 -37.40 36.82
C ASN A 382 1.92 -36.52 37.58
N ILE A 383 1.56 -35.28 37.90
CA ILE A 383 2.45 -34.37 38.60
C ILE A 383 2.26 -34.56 40.09
N ASN A 384 3.32 -34.97 40.78
CA ASN A 384 3.33 -35.01 42.24
C ASN A 384 4.19 -33.85 42.74
N LYS A 385 4.25 -33.70 44.05
CA LYS A 385 5.28 -32.86 44.63
C LYS A 385 6.65 -33.46 44.28
N TYR A 386 7.52 -32.60 43.75
CA TYR A 386 8.94 -32.85 43.47
C TYR A 386 9.24 -33.72 42.24
N ILE A 387 8.34 -34.59 41.79
CA ILE A 387 8.66 -35.50 40.68
C ILE A 387 7.39 -35.88 39.95
N VAL A 388 7.56 -36.27 38.68
CA VAL A 388 6.49 -36.65 37.78
C VAL A 388 6.43 -38.16 37.68
N ASP A 389 5.21 -38.71 37.63
CA ASP A 389 5.05 -40.13 37.33
C ASP A 389 5.56 -40.44 35.92
N LYS A 390 6.00 -41.67 35.72
CA LYS A 390 6.43 -42.10 34.39
C LYS A 390 5.25 -42.03 33.43
N SER A 391 5.52 -41.53 32.22
CA SER A 391 4.45 -41.32 31.25
C SER A 391 3.95 -42.64 30.70
N GLU A 392 2.65 -42.65 30.37
CA GLU A 392 2.03 -43.79 29.71
C GLU A 392 1.53 -43.46 28.32
N TYR A 393 1.58 -42.21 27.90
CA TYR A 393 1.09 -41.80 26.60
C TYR A 393 2.23 -41.21 25.78
N ARG A 394 2.04 -41.23 24.47
CA ARG A 394 2.97 -40.64 23.52
C ARG A 394 2.24 -39.61 22.66
N LEU A 395 2.91 -38.50 22.39
CA LEU A 395 2.44 -37.50 21.45
C LEU A 395 3.13 -37.69 20.12
N ILE A 396 2.36 -37.67 19.04
CA ILE A 396 2.93 -37.62 17.70
C ILE A 396 3.12 -36.14 17.37
N TYR A 397 4.37 -35.69 17.32
CA TYR A 397 4.65 -34.30 16.99
C TYR A 397 4.57 -34.17 15.47
N SER A 398 3.33 -34.08 14.99
CA SER A 398 3.04 -34.17 13.56
C SER A 398 3.55 -32.97 12.77
N ASN A 399 3.93 -31.88 13.44
CA ASN A 399 4.48 -30.74 12.73
C ASN A 399 5.75 -31.10 11.97
N ASP A 400 6.48 -32.12 12.42
CA ASP A 400 7.73 -32.52 11.80
C ASP A 400 7.54 -33.47 10.63
N ILE A 401 6.30 -33.90 10.38
CA ILE A 401 5.97 -34.67 9.17
C ILE A 401 6.07 -33.71 7.98
N ASP A 402 7.04 -33.96 7.09
CA ASP A 402 7.33 -33.02 6.02
C ASP A 402 6.15 -32.86 5.06
N ASN A 403 5.63 -33.97 4.54
CA ASN A 403 4.55 -33.91 3.58
C ASN A 403 3.73 -35.18 3.66
N GLU A 404 2.61 -35.19 2.92
CA GLU A 404 1.64 -36.27 3.00
C GLU A 404 2.10 -37.54 2.28
N ASN A 405 2.98 -37.43 1.29
CA ASN A 405 3.37 -38.60 0.51
C ASN A 405 4.47 -39.42 1.18
N THR A 406 5.28 -38.82 2.05
CA THR A 406 6.42 -39.51 2.63
C THR A 406 6.09 -40.28 3.91
N ASN A 407 5.12 -39.80 4.68
CA ASN A 407 4.66 -40.51 5.88
C ASN A 407 3.18 -40.84 5.74
N LYS A 408 2.82 -41.38 4.57
CA LYS A 408 1.41 -41.61 4.24
C LYS A 408 0.75 -42.53 5.25
N ARG A 409 1.47 -43.54 5.73
CA ARG A 409 0.87 -44.53 6.62
C ARG A 409 0.43 -43.88 7.93
N ILE A 410 1.25 -42.97 8.48
CA ILE A 410 0.89 -42.28 9.71
C ILE A 410 -0.38 -41.46 9.50
N LEU A 411 -0.47 -40.77 8.37
CA LEU A 411 -1.63 -39.93 8.10
C LEU A 411 -2.87 -40.77 7.82
N ASP A 412 -2.73 -41.80 6.99
CA ASP A 412 -3.90 -42.58 6.61
C ASP A 412 -4.46 -43.39 7.78
N GLU A 413 -3.58 -43.95 8.62
CA GLU A 413 -4.03 -44.92 9.60
C GLU A 413 -4.16 -44.39 11.02
N ILE A 414 -3.55 -43.24 11.34
CA ILE A 414 -3.61 -42.75 12.70
C ILE A 414 -4.29 -41.39 12.76
N ILE A 415 -3.66 -40.38 12.15
CA ILE A 415 -4.15 -39.02 12.30
C ILE A 415 -5.40 -38.80 11.46
N GLY A 416 -5.42 -39.37 10.25
CA GLY A 416 -6.54 -39.19 9.33
C GLY A 416 -7.84 -39.81 9.77
N LEU A 417 -7.83 -40.62 10.82
CA LEU A 417 -9.08 -41.12 11.38
C LEU A 417 -9.93 -40.01 12.00
N TYR A 418 -9.37 -38.82 12.19
CA TYR A 418 -10.09 -37.68 12.74
C TYR A 418 -10.00 -36.48 11.81
N LYS A 419 -9.84 -36.72 10.50
CA LYS A 419 -9.54 -35.64 9.57
C LYS A 419 -10.66 -34.61 9.52
N THR A 420 -11.91 -35.07 9.57
CA THR A 420 -13.04 -34.14 9.55
C THR A 420 -12.98 -33.19 10.75
N LYS A 421 -12.81 -33.73 11.95
CA LYS A 421 -12.76 -32.89 13.14
C LYS A 421 -11.49 -32.03 13.15
N LEU A 422 -10.38 -32.58 12.65
CA LEU A 422 -9.16 -31.79 12.57
C LEU A 422 -9.33 -30.59 11.64
N GLU A 423 -10.01 -30.79 10.52
CA GLU A 423 -10.21 -29.72 9.54
C GLU A 423 -11.09 -28.61 10.06
N ASN A 424 -11.83 -28.82 11.15
CA ASN A 424 -12.71 -27.79 11.65
C ASN A 424 -12.06 -26.88 12.69
N ARG A 425 -10.80 -27.14 13.04
CA ARG A 425 -10.07 -26.21 13.89
C ARG A 425 -9.87 -24.89 13.16
N ARG A 426 -9.88 -23.80 13.93
CA ARG A 426 -9.89 -22.46 13.35
C ARG A 426 -8.73 -22.26 12.39
N GLU A 427 -7.52 -22.62 12.81
CA GLU A 427 -6.33 -22.39 12.00
C GLU A 427 -6.26 -23.29 10.78
N CYS A 428 -7.05 -24.37 10.72
CA CYS A 428 -7.11 -25.16 9.50
C CYS A 428 -8.08 -24.57 8.50
N LYS A 429 -9.19 -24.00 8.98
CA LYS A 429 -10.14 -23.37 8.08
C LYS A 429 -9.56 -22.13 7.42
N SER A 430 -8.66 -21.43 8.10
CA SER A 430 -8.00 -20.27 7.54
C SER A 430 -6.75 -20.62 6.74
N GLY A 431 -6.35 -21.90 6.73
CA GLY A 431 -5.18 -22.32 5.99
C GLY A 431 -3.86 -22.13 6.69
N ILE A 432 -3.86 -21.68 7.95
CA ILE A 432 -2.61 -21.47 8.68
C ILE A 432 -1.96 -22.81 9.01
N ARG A 433 -2.76 -23.84 9.34
CA ARG A 433 -2.26 -25.15 9.68
C ARG A 433 -2.73 -26.17 8.65
N LYS A 434 -1.87 -27.14 8.37
CA LYS A 434 -2.33 -28.30 7.63
C LYS A 434 -3.25 -29.14 8.51
N TRP A 435 -4.10 -29.94 7.85
CA TRP A 435 -5.13 -30.68 8.59
C TRP A 435 -4.53 -31.64 9.60
N TYR A 436 -3.30 -32.08 9.39
CA TYR A 436 -2.66 -33.05 10.26
C TYR A 436 -1.68 -32.43 11.24
N GLU A 437 -1.54 -31.11 11.24
CA GLU A 437 -0.59 -30.46 12.15
C GLU A 437 -1.24 -30.20 13.51
N LEU A 438 -0.38 -30.06 14.52
CA LEU A 438 -0.85 -29.65 15.83
C LEU A 438 -1.31 -28.19 15.77
N GLN A 439 -2.41 -27.90 16.47
CA GLN A 439 -2.93 -26.53 16.42
C GLN A 439 -1.94 -25.54 17.05
N TRP A 440 -1.50 -25.80 18.27
CA TRP A 440 -0.49 -24.98 18.93
C TRP A 440 0.63 -25.91 19.41
N GLY A 441 1.57 -26.21 18.51
CA GLY A 441 2.66 -27.11 18.83
C GLY A 441 3.80 -26.47 19.61
N ARG A 442 3.78 -25.16 19.79
CA ARG A 442 4.76 -24.42 20.60
C ARG A 442 6.17 -24.67 20.05
N GLU A 443 7.16 -24.59 20.92
CA GLU A 443 8.55 -24.85 20.58
C GLU A 443 9.00 -26.12 21.30
N LYS A 444 9.47 -27.10 20.52
CA LYS A 444 9.93 -28.36 21.11
C LYS A 444 11.00 -28.12 22.16
N LEU A 445 11.95 -27.23 21.88
CA LEU A 445 13.11 -27.02 22.75
C LEU A 445 12.72 -26.43 24.10
N PHE A 446 11.54 -25.83 24.21
CA PHE A 446 11.08 -25.39 25.52
C PHE A 446 10.78 -26.58 26.42
N PHE A 447 10.28 -27.67 25.86
CA PHE A 447 9.95 -28.87 26.63
C PHE A 447 11.13 -29.81 26.80
N GLU A 448 12.02 -29.88 25.83
CA GLU A 448 13.11 -30.86 25.82
C GLU A 448 14.30 -30.29 26.58
N ARG A 449 14.09 -30.10 27.87
CA ARG A 449 15.09 -29.50 28.75
C ARG A 449 14.62 -29.70 30.18
N LYS A 450 15.55 -29.59 31.12
CA LYS A 450 15.20 -29.64 32.53
C LYS A 450 14.29 -28.45 32.86
N LYS A 451 13.21 -28.72 33.57
CA LYS A 451 12.22 -27.70 33.85
C LYS A 451 11.35 -28.13 35.03
N ILE A 452 10.50 -27.21 35.48
CA ILE A 452 9.54 -27.48 36.55
C ILE A 452 8.13 -27.49 35.94
N MET A 453 7.33 -28.47 36.34
CA MET A 453 5.96 -28.62 35.86
C MET A 453 4.99 -28.67 37.03
N TYR A 454 3.77 -28.18 36.79
CA TYR A 454 2.73 -28.18 37.81
C TYR A 454 1.37 -28.29 37.16
N PRO A 455 0.39 -28.91 37.84
CA PRO A 455 -0.95 -29.06 37.25
C PRO A 455 -1.69 -27.73 37.19
N TYR A 456 -2.55 -27.58 36.18
CA TYR A 456 -3.27 -26.31 36.03
C TYR A 456 -4.37 -26.14 37.06
N LYS A 457 -4.88 -27.22 37.64
CA LYS A 457 -5.91 -27.17 38.65
C LYS A 457 -5.59 -28.22 39.70
N SER A 458 -5.55 -27.82 40.96
CA SER A 458 -5.12 -28.75 41.99
C SER A 458 -5.66 -28.31 43.34
N ASN A 459 -5.67 -29.26 44.29
CA ASN A 459 -6.02 -28.98 45.66
C ASN A 459 -4.85 -28.42 46.47
N GLU A 460 -3.64 -28.51 45.95
CA GLU A 460 -2.46 -28.09 46.70
C GLU A 460 -1.31 -27.83 45.74
N ASN A 461 -0.26 -27.19 46.25
CA ASN A 461 0.93 -26.97 45.46
C ASN A 461 1.58 -28.29 45.11
N ARG A 462 1.75 -28.54 43.81
CA ARG A 462 2.44 -29.71 43.29
CA ARG A 462 2.44 -29.71 43.29
C ARG A 462 3.40 -29.23 42.21
N PHE A 463 4.61 -28.87 42.60
CA PHE A 463 5.64 -28.46 41.66
C PHE A 463 6.70 -29.54 41.59
N ALA A 464 6.98 -30.02 40.38
CA ALA A 464 7.88 -31.14 40.16
C ALA A 464 9.00 -30.75 39.20
N ILE A 465 10.19 -31.30 39.45
CA ILE A 465 11.26 -31.21 38.48
C ILE A 465 11.03 -32.29 37.43
N ASP A 466 11.04 -31.90 36.16
CA ASP A 466 10.93 -32.85 35.07
C ASP A 466 12.32 -33.15 34.52
N TYR A 467 12.73 -34.41 34.62
CA TYR A 467 14.01 -34.85 34.08
C TYR A 467 13.89 -35.55 32.73
N ASP A 468 12.67 -35.75 32.22
CA ASP A 468 12.45 -36.72 31.15
C ASP A 468 11.91 -36.08 29.88
N ASN A 469 12.11 -34.77 29.70
CA ASN A 469 11.65 -34.08 28.49
C ASN A 469 10.17 -34.34 28.23
N ASN A 470 9.36 -34.25 29.29
CA ASN A 470 7.94 -34.54 29.16
C ASN A 470 7.22 -33.39 28.46
N PHE A 471 6.37 -33.75 27.49
CA PHE A 471 5.39 -32.85 26.92
C PHE A 471 4.06 -33.02 27.63
N SER A 472 3.17 -32.05 27.44
CA SER A 472 1.87 -32.10 28.09
C SER A 472 0.92 -31.17 27.36
N SER A 473 -0.37 -31.36 27.60
CA SER A 473 -1.38 -30.42 27.12
C SER A 473 -1.43 -29.21 28.05
N ALA A 474 -2.48 -28.40 27.91
CA ALA A 474 -2.63 -27.19 28.69
C ALA A 474 -3.10 -27.45 30.12
N ASP A 475 -3.33 -28.70 30.50
CA ASP A 475 -3.61 -29.00 31.90
C ASP A 475 -2.36 -29.05 32.75
N VAL A 476 -1.18 -28.88 32.15
CA VAL A 476 0.08 -28.82 32.87
C VAL A 476 0.87 -27.60 32.38
N TYR A 477 1.36 -26.80 33.31
CA TYR A 477 2.21 -25.66 32.98
C TYR A 477 3.65 -25.96 33.34
N SER A 478 4.57 -25.29 32.65
CA SER A 478 5.99 -25.50 32.85
C SER A 478 6.68 -24.16 32.99
N PHE A 479 7.85 -24.18 33.63
CA PHE A 479 8.78 -23.06 33.52
C PHE A 479 10.19 -23.58 33.71
N PHE A 480 11.14 -22.82 33.17
CA PHE A 480 12.55 -23.04 33.43
C PHE A 480 13.17 -21.74 33.92
N ILE A 481 14.32 -21.87 34.58
CA ILE A 481 14.99 -20.74 35.19
C ILE A 481 15.81 -20.01 34.13
N LYS A 482 15.74 -18.68 34.15
CA LYS A 482 16.57 -17.89 33.25
C LYS A 482 18.04 -18.15 33.54
N GLU A 483 18.86 -18.09 32.47
CA GLU A 483 20.27 -18.43 32.61
C GLU A 483 20.96 -17.55 33.64
N GLU A 484 20.64 -16.25 33.65
CA GLU A 484 21.30 -15.32 34.56
C GLU A 484 20.88 -15.47 36.01
N TYR A 485 19.87 -16.30 36.32
CA TYR A 485 19.48 -16.56 37.70
C TYR A 485 19.82 -17.97 38.16
N LEU A 486 20.55 -18.74 37.33
CA LEU A 486 20.86 -20.11 37.72
C LEU A 486 21.83 -20.17 38.91
N ASP A 487 22.72 -19.19 39.04
CA ASP A 487 23.64 -19.20 40.17
C ASP A 487 23.01 -18.64 41.45
N LYS A 488 21.80 -18.13 41.39
CA LYS A 488 21.07 -17.74 42.59
C LYS A 488 20.00 -18.75 43.00
N PHE A 489 19.34 -19.38 42.03
CA PHE A 489 18.25 -20.32 42.31
C PHE A 489 18.47 -21.59 41.50
N SER A 490 18.32 -22.73 42.17
CA SER A 490 18.36 -24.04 41.55
C SER A 490 16.96 -24.63 41.54
N TYR A 491 16.75 -25.58 40.63
CA TYR A 491 15.46 -26.23 40.55
C TYR A 491 15.12 -26.94 41.85
N GLU A 492 16.13 -27.56 42.47
CA GLU A 492 15.89 -28.29 43.72
C GLU A 492 15.47 -27.35 44.84
N TYR A 493 16.10 -26.18 44.95
CA TYR A 493 15.67 -25.21 45.94
C TYR A 493 14.24 -24.74 45.69
N LEU A 494 13.90 -24.49 44.42
CA LEU A 494 12.58 -23.95 44.09
C LEU A 494 11.46 -24.92 44.43
N VAL A 495 11.61 -26.21 44.09
CA VAL A 495 10.55 -27.14 44.43
C VAL A 495 10.48 -27.36 45.94
N GLY A 496 11.58 -27.10 46.66
CA GLY A 496 11.55 -27.17 48.11
C GLY A 496 10.61 -26.15 48.72
N ILE A 497 10.82 -24.86 48.43
CA ILE A 497 9.95 -23.85 49.04
C ILE A 497 8.55 -23.89 48.43
N LEU A 498 8.46 -24.07 47.10
CA LEU A 498 7.16 -23.99 46.44
C LEU A 498 6.21 -25.08 46.89
N ASN A 499 6.73 -26.23 47.29
CA ASN A 499 5.90 -27.33 47.77
C ASN A 499 5.67 -27.29 49.27
N SER A 500 6.24 -26.31 49.97
CA SER A 500 6.13 -26.25 51.42
C SER A 500 4.74 -25.85 51.86
N SER A 501 4.44 -26.11 53.14
CA SER A 501 3.15 -25.73 53.70
C SER A 501 3.01 -24.22 53.71
N VAL A 502 4.10 -23.50 53.97
CA VAL A 502 4.07 -22.05 53.93
C VAL A 502 3.59 -21.56 52.58
N TYR A 503 4.20 -22.06 51.50
CA TYR A 503 3.88 -21.55 50.18
C TYR A 503 2.52 -22.05 49.70
N ASP A 504 2.09 -23.22 50.17
CA ASP A 504 0.73 -23.67 49.87
C ASP A 504 -0.29 -22.69 50.44
N LYS A 505 -0.16 -22.34 51.71
CA LYS A 505 -1.02 -21.32 52.30
C LYS A 505 -0.84 -19.98 51.62
N TYR A 506 0.41 -19.60 51.34
CA TYR A 506 0.71 -18.30 50.73
C TYR A 506 0.05 -18.15 49.36
N PHE A 507 0.14 -19.19 48.53
CA PHE A 507 -0.45 -19.09 47.19
C PHE A 507 -1.97 -19.01 47.25
N LYS A 508 -2.58 -19.77 48.15
CA LYS A 508 -4.04 -19.85 48.20
C LYS A 508 -4.69 -18.58 48.74
N ILE A 509 -3.92 -17.67 49.33
CA ILE A 509 -4.48 -16.42 49.83
C ILE A 509 -5.07 -15.60 48.69
N THR A 510 -4.40 -15.59 47.53
CA THR A 510 -4.83 -14.81 46.38
C THR A 510 -5.21 -15.68 45.19
N ALA A 511 -5.10 -17.00 45.31
CA ALA A 511 -5.38 -17.87 44.19
C ALA A 511 -6.88 -17.88 43.86
N LYS A 512 -7.17 -18.30 42.62
CA LYS A 512 -8.53 -18.35 42.11
C LYS A 512 -9.16 -19.67 42.52
N LYS A 513 -10.18 -19.60 43.38
CA LYS A 513 -10.87 -20.79 43.89
C LYS A 513 -11.94 -21.22 42.89
N MET A 514 -11.81 -22.43 42.33
CA MET A 514 -12.61 -22.87 41.21
C MET A 514 -13.82 -23.72 41.61
N SER A 515 -13.56 -24.82 42.31
CA SER A 515 -14.60 -25.74 42.75
C SER A 515 -14.08 -26.40 44.01
N LYS A 516 -14.89 -27.30 44.59
CA LYS A 516 -14.53 -27.86 45.89
C LYS A 516 -13.15 -28.50 45.83
N ASN A 517 -12.23 -27.99 46.66
CA ASN A 517 -10.86 -28.47 46.75
C ASN A 517 -10.08 -28.30 45.44
N ILE A 518 -10.40 -27.29 44.64
CA ILE A 518 -9.66 -27.04 43.41
C ILE A 518 -9.37 -25.55 43.29
N TYR A 519 -8.08 -25.22 43.15
CA TYR A 519 -7.65 -23.88 42.78
C TYR A 519 -7.06 -23.92 41.37
N ASP A 520 -7.22 -22.84 40.62
CA ASP A 520 -6.42 -22.65 39.42
C ASP A 520 -4.97 -22.44 39.81
N TYR A 521 -4.07 -23.17 39.14
CA TYR A 521 -2.64 -22.87 39.20
C TYR A 521 -2.23 -22.48 37.78
N TYR A 522 -2.46 -21.20 37.46
CA TYR A 522 -2.17 -20.66 36.15
C TYR A 522 -1.06 -19.62 36.26
N PRO A 523 -0.29 -19.42 35.19
CA PRO A 523 0.81 -18.45 35.26
C PRO A 523 0.40 -17.06 35.70
N ASN A 524 -0.83 -16.61 35.37
CA ASN A 524 -1.20 -15.25 35.73
C ASN A 524 -1.19 -15.04 37.24
N LYS A 525 -1.22 -16.10 38.03
CA LYS A 525 -0.96 -15.97 39.46
C LYS A 525 0.28 -16.71 39.92
N VAL A 526 0.60 -17.88 39.35
CA VAL A 526 1.77 -18.63 39.79
C VAL A 526 3.06 -17.81 39.61
N MET A 527 3.15 -17.06 38.53
CA MET A 527 4.38 -16.30 38.29
C MET A 527 4.50 -15.07 39.19
N LYS A 528 3.45 -14.71 39.91
CA LYS A 528 3.53 -13.63 40.87
C LYS A 528 4.03 -14.10 42.23
N ILE A 529 4.19 -15.40 42.42
CA ILE A 529 4.72 -15.93 43.68
C ILE A 529 6.10 -15.36 43.91
N ARG A 530 6.33 -14.80 45.09
CA ARG A 530 7.63 -14.24 45.43
C ARG A 530 8.47 -15.26 46.19
N ILE A 531 9.79 -15.15 46.02
CA ILE A 531 10.76 -16.10 46.59
C ILE A 531 11.93 -15.32 47.17
N PHE A 532 12.73 -16.01 47.97
CA PHE A 532 13.80 -15.40 48.77
C PHE A 532 15.04 -16.27 48.73
N ARG A 533 16.18 -15.64 49.04
CA ARG A 533 17.44 -16.33 49.33
C ARG A 533 18.00 -15.81 50.64
N ASP A 534 18.35 -16.71 51.55
CA ASP A 534 19.01 -16.26 52.77
C ASP A 534 19.91 -17.38 53.28
N ASN A 535 20.30 -17.28 54.56
CA ASN A 535 21.21 -18.24 55.17
C ASN A 535 20.70 -19.67 55.13
N ASN A 536 19.39 -19.88 55.00
CA ASN A 536 18.82 -21.22 55.00
C ASN A 536 18.83 -21.88 53.63
N TYR A 537 19.36 -21.21 52.58
CA TYR A 537 19.27 -21.72 51.23
C TYR A 537 19.85 -23.13 51.11
N GLU A 538 21.06 -23.33 51.65
CA GLU A 538 21.76 -24.60 51.45
C GLU A 538 21.03 -25.75 52.12
N GLU A 539 20.58 -25.56 53.37
CA GLU A 539 19.91 -26.64 54.07
C GLU A 539 18.55 -26.95 53.45
N ILE A 540 17.83 -25.91 53.01
CA ILE A 540 16.57 -26.14 52.30
C ILE A 540 16.82 -26.93 51.03
N GLU A 541 17.82 -26.52 50.24
CA GLU A 541 18.13 -27.23 49.00
C GLU A 541 18.54 -28.67 49.28
N ASN A 542 19.34 -28.88 50.33
CA ASN A 542 19.79 -30.23 50.65
C ASN A 542 18.63 -31.13 51.05
N LEU A 543 17.70 -30.60 51.87
CA LEU A 543 16.53 -31.38 52.26
C LEU A 543 15.69 -31.74 51.04
N SER A 544 15.54 -30.81 50.11
CA SER A 544 14.78 -31.10 48.90
C SER A 544 15.44 -32.21 48.08
N LYS A 545 16.78 -32.20 48.00
CA LYS A 545 17.47 -33.27 47.29
C LYS A 545 17.28 -34.61 47.97
N GLN A 546 17.29 -34.64 49.31
CA GLN A 546 17.01 -35.88 50.02
C GLN A 546 15.62 -36.40 49.70
N ILE A 547 14.64 -35.49 49.67
CA ILE A 547 13.28 -35.87 49.35
C ILE A 547 13.21 -36.46 47.94
N ILE A 548 13.83 -35.77 46.98
CA ILE A 548 13.82 -36.24 45.59
C ILE A 548 14.50 -37.59 45.49
N SER A 549 15.60 -37.78 46.21
CA SER A 549 16.30 -39.06 46.14
C SER A 549 15.45 -40.20 46.69
N ILE A 550 14.76 -39.97 47.80
CA ILE A 550 13.87 -40.99 48.35
C ILE A 550 12.71 -41.27 47.40
N LEU A 551 12.11 -40.21 46.85
CA LEU A 551 10.93 -40.36 46.00
C LEU A 551 11.25 -41.16 44.74
N LEU A 552 12.47 -41.06 44.25
CA LEU A 552 12.88 -41.78 43.04
C LEU A 552 13.34 -43.21 43.31
N ASN A 553 13.35 -43.64 44.57
CA ASN A 553 13.73 -45.01 44.91
C ASN A 553 12.67 -46.00 44.45
N LYS A 554 13.10 -47.26 44.31
CA LYS A 554 12.16 -48.35 44.02
C LYS A 554 11.36 -48.70 45.26
N SER A 555 12.05 -49.08 46.34
CA SER A 555 11.40 -49.35 47.63
C SER A 555 11.46 -48.08 48.47
N ILE A 556 10.61 -47.12 48.11
CA ILE A 556 10.62 -45.80 48.73
C ILE A 556 9.92 -45.87 50.08
N ASP A 557 10.58 -45.36 51.11
CA ASP A 557 9.95 -45.18 52.42
C ASP A 557 9.35 -43.78 52.45
N LYS A 558 8.08 -43.69 52.06
CA LYS A 558 7.42 -42.40 52.01
C LYS A 558 7.38 -41.71 53.36
N GLY A 559 7.53 -42.46 54.45
CA GLY A 559 7.42 -41.86 55.77
C GLY A 559 8.47 -40.81 56.03
N LYS A 560 9.74 -41.12 55.72
CA LYS A 560 10.80 -40.17 56.01
C LYS A 560 10.64 -38.88 55.23
N VAL A 561 10.01 -38.94 54.05
CA VAL A 561 9.79 -37.72 53.26
C VAL A 561 8.99 -36.71 54.07
N GLU A 562 7.95 -37.16 54.77
CA GLU A 562 7.12 -36.24 55.54
C GLU A 562 7.92 -35.55 56.64
N LYS A 563 8.80 -36.30 57.31
CA LYS A 563 9.64 -35.71 58.35
C LYS A 563 10.58 -34.67 57.76
N LEU A 564 11.21 -34.97 56.63
CA LEU A 564 12.07 -34.00 55.98
C LEU A 564 11.28 -32.76 55.56
N GLN A 565 10.04 -32.95 55.11
CA GLN A 565 9.19 -31.82 54.77
C GLN A 565 8.90 -30.95 55.99
N ILE A 566 8.60 -31.57 57.14
CA ILE A 566 8.35 -30.81 58.36
C ILE A 566 9.57 -29.99 58.73
N LYS A 567 10.76 -30.60 58.64
CA LYS A 567 11.99 -29.87 58.92
C LYS A 567 12.16 -28.70 57.95
N MET A 568 11.84 -28.90 56.68
CA MET A 568 12.00 -27.81 55.71
C MET A 568 11.01 -26.69 55.96
N ASP A 569 9.77 -27.03 56.32
CA ASP A 569 8.78 -26.00 56.63
C ASP A 569 9.24 -25.12 57.79
N ASN A 570 9.86 -25.74 58.80
CA ASN A 570 10.40 -24.96 59.92
C ASN A 570 11.47 -23.99 59.46
N LEU A 571 12.37 -24.43 58.57
CA LEU A 571 13.40 -23.53 58.06
C LEU A 571 12.77 -22.36 57.31
N ILE A 572 11.76 -22.65 56.49
CA ILE A 572 11.11 -21.61 55.71
C ILE A 572 10.36 -20.64 56.62
N MET A 573 9.68 -21.17 57.65
CA MET A 573 9.02 -20.28 58.59
C MET A 573 10.02 -19.43 59.36
N ASP A 574 11.18 -20.01 59.71
CA ASP A 574 12.25 -19.22 60.31
C ASP A 574 12.74 -18.14 59.33
N SER A 575 12.91 -18.50 58.06
CA SER A 575 13.41 -17.55 57.08
C SER A 575 12.49 -16.36 56.93
N LEU A 576 11.19 -16.59 56.87
CA LEU A 576 10.22 -15.53 56.63
C LEU A 576 9.71 -14.91 57.92
N GLY A 577 10.17 -15.39 59.08
CA GLY A 577 9.78 -14.81 60.35
C GLY A 577 8.30 -14.94 60.67
N ILE A 578 7.73 -16.13 60.49
CA ILE A 578 6.33 -16.36 60.80
C ILE A 578 6.17 -17.46 61.85
N GLY B 29 0.45 -1.05 -17.18
CA GLY B 29 -0.28 -2.19 -17.71
C GLY B 29 0.38 -2.85 -18.91
N ILE B 30 0.87 -2.05 -19.85
CA ILE B 30 1.40 -2.54 -21.12
C ILE B 30 2.91 -2.42 -21.11
N TYR B 31 3.59 -3.54 -21.34
CA TYR B 31 5.06 -3.58 -21.38
C TYR B 31 5.51 -4.14 -22.71
N TYR B 32 6.56 -3.54 -23.27
CA TYR B 32 7.04 -3.86 -24.61
C TYR B 32 8.23 -4.80 -24.49
N THR B 33 8.05 -6.04 -24.93
CA THR B 33 9.15 -7.00 -24.95
C THR B 33 10.11 -6.67 -26.09
N PRO B 34 11.42 -6.67 -25.86
CA PRO B 34 12.37 -6.40 -26.95
C PRO B 34 12.19 -7.39 -28.08
N LYS B 35 12.25 -6.86 -29.32
CA LYS B 35 11.97 -7.69 -30.49
C LYS B 35 12.91 -8.90 -30.57
N ILE B 36 14.16 -8.73 -30.14
CA ILE B 36 15.10 -9.84 -30.17
C ILE B 36 14.62 -10.98 -29.26
N ILE B 37 13.98 -10.64 -28.14
CA ILE B 37 13.39 -11.65 -27.26
C ILE B 37 12.17 -12.27 -27.91
N VAL B 38 11.30 -11.44 -28.49
CA VAL B 38 10.07 -11.95 -29.11
C VAL B 38 10.41 -12.92 -30.23
N ASP B 39 11.35 -12.54 -31.09
CA ASP B 39 11.71 -13.41 -32.21
C ASP B 39 12.29 -14.72 -31.70
N TYR B 40 13.11 -14.66 -30.65
CA TYR B 40 13.66 -15.89 -30.11
C TYR B 40 12.58 -16.81 -29.58
N ILE B 41 11.61 -16.25 -28.84
CA ILE B 41 10.59 -17.09 -28.21
C ILE B 41 9.71 -17.75 -29.25
N VAL B 42 9.26 -16.98 -30.25
CA VAL B 42 8.43 -17.52 -31.30
C VAL B 42 9.18 -18.60 -32.09
N LYS B 43 10.45 -18.33 -32.42
CA LYS B 43 11.26 -19.32 -33.12
C LYS B 43 11.42 -20.59 -32.29
N LYS B 44 11.64 -20.45 -30.98
CA LYS B 44 11.81 -21.61 -30.10
C LYS B 44 10.62 -22.54 -30.16
N THR B 45 9.41 -22.01 -30.33
CA THR B 45 8.23 -22.85 -30.32
C THR B 45 7.85 -23.39 -31.70
N LEU B 46 8.10 -22.62 -32.77
CA LEU B 46 7.57 -22.96 -34.07
C LEU B 46 8.58 -23.51 -35.07
N LYS B 47 9.88 -23.43 -34.78
CA LYS B 47 10.88 -23.63 -35.83
C LYS B 47 10.83 -25.03 -36.44
N ASN B 48 10.45 -26.03 -35.65
CA ASN B 48 10.45 -27.41 -36.12
C ASN B 48 9.05 -27.95 -36.39
N HIS B 49 8.04 -27.09 -36.45
CA HIS B 49 6.68 -27.58 -36.66
C HIS B 49 6.52 -28.18 -38.05
N ASP B 50 5.84 -29.32 -38.11
CA ASP B 50 5.59 -30.02 -39.37
C ASP B 50 4.23 -29.56 -39.88
N ILE B 51 4.23 -28.59 -40.80
CA ILE B 51 2.97 -28.01 -41.24
C ILE B 51 2.22 -28.96 -42.17
N ILE B 52 2.93 -29.82 -42.91
CA ILE B 52 2.26 -30.82 -43.75
C ILE B 52 1.49 -31.81 -42.88
N LYS B 53 2.11 -32.26 -41.79
CA LYS B 53 1.47 -33.22 -40.90
C LYS B 53 0.31 -32.58 -40.14
N ASN B 54 0.52 -31.37 -39.60
CA ASN B 54 -0.54 -30.65 -38.90
C ASN B 54 -0.63 -29.23 -39.45
N PRO B 55 -1.51 -29.00 -40.43
CA PRO B 55 -1.74 -27.64 -40.93
C PRO B 55 -2.62 -26.77 -40.05
N TYR B 56 -3.06 -27.26 -38.88
CA TYR B 56 -3.92 -26.49 -37.98
C TYR B 56 -3.30 -26.36 -36.59
N PRO B 57 -2.12 -25.73 -36.47
CA PRO B 57 -1.56 -25.53 -35.13
C PRO B 57 -2.23 -24.36 -34.42
N ARG B 58 -2.55 -24.55 -33.15
CA ARG B 58 -3.14 -23.49 -32.32
C ARG B 58 -2.05 -22.83 -31.50
N ILE B 59 -1.80 -21.55 -31.77
CA ILE B 59 -0.84 -20.75 -31.03
C ILE B 59 -1.60 -19.73 -30.22
N LEU B 60 -1.32 -19.66 -28.91
CA LEU B 60 -2.06 -18.83 -27.99
C LEU B 60 -1.12 -17.93 -27.20
N ASP B 61 -1.54 -16.67 -27.00
CA ASP B 61 -0.91 -15.76 -26.05
C ASP B 61 -2.00 -15.23 -25.12
N ILE B 62 -1.90 -15.56 -23.83
CA ILE B 62 -2.98 -15.22 -22.89
C ILE B 62 -2.76 -13.88 -22.20
N SER B 63 -1.71 -13.15 -22.52
CA SER B 63 -1.55 -11.74 -22.14
C SER B 63 -0.98 -10.97 -23.32
N CYS B 64 -1.64 -11.08 -24.48
CA CYS B 64 -1.07 -10.67 -25.75
C CYS B 64 -0.89 -9.16 -25.89
N GLY B 65 -1.60 -8.35 -25.10
CA GLY B 65 -1.48 -6.91 -25.23
C GLY B 65 -1.80 -6.45 -26.64
N CYS B 66 -0.95 -5.58 -27.19
CA CYS B 66 -1.12 -5.11 -28.56
C CYS B 66 -0.68 -6.13 -29.60
N GLY B 67 -0.05 -7.23 -29.19
CA GLY B 67 0.26 -8.30 -30.11
C GLY B 67 1.71 -8.42 -30.50
N ASN B 68 2.63 -8.04 -29.59
CA ASN B 68 4.05 -8.16 -29.86
C ASN B 68 4.41 -9.57 -30.33
N PHE B 69 3.85 -10.59 -29.67
CA PHE B 69 4.15 -11.98 -30.02
C PHE B 69 3.28 -12.51 -31.16
N LEU B 70 1.97 -12.25 -31.10
CA LEU B 70 1.06 -12.82 -32.09
C LEU B 70 1.31 -12.25 -33.49
N LEU B 71 1.68 -10.97 -33.59
CA LEU B 71 2.02 -10.42 -34.89
C LEU B 71 3.24 -11.11 -35.48
N GLU B 72 4.25 -11.39 -34.65
CA GLU B 72 5.40 -12.15 -35.09
C GLU B 72 5.02 -13.59 -35.40
N VAL B 73 4.11 -14.16 -34.62
CA VAL B 73 3.59 -15.50 -34.89
C VAL B 73 2.96 -15.54 -36.28
N TYR B 74 2.19 -14.51 -36.63
CA TYR B 74 1.54 -14.48 -37.92
C TYR B 74 2.55 -14.58 -39.05
N ASP B 75 3.63 -13.79 -38.96
CA ASP B 75 4.63 -13.79 -40.02
C ASP B 75 5.30 -15.15 -40.16
N ILE B 76 5.64 -15.77 -39.03
CA ILE B 76 6.27 -17.09 -39.08
C ILE B 76 5.30 -18.11 -39.68
N LEU B 77 4.04 -18.07 -39.25
CA LEU B 77 3.05 -18.99 -39.80
C LEU B 77 2.85 -18.76 -41.29
N TYR B 78 2.77 -17.50 -41.71
CA TYR B 78 2.49 -17.21 -43.12
C TYR B 78 3.59 -17.77 -44.02
N ASP B 79 4.85 -17.56 -43.65
CA ASP B 79 5.95 -18.10 -44.43
C ASP B 79 5.93 -19.62 -44.41
N LEU B 80 5.60 -20.20 -43.27
CA LEU B 80 5.51 -21.66 -43.17
C LEU B 80 4.45 -22.19 -44.14
N PHE B 81 3.27 -21.57 -44.15
CA PHE B 81 2.23 -22.01 -45.07
C PHE B 81 2.63 -21.77 -46.51
N GLU B 82 3.22 -20.60 -46.79
CA GLU B 82 3.52 -20.23 -48.18
C GLU B 82 4.53 -21.18 -48.80
N GLU B 83 5.57 -21.57 -48.05
CA GLU B 83 6.63 -22.39 -48.63
C GLU B 83 6.22 -23.84 -48.85
N ASN B 84 5.10 -24.27 -48.26
CA ASN B 84 4.63 -25.64 -48.40
C ASN B 84 3.25 -25.69 -49.05
N ILE B 85 2.82 -24.61 -49.71
CA ILE B 85 1.43 -24.50 -50.13
C ILE B 85 1.07 -25.59 -51.13
N TYR B 86 1.97 -25.92 -52.06
CA TYR B 86 1.62 -26.93 -53.05
C TYR B 86 1.58 -28.32 -52.43
N GLU B 87 2.44 -28.61 -51.45
CA GLU B 87 2.34 -29.90 -50.75
C GLU B 87 1.02 -30.02 -50.00
N LEU B 88 0.58 -28.95 -49.33
CA LEU B 88 -0.72 -28.97 -48.67
C LEU B 88 -1.85 -29.11 -49.68
N LYS B 89 -1.72 -28.43 -50.82
CA LYS B 89 -2.75 -28.48 -51.85
C LYS B 89 -2.90 -29.89 -52.40
N LYS B 90 -1.79 -30.60 -52.58
CA LYS B 90 -1.83 -31.96 -53.10
C LYS B 90 -2.38 -32.94 -52.06
N LYS B 91 -1.91 -32.83 -50.81
CA LYS B 91 -2.29 -33.76 -49.75
C LYS B 91 -3.72 -33.53 -49.26
N TYR B 92 -4.19 -32.30 -49.24
CA TYR B 92 -5.49 -31.90 -48.73
C TYR B 92 -6.33 -31.31 -49.87
N ASP B 93 -7.43 -30.65 -49.50
CA ASP B 93 -8.33 -30.05 -50.48
C ASP B 93 -7.60 -29.05 -51.38
N GLU B 94 -7.62 -29.33 -52.69
CA GLU B 94 -6.90 -28.51 -53.66
C GLU B 94 -7.46 -27.09 -53.74
N ASN B 95 -8.78 -26.95 -53.65
CA ASN B 95 -9.38 -25.63 -53.74
C ASN B 95 -9.09 -24.80 -52.50
N TYR B 96 -9.00 -25.43 -51.33
CA TYR B 96 -8.83 -24.67 -50.10
C TYR B 96 -7.44 -24.05 -50.00
N TRP B 97 -6.41 -24.78 -50.42
CA TRP B 97 -5.03 -24.38 -50.16
C TRP B 97 -4.48 -23.56 -51.31
N THR B 98 -4.71 -22.26 -51.24
CA THR B 98 -4.12 -21.28 -52.14
C THR B 98 -3.37 -20.25 -51.31
N VAL B 99 -2.43 -19.55 -51.95
CA VAL B 99 -1.72 -18.48 -51.25
C VAL B 99 -2.70 -17.41 -50.78
N ASP B 100 -3.71 -17.13 -51.61
CA ASP B 100 -4.70 -16.11 -51.27
C ASP B 100 -5.52 -16.47 -50.03
N ASN B 101 -5.58 -17.75 -49.65
CA ASN B 101 -6.39 -18.19 -48.52
C ASN B 101 -5.59 -18.37 -47.23
N ILE B 102 -4.27 -18.15 -47.26
CA ILE B 102 -3.45 -18.34 -46.07
C ILE B 102 -3.86 -17.38 -44.97
N HIS B 103 -4.07 -16.12 -45.32
CA HIS B 103 -4.43 -15.10 -44.34
C HIS B 103 -5.68 -15.51 -43.54
N ARG B 104 -6.73 -15.90 -44.26
CA ARG B 104 -7.95 -16.33 -43.60
C ARG B 104 -7.73 -17.58 -42.76
N HIS B 105 -6.95 -18.54 -43.28
CA HIS B 105 -6.73 -19.78 -42.54
C HIS B 105 -6.03 -19.51 -41.21
N ILE B 106 -5.02 -18.65 -41.22
CA ILE B 106 -4.28 -18.35 -39.99
C ILE B 106 -5.19 -17.71 -38.95
N LEU B 107 -6.01 -16.75 -39.38
CA LEU B 107 -6.86 -16.05 -38.42
C LEU B 107 -7.99 -16.94 -37.91
N ASN B 108 -8.55 -17.81 -38.77
CA ASN B 108 -9.67 -18.63 -38.34
C ASN B 108 -9.24 -19.71 -37.36
N TYR B 109 -8.09 -20.36 -37.60
CA TYR B 109 -7.78 -21.60 -36.92
C TYR B 109 -6.50 -21.60 -36.11
N CYS B 110 -5.58 -20.66 -36.33
CA CYS B 110 -4.24 -20.80 -35.79
C CYS B 110 -3.89 -19.82 -34.68
N ILE B 111 -4.32 -18.57 -34.77
CA ILE B 111 -3.90 -17.53 -33.84
C ILE B 111 -5.01 -17.29 -32.81
N TYR B 112 -4.65 -17.37 -31.52
CA TYR B 112 -5.58 -17.10 -30.43
C TYR B 112 -4.94 -16.13 -29.45
N GLY B 113 -5.71 -15.17 -28.99
CA GLY B 113 -5.21 -14.18 -28.06
C GLY B 113 -6.24 -13.83 -27.00
N ALA B 114 -5.73 -13.52 -25.81
CA ALA B 114 -6.58 -13.03 -24.73
C ALA B 114 -5.82 -11.95 -23.97
N ASP B 115 -6.54 -10.89 -23.59
CA ASP B 115 -5.99 -9.84 -22.75
C ASP B 115 -7.14 -9.13 -22.06
N ILE B 116 -6.86 -8.55 -20.88
CA ILE B 116 -7.90 -7.82 -20.16
C ILE B 116 -8.12 -6.43 -20.73
N ASP B 117 -7.16 -5.89 -21.48
CA ASP B 117 -7.22 -4.51 -22.00
C ASP B 117 -8.03 -4.50 -23.29
N GLU B 118 -9.23 -3.91 -23.23
CA GLU B 118 -10.10 -3.84 -24.41
C GLU B 118 -9.46 -3.04 -25.53
N LYS B 119 -8.81 -1.92 -25.20
CA LYS B 119 -8.16 -1.10 -26.20
C LYS B 119 -7.06 -1.86 -26.93
N ALA B 120 -6.26 -2.62 -26.18
CA ALA B 120 -5.16 -3.38 -26.79
C ALA B 120 -5.69 -4.46 -27.74
N ILE B 121 -6.75 -5.17 -27.32
CA ILE B 121 -7.36 -6.18 -28.17
C ILE B 121 -7.92 -5.53 -29.44
N SER B 122 -8.50 -4.34 -29.31
CA SER B 122 -9.00 -3.63 -30.47
C SER B 122 -7.87 -3.31 -31.45
N ILE B 123 -6.74 -2.82 -30.94
CA ILE B 123 -5.60 -2.51 -31.80
C ILE B 123 -5.08 -3.77 -32.46
N LEU B 124 -4.94 -4.86 -31.70
CA LEU B 124 -4.45 -6.10 -32.25
C LEU B 124 -5.36 -6.61 -33.37
N LYS B 125 -6.68 -6.48 -33.18
CA LYS B 125 -7.60 -6.92 -34.22
C LYS B 125 -7.37 -6.17 -35.52
N ASP B 126 -7.12 -4.85 -35.42
CA ASP B 126 -6.81 -4.08 -36.62
C ASP B 126 -5.50 -4.52 -37.25
N SER B 127 -4.48 -4.77 -36.43
CA SER B 127 -3.18 -5.13 -36.99
C SER B 127 -3.25 -6.46 -37.73
N LEU B 128 -3.92 -7.46 -37.14
CA LEU B 128 -4.09 -8.75 -37.81
C LEU B 128 -4.95 -8.60 -39.07
N THR B 129 -5.97 -7.75 -39.02
CA THR B 129 -6.79 -7.50 -40.18
C THR B 129 -5.98 -6.89 -41.32
N ASN B 130 -5.09 -5.96 -41.00
CA ASN B 130 -4.32 -5.24 -42.00
C ASN B 130 -3.08 -6.00 -42.46
N LYS B 131 -2.90 -7.25 -42.03
CA LYS B 131 -1.83 -8.08 -42.58
C LYS B 131 -2.09 -8.42 -44.05
N LYS B 132 -3.36 -8.50 -44.44
CA LYS B 132 -3.71 -8.81 -45.82
C LYS B 132 -3.83 -7.53 -46.62
N VAL B 133 -3.08 -7.46 -47.73
CA VAL B 133 -3.06 -6.26 -48.56
C VAL B 133 -4.43 -5.97 -49.13
N VAL B 134 -5.13 -7.00 -49.61
CA VAL B 134 -6.41 -6.84 -50.28
C VAL B 134 -7.44 -6.33 -49.27
N ASN B 135 -8.04 -5.18 -49.56
CA ASN B 135 -9.10 -4.63 -48.75
C ASN B 135 -10.44 -5.11 -49.28
N ASP B 136 -11.24 -5.72 -48.39
CA ASP B 136 -12.52 -6.34 -48.76
C ASP B 136 -12.32 -7.40 -49.86
N LEU B 137 -11.39 -8.32 -49.60
CA LEU B 137 -11.12 -9.39 -50.55
C LEU B 137 -12.33 -10.32 -50.69
N ASP B 138 -13.01 -10.62 -49.59
CA ASP B 138 -14.19 -11.48 -49.59
C ASP B 138 -15.31 -10.86 -48.74
N GLU B 139 -15.50 -9.55 -48.88
CA GLU B 139 -16.62 -8.81 -48.27
C GLU B 139 -16.49 -8.73 -46.74
N SER B 140 -15.26 -8.72 -46.22
CA SER B 140 -14.95 -8.33 -44.85
C SER B 140 -15.68 -9.20 -43.81
N ASP B 141 -15.47 -10.51 -43.91
CA ASP B 141 -16.04 -11.48 -42.96
C ASP B 141 -14.94 -12.45 -42.53
N ILE B 142 -14.15 -12.07 -41.53
CA ILE B 142 -13.02 -12.86 -41.07
C ILE B 142 -13.14 -13.08 -39.58
N LYS B 143 -13.33 -14.33 -39.17
CA LYS B 143 -13.33 -14.69 -37.76
C LYS B 143 -11.91 -14.58 -37.20
N ILE B 144 -11.78 -13.95 -36.04
CA ILE B 144 -10.51 -13.80 -35.36
C ILE B 144 -10.69 -14.25 -33.91
N ASN B 145 -9.74 -15.04 -33.41
CA ASN B 145 -9.87 -15.64 -32.08
C ASN B 145 -9.17 -14.77 -31.04
N LEU B 146 -9.78 -13.62 -30.77
CA LEU B 146 -9.30 -12.69 -29.75
C LEU B 146 -10.36 -12.55 -28.66
N PHE B 147 -9.92 -12.54 -27.41
CA PHE B 147 -10.83 -12.48 -26.28
C PHE B 147 -10.40 -11.39 -25.33
N CYS B 148 -11.33 -10.49 -25.00
CA CYS B 148 -11.10 -9.54 -23.92
C CYS B 148 -11.72 -10.14 -22.66
N CYS B 149 -10.88 -10.63 -21.76
CA CYS B 149 -11.34 -11.40 -20.60
C CYS B 149 -10.18 -11.53 -19.62
N ASP B 150 -10.47 -12.14 -18.48
CA ASP B 150 -9.45 -12.54 -17.51
C ASP B 150 -8.98 -13.94 -17.89
N SER B 151 -7.74 -14.05 -18.37
CA SER B 151 -7.23 -15.34 -18.84
C SER B 151 -7.22 -16.39 -17.73
N LEU B 152 -7.01 -15.96 -16.49
CA LEU B 152 -6.98 -16.91 -15.38
C LEU B 152 -8.36 -17.47 -15.06
N LYS B 153 -9.42 -16.84 -15.57
CA LYS B 153 -10.78 -17.31 -15.33
C LYS B 153 -11.42 -17.96 -16.55
N LYS B 154 -10.90 -17.75 -17.74
CA LYS B 154 -11.56 -18.27 -18.93
C LYS B 154 -11.46 -19.79 -19.00
N LYS B 155 -12.59 -20.43 -19.32
CA LYS B 155 -12.66 -21.86 -19.52
C LYS B 155 -12.53 -22.14 -21.02
N TRP B 156 -11.40 -22.72 -21.42
CA TRP B 156 -11.18 -23.06 -22.81
C TRP B 156 -11.75 -24.43 -23.12
N ARG B 157 -12.38 -24.56 -24.29
CA ARG B 157 -12.95 -25.82 -24.72
C ARG B 157 -11.90 -26.85 -25.11
N TYR B 158 -10.65 -26.43 -25.32
CA TYR B 158 -9.62 -27.33 -25.84
C TYR B 158 -8.26 -26.76 -25.52
N LYS B 159 -7.24 -27.59 -25.68
CA LYS B 159 -5.88 -27.20 -25.36
C LYS B 159 -5.17 -26.69 -26.62
N PHE B 160 -3.94 -26.23 -26.45
CA PHE B 160 -3.24 -25.47 -27.48
C PHE B 160 -1.89 -26.10 -27.78
N ASP B 161 -1.52 -26.11 -29.06
CA ASP B 161 -0.25 -26.70 -29.46
C ASP B 161 0.93 -25.88 -28.98
N TYR B 162 0.82 -24.55 -29.01
CA TYR B 162 1.91 -23.66 -28.64
C TYR B 162 1.38 -22.47 -27.87
N ILE B 163 2.13 -22.05 -26.85
CA ILE B 163 1.78 -20.91 -26.01
C ILE B 163 3.03 -20.07 -25.80
N VAL B 164 2.93 -18.77 -26.09
CA VAL B 164 4.05 -17.83 -25.97
C VAL B 164 3.55 -16.56 -25.30
N GLY B 165 4.48 -15.79 -24.73
CA GLY B 165 4.18 -14.42 -24.38
C GLY B 165 4.89 -13.95 -23.12
N ASN B 166 4.41 -12.83 -22.61
CA ASN B 166 4.98 -12.13 -21.45
C ASN B 166 3.87 -11.81 -20.48
N PRO B 167 3.70 -12.60 -19.42
CA PRO B 167 2.55 -12.43 -18.51
C PRO B 167 2.73 -11.18 -17.65
N PRO B 168 1.64 -10.69 -17.04
CA PRO B 168 1.80 -9.58 -16.09
C PRO B 168 2.54 -10.03 -14.84
N TYR B 169 3.38 -9.14 -14.30
CA TYR B 169 4.05 -9.38 -13.02
C TYR B 169 3.44 -8.44 -12.00
N ILE B 170 2.81 -8.99 -10.96
CA ILE B 170 2.19 -8.20 -9.91
C ILE B 170 2.39 -8.91 -8.58
N GLY B 171 3.14 -8.28 -7.67
CA GLY B 171 3.43 -8.86 -6.38
C GLY B 171 2.31 -8.63 -5.37
N HIS B 172 2.59 -9.05 -4.13
CA HIS B 172 1.54 -9.08 -3.11
C HIS B 172 1.07 -7.68 -2.71
N LYS B 173 1.93 -6.67 -2.82
CA LYS B 173 1.51 -5.32 -2.46
C LYS B 173 0.62 -4.68 -3.52
N LYS B 174 0.92 -4.89 -4.80
CA LYS B 174 0.27 -4.13 -5.85
C LYS B 174 -0.96 -4.82 -6.42
N LEU B 175 -1.21 -6.06 -6.06
CA LEU B 175 -2.42 -6.76 -6.49
C LEU B 175 -3.55 -6.41 -5.53
N GLU B 176 -4.71 -6.07 -6.09
CA GLU B 176 -5.87 -5.74 -5.27
C GLU B 176 -6.29 -6.93 -4.42
N LYS B 177 -6.68 -6.64 -3.17
CA LYS B 177 -6.98 -7.71 -2.23
C LYS B 177 -8.16 -8.56 -2.70
N LYS B 178 -9.17 -7.94 -3.30
CA LYS B 178 -10.36 -8.68 -3.70
C LYS B 178 -10.03 -9.80 -4.69
N TYR B 179 -9.03 -9.59 -5.55
CA TYR B 179 -8.72 -10.65 -6.49
CA TYR B 179 -8.67 -10.62 -6.52
C TYR B 179 -7.92 -11.79 -5.87
N LYS B 180 -7.20 -11.54 -4.78
CA LYS B 180 -6.36 -12.59 -4.21
C LYS B 180 -7.21 -13.75 -3.68
N LYS B 181 -8.45 -13.50 -3.27
CA LYS B 181 -9.31 -14.59 -2.81
C LYS B 181 -9.50 -15.63 -3.90
N PHE B 182 -9.73 -15.19 -5.13
CA PHE B 182 -9.87 -16.14 -6.24
C PHE B 182 -8.58 -16.92 -6.45
N LEU B 183 -7.45 -16.23 -6.45
CA LEU B 183 -6.17 -16.91 -6.68
C LEU B 183 -5.87 -17.91 -5.57
N LEU B 184 -6.10 -17.53 -4.32
CA LEU B 184 -5.78 -18.42 -3.21
C LEU B 184 -6.65 -19.66 -3.20
N GLU B 185 -7.82 -19.62 -3.82
CA GLU B 185 -8.69 -20.79 -3.91
C GLU B 185 -8.37 -21.63 -5.14
N LYS B 186 -8.45 -21.02 -6.32
CA LYS B 186 -8.33 -21.77 -7.57
C LYS B 186 -6.90 -22.07 -7.97
N TYR B 187 -5.93 -21.30 -7.49
CA TYR B 187 -4.54 -21.45 -7.90
C TYR B 187 -3.63 -21.78 -6.72
N SER B 188 -4.17 -22.44 -5.69
CA SER B 188 -3.40 -22.68 -4.47
C SER B 188 -2.20 -23.58 -4.70
N GLU B 189 -2.20 -24.41 -5.76
CA GLU B 189 -1.05 -25.25 -6.03
C GLU B 189 0.22 -24.44 -6.29
N VAL B 190 0.11 -23.19 -6.74
CA VAL B 190 1.29 -22.36 -6.99
C VAL B 190 1.21 -21.00 -6.31
N TYR B 191 0.07 -20.54 -5.83
CA TYR B 191 -0.07 -19.17 -5.33
C TYR B 191 -0.49 -19.20 -3.87
N LYS B 192 0.42 -18.78 -2.98
CA LYS B 192 0.18 -18.63 -1.55
C LYS B 192 1.03 -17.47 -1.04
N ASP B 193 0.62 -16.91 0.09
CA ASP B 193 1.41 -15.91 0.81
C ASP B 193 1.91 -14.80 -0.10
N LYS B 194 3.22 -14.65 -0.22
CA LYS B 194 3.80 -13.54 -0.99
C LYS B 194 4.10 -13.92 -2.43
N ALA B 195 3.35 -14.86 -3.00
CA ALA B 195 3.55 -15.28 -4.38
C ALA B 195 3.20 -14.15 -5.34
N ASP B 196 3.56 -14.33 -6.61
CA ASP B 196 3.32 -13.33 -7.64
C ASP B 196 2.27 -13.80 -8.63
N LEU B 197 1.60 -12.83 -9.27
CA LEU B 197 0.55 -13.13 -10.23
C LEU B 197 1.07 -14.00 -11.37
N TYR B 198 2.31 -13.79 -11.81
CA TYR B 198 2.81 -14.56 -12.94
C TYR B 198 2.99 -16.03 -12.59
N PHE B 199 3.03 -16.37 -11.30
CA PHE B 199 2.98 -17.78 -10.91
C PHE B 199 1.73 -18.44 -11.46
N CYS B 200 0.60 -17.74 -11.37
CA CYS B 200 -0.67 -18.31 -11.81
C CYS B 200 -0.73 -18.45 -13.32
N PHE B 201 -0.07 -17.55 -14.05
CA PHE B 201 -0.03 -17.67 -15.50
C PHE B 201 0.78 -18.90 -15.92
N TYR B 202 1.88 -19.19 -15.21
CA TYR B 202 2.59 -20.43 -15.46
C TYR B 202 1.66 -21.63 -15.33
N LYS B 203 0.88 -21.69 -14.24
CA LYS B 203 -0.02 -22.83 -14.07
C LYS B 203 -1.05 -22.89 -15.18
N LYS B 204 -1.66 -21.76 -15.52
CA LYS B 204 -2.69 -21.77 -16.56
C LYS B 204 -2.13 -22.21 -17.90
N ILE B 205 -0.96 -21.68 -18.28
CA ILE B 205 -0.31 -22.07 -19.53
C ILE B 205 -0.06 -23.57 -19.56
N ILE B 206 0.50 -24.09 -18.47
CA ILE B 206 0.80 -25.51 -18.38
C ILE B 206 -0.46 -26.33 -18.50
N ASP B 207 -1.52 -25.92 -17.80
CA ASP B 207 -2.76 -26.70 -17.78
C ASP B 207 -3.41 -26.79 -19.16
N ILE B 208 -3.31 -25.74 -19.97
CA ILE B 208 -3.97 -25.73 -21.27
C ILE B 208 -3.00 -26.04 -22.41
N LEU B 209 -1.79 -26.48 -22.10
CA LEU B 209 -0.84 -26.89 -23.12
C LEU B 209 -1.16 -28.32 -23.56
N LYS B 210 -1.37 -28.50 -24.86
CA LYS B 210 -1.71 -29.79 -25.44
C LYS B 210 -0.57 -30.79 -25.22
N GLN B 211 -0.92 -32.08 -25.27
CA GLN B 211 0.11 -33.11 -25.23
C GLN B 211 1.00 -32.98 -26.47
N GLY B 212 2.31 -33.00 -26.25
CA GLY B 212 3.25 -32.75 -27.31
C GLY B 212 3.47 -31.29 -27.66
N GLY B 213 2.82 -30.36 -26.95
CA GLY B 213 2.97 -28.96 -27.26
C GLY B 213 4.19 -28.34 -26.61
N ILE B 214 4.50 -27.11 -27.03
CA ILE B 214 5.65 -26.36 -26.53
C ILE B 214 5.17 -25.00 -26.03
N GLY B 215 5.67 -24.59 -24.87
CA GLY B 215 5.44 -23.26 -24.34
C GLY B 215 6.75 -22.54 -24.09
N SER B 216 6.72 -21.22 -24.27
CA SER B 216 7.92 -20.40 -24.09
C SER B 216 7.51 -19.01 -23.63
N VAL B 217 8.00 -18.56 -22.48
CA VAL B 217 7.61 -17.29 -21.88
C VAL B 217 8.82 -16.57 -21.30
N ILE B 218 8.70 -15.25 -21.17
CA ILE B 218 9.66 -14.43 -20.43
C ILE B 218 8.96 -13.91 -19.18
N THR B 219 9.52 -14.21 -18.01
CA THR B 219 8.96 -13.84 -16.72
C THR B 219 10.08 -13.28 -15.86
N PRO B 220 9.79 -12.81 -14.65
CA PRO B 220 10.89 -12.54 -13.71
C PRO B 220 11.65 -13.82 -13.41
N ARG B 221 12.92 -13.66 -13.06
CA ARG B 221 13.76 -14.80 -12.70
C ARG B 221 13.61 -15.24 -11.25
N TYR B 222 12.97 -14.42 -10.40
CA TYR B 222 13.09 -14.61 -8.95
C TYR B 222 12.51 -15.94 -8.47
N PHE B 223 11.54 -16.49 -9.20
CA PHE B 223 10.94 -17.76 -8.77
C PHE B 223 11.92 -18.92 -8.84
N LEU B 224 13.03 -18.76 -9.58
CA LEU B 224 14.01 -19.84 -9.65
C LEU B 224 14.67 -20.09 -8.32
N GLU B 225 14.71 -19.08 -7.45
CA GLU B 225 15.38 -19.19 -6.16
C GLU B 225 14.53 -18.80 -4.97
N SER B 226 13.44 -18.06 -5.15
CA SER B 226 12.76 -17.47 -4.01
C SER B 226 12.01 -18.52 -3.18
N LEU B 227 11.79 -18.18 -1.91
CA LEU B 227 10.96 -19.00 -1.04
C LEU B 227 9.54 -19.09 -1.59
N SER B 228 9.01 -17.99 -2.13
CA SER B 228 7.65 -17.99 -2.63
C SER B 228 7.46 -18.95 -3.80
N GLY B 229 8.47 -19.10 -4.64
CA GLY B 229 8.35 -19.93 -5.82
C GLY B 229 8.46 -21.43 -5.61
N LYS B 230 8.54 -21.88 -4.37
CA LYS B 230 8.78 -23.30 -4.10
C LYS B 230 7.70 -24.17 -4.73
N ASP B 231 6.43 -23.82 -4.55
CA ASP B 231 5.36 -24.63 -5.11
C ASP B 231 5.31 -24.52 -6.63
N LEU B 232 5.61 -23.34 -7.18
CA LEU B 232 5.65 -23.19 -8.64
C LEU B 232 6.72 -24.07 -9.26
N ARG B 233 7.92 -24.11 -8.66
CA ARG B 233 8.98 -24.97 -9.16
C ARG B 233 8.55 -26.43 -9.16
N GLU B 234 7.87 -26.85 -8.09
CA GLU B 234 7.37 -28.22 -8.02
C GLU B 234 6.31 -28.47 -9.09
N TYR B 235 5.43 -27.50 -9.32
CA TYR B 235 4.39 -27.70 -10.33
C TYR B 235 4.98 -27.78 -11.73
N ILE B 236 5.96 -26.94 -12.03
CA ILE B 236 6.62 -26.99 -13.33
C ILE B 236 7.35 -28.31 -13.50
N LYS B 237 8.18 -28.67 -12.52
CA LYS B 237 9.06 -29.82 -12.66
C LYS B 237 8.27 -31.11 -12.88
N SER B 238 7.08 -31.21 -12.29
CA SER B 238 6.33 -32.46 -12.31
C SER B 238 5.24 -32.51 -13.38
N ASN B 239 5.07 -31.44 -14.17
CA ASN B 239 4.03 -31.43 -15.20
C ASN B 239 4.53 -31.20 -16.62
N VAL B 240 5.69 -30.57 -16.80
CA VAL B 240 6.26 -30.37 -18.12
C VAL B 240 7.74 -30.75 -18.08
N ASN B 241 8.30 -30.96 -19.27
CA ASN B 241 9.74 -31.07 -19.46
C ASN B 241 10.29 -29.68 -19.75
N VAL B 242 11.21 -29.21 -18.92
CA VAL B 242 11.83 -27.91 -19.17
C VAL B 242 12.94 -28.11 -20.20
N GLN B 243 12.74 -27.57 -21.40
CA GLN B 243 13.77 -27.67 -22.43
C GLN B 243 14.96 -26.76 -22.13
N GLU B 244 14.69 -25.53 -21.71
CA GLU B 244 15.74 -24.53 -21.67
C GLU B 244 15.38 -23.44 -20.68
N ILE B 245 16.39 -22.92 -20.00
CA ILE B 245 16.26 -21.74 -19.14
C ILE B 245 17.36 -20.76 -19.55
N VAL B 246 16.96 -19.55 -19.93
CA VAL B 246 17.88 -18.47 -20.19
C VAL B 246 17.77 -17.51 -19.01
N ASP B 247 18.83 -17.41 -18.21
CA ASP B 247 18.84 -16.59 -17.01
C ASP B 247 19.72 -15.38 -17.27
N PHE B 248 19.11 -14.21 -17.36
CA PHE B 248 19.84 -12.97 -17.57
C PHE B 248 20.40 -12.38 -16.29
N LEU B 249 20.17 -13.03 -15.15
CA LEU B 249 20.66 -12.57 -13.84
C LEU B 249 20.17 -11.14 -13.65
N GLY B 250 21.02 -10.21 -13.22
CA GLY B 250 20.60 -8.84 -12.96
C GLY B 250 20.59 -7.92 -14.16
N ALA B 251 20.74 -8.47 -15.37
CA ALA B 251 20.77 -7.62 -16.55
C ALA B 251 19.44 -6.90 -16.74
N ASN B 252 19.51 -5.71 -17.33
CA ASN B 252 18.32 -4.88 -17.54
C ASN B 252 17.79 -5.16 -18.95
N ILE B 253 16.81 -6.06 -19.03
CA ILE B 253 16.25 -6.45 -20.33
C ILE B 253 15.14 -5.49 -20.75
N PHE B 254 14.38 -4.96 -19.81
CA PHE B 254 13.31 -4.01 -20.08
C PHE B 254 13.77 -2.61 -19.69
N LYS B 255 13.91 -1.73 -20.67
CA LYS B 255 14.41 -0.39 -20.42
C LYS B 255 13.50 0.35 -19.43
N ASN B 256 14.14 0.95 -18.41
CA ASN B 256 13.47 1.74 -17.37
C ASN B 256 12.56 0.92 -16.49
N ILE B 257 12.74 -0.40 -16.45
CA ILE B 257 11.94 -1.28 -15.61
C ILE B 257 12.88 -1.98 -14.63
N GLY B 258 12.59 -1.86 -13.34
CA GLY B 258 13.40 -2.53 -12.33
C GLY B 258 12.98 -3.97 -12.14
N VAL B 259 13.31 -4.84 -13.08
CA VAL B 259 13.00 -6.26 -12.97
C VAL B 259 14.12 -7.06 -13.60
N SER B 260 14.31 -8.28 -13.14
CA SER B 260 15.30 -9.19 -13.69
C SER B 260 14.61 -10.42 -14.27
N SER B 261 15.08 -10.86 -15.43
CA SER B 261 14.28 -11.68 -16.33
C SER B 261 14.90 -13.05 -16.57
N CYS B 262 14.05 -13.97 -16.99
CA CYS B 262 14.47 -15.25 -17.54
C CYS B 262 13.48 -15.70 -18.60
N ILE B 263 13.95 -16.57 -19.50
CA ILE B 263 13.11 -17.18 -20.53
C ILE B 263 13.05 -18.67 -20.24
N LEU B 264 11.84 -19.21 -20.08
CA LEU B 264 11.63 -20.64 -19.87
C LEU B 264 10.96 -21.23 -21.10
N THR B 265 11.51 -22.33 -21.61
CA THR B 265 10.89 -23.08 -22.69
C THR B 265 10.63 -24.51 -22.21
N PHE B 266 9.39 -24.98 -22.37
CA PHE B 266 8.99 -26.27 -21.84
C PHE B 266 8.03 -26.94 -22.82
N ASP B 267 7.81 -28.24 -22.62
CA ASP B 267 6.98 -29.01 -23.52
C ASP B 267 6.29 -30.14 -22.76
N LYS B 268 5.38 -30.79 -23.45
CA LYS B 268 4.71 -31.99 -22.96
C LYS B 268 4.95 -33.17 -23.91
N LYS B 269 6.18 -33.31 -24.37
CA LYS B 269 6.56 -34.41 -25.24
C LYS B 269 6.98 -35.62 -24.43
N LYS B 270 6.78 -36.80 -25.01
CA LYS B 270 7.28 -38.04 -24.43
C LYS B 270 8.80 -38.06 -24.57
N THR B 271 9.51 -37.74 -23.50
CA THR B 271 10.97 -37.75 -23.48
C THR B 271 11.43 -38.86 -22.55
N LYS B 272 12.36 -39.68 -23.03
CA LYS B 272 12.90 -40.75 -22.19
C LYS B 272 13.49 -40.19 -20.91
N GLU B 273 14.28 -39.12 -21.04
CA GLU B 273 14.65 -38.30 -19.91
C GLU B 273 14.87 -36.88 -20.42
N THR B 274 14.77 -35.92 -19.51
CA THR B 274 14.86 -34.52 -19.88
C THR B 274 16.07 -33.90 -19.19
N TYR B 275 17.00 -33.37 -19.98
CA TYR B 275 18.04 -32.49 -19.49
C TYR B 275 17.69 -31.06 -19.91
N ILE B 276 17.93 -30.12 -19.00
CA ILE B 276 17.66 -28.72 -19.24
C ILE B 276 18.91 -28.08 -19.84
N ASP B 277 18.75 -27.37 -20.96
CA ASP B 277 19.78 -26.44 -21.41
C ASP B 277 19.71 -25.19 -20.55
N VAL B 278 20.79 -24.88 -19.83
CA VAL B 278 20.84 -23.68 -19.01
C VAL B 278 21.86 -22.74 -19.63
N PHE B 279 21.42 -21.51 -19.92
CA PHE B 279 22.28 -20.44 -20.42
C PHE B 279 22.30 -19.34 -19.36
N LYS B 280 23.46 -19.13 -18.73
CA LYS B 280 23.61 -18.13 -17.69
C LYS B 280 24.53 -17.02 -18.19
N ILE B 281 24.08 -15.78 -18.07
CA ILE B 281 24.87 -14.66 -18.54
C ILE B 281 26.12 -14.51 -17.67
N LYS B 282 27.24 -14.14 -18.31
CA LYS B 282 28.49 -13.99 -17.59
C LYS B 282 28.69 -12.57 -17.08
N ASN B 283 28.25 -11.57 -17.85
CA ASN B 283 28.38 -10.17 -17.48
C ASN B 283 27.01 -9.53 -17.51
N GLU B 284 26.57 -8.99 -16.39
CA GLU B 284 25.27 -8.34 -16.31
C GLU B 284 25.23 -6.99 -17.03
N ASP B 285 26.38 -6.46 -17.44
CA ASP B 285 26.47 -5.15 -18.06
C ASP B 285 26.24 -5.16 -19.56
N ILE B 286 26.01 -6.33 -20.17
CA ILE B 286 26.01 -6.41 -21.62
C ILE B 286 24.71 -5.84 -22.18
N CYS B 287 24.82 -5.24 -23.36
CA CYS B 287 23.65 -4.80 -24.12
C CYS B 287 23.12 -5.96 -24.95
N ILE B 288 21.79 -6.12 -24.95
CA ILE B 288 21.16 -7.30 -25.54
C ILE B 288 21.21 -7.27 -27.06
N ASN B 289 21.48 -6.12 -27.67
CA ASN B 289 21.50 -5.98 -29.13
C ASN B 289 22.88 -6.18 -29.73
N LYS B 290 23.73 -7.01 -29.10
CA LYS B 290 25.09 -7.22 -29.60
C LYS B 290 25.08 -7.84 -30.99
N PHE B 291 24.22 -8.83 -31.21
CA PHE B 291 24.00 -9.43 -32.52
C PHE B 291 22.58 -9.15 -32.98
N GLU B 292 22.26 -9.62 -34.18
CA GLU B 292 20.89 -9.48 -34.68
C GLU B 292 19.93 -10.48 -34.09
N THR B 293 20.43 -11.53 -33.43
CA THR B 293 19.60 -12.58 -32.86
C THR B 293 20.04 -12.88 -31.44
N LEU B 294 19.11 -13.41 -30.65
CA LEU B 294 19.48 -13.85 -29.30
C LEU B 294 20.32 -15.12 -29.34
N GLU B 295 20.11 -15.98 -30.35
CA GLU B 295 20.86 -17.22 -30.43
C GLU B 295 22.36 -16.95 -30.53
N GLU B 296 22.76 -15.95 -31.31
CA GLU B 296 24.17 -15.60 -31.40
C GLU B 296 24.71 -15.19 -30.04
N LEU B 297 23.93 -14.43 -29.28
CA LEU B 297 24.35 -14.03 -27.94
C LEU B 297 24.52 -15.25 -27.03
N LEU B 298 23.58 -16.19 -27.11
CA LEU B 298 23.61 -17.36 -26.24
C LEU B 298 24.82 -18.24 -26.55
N LYS B 299 25.18 -18.38 -27.82
CA LYS B 299 26.30 -19.23 -28.21
C LYS B 299 27.65 -18.55 -28.02
N SER B 300 27.66 -17.25 -27.75
CA SER B 300 28.90 -16.50 -27.65
C SER B 300 29.53 -16.70 -26.27
N SER B 301 30.70 -16.08 -26.09
CA SER B 301 31.37 -16.09 -24.80
C SER B 301 30.64 -15.27 -23.75
N LYS B 302 29.63 -14.49 -24.15
CA LYS B 302 28.87 -13.69 -23.20
C LYS B 302 28.00 -14.54 -22.28
N PHE B 303 27.76 -15.80 -22.65
CA PHE B 303 26.92 -16.69 -21.87
C PHE B 303 27.65 -17.98 -21.55
N GLU B 304 27.21 -18.64 -20.49
CA GLU B 304 27.72 -19.94 -20.08
C GLU B 304 26.63 -20.96 -20.29
N HIS B 305 26.99 -22.14 -20.79
CA HIS B 305 26.03 -23.21 -21.00
C HIS B 305 26.40 -24.44 -20.20
N PHE B 306 25.40 -25.05 -19.57
CA PHE B 306 25.56 -26.34 -18.94
C PHE B 306 24.20 -27.01 -18.89
N ASN B 307 24.18 -28.31 -18.63
CA ASN B 307 22.95 -29.07 -18.56
C ASN B 307 22.63 -29.44 -17.11
N ILE B 308 21.34 -29.56 -16.82
CA ILE B 308 20.84 -30.00 -15.53
C ILE B 308 19.83 -31.12 -15.76
N ASN B 309 20.01 -32.24 -15.06
CA ASN B 309 19.07 -33.34 -15.13
C ASN B 309 17.83 -32.99 -14.33
N GLN B 310 16.69 -32.80 -15.02
CA GLN B 310 15.47 -32.35 -14.36
C GLN B 310 14.99 -33.37 -13.33
N ARG B 311 15.19 -34.66 -13.59
CA ARG B 311 14.78 -35.69 -12.66
C ARG B 311 15.51 -35.59 -11.32
N LEU B 312 16.69 -34.96 -11.30
CA LEU B 312 17.49 -34.87 -10.08
C LEU B 312 17.22 -33.60 -9.29
N LEU B 313 16.25 -32.79 -9.69
CA LEU B 313 15.99 -31.55 -8.98
C LEU B 313 15.25 -31.81 -7.68
N SER B 314 15.66 -31.09 -6.63
CA SER B 314 14.97 -31.10 -5.36
C SER B 314 13.91 -29.99 -5.34
N ASP B 315 13.41 -29.66 -4.16
CA ASP B 315 12.50 -28.51 -4.04
C ASP B 315 13.21 -27.21 -4.37
N GLU B 316 14.54 -27.16 -4.27
CA GLU B 316 15.32 -26.03 -4.74
C GLU B 316 15.98 -26.38 -6.07
N TRP B 317 15.99 -25.41 -6.98
CA TRP B 317 16.65 -25.55 -8.28
C TRP B 317 18.03 -24.90 -8.16
N ILE B 318 19.05 -25.73 -7.99
CA ILE B 318 20.42 -25.24 -7.88
C ILE B 318 21.03 -25.45 -9.27
N LEU B 319 20.93 -24.42 -10.10
CA LEU B 319 21.30 -24.47 -11.51
C LEU B 319 22.70 -23.90 -11.64
N VAL B 320 23.71 -24.78 -11.50
CA VAL B 320 25.11 -24.38 -11.49
C VAL B 320 25.92 -25.43 -12.24
N ASN B 321 27.12 -25.03 -12.65
CA ASN B 321 28.03 -25.96 -13.33
C ASN B 321 28.57 -26.99 -12.34
N LYS B 322 29.26 -27.99 -12.89
CA LYS B 322 29.75 -29.09 -12.06
C LYS B 322 30.72 -28.61 -11.00
N ASP B 323 31.56 -27.62 -11.33
CA ASP B 323 32.52 -27.10 -10.35
C ASP B 323 31.80 -26.51 -9.15
N ASP B 324 30.78 -25.68 -9.39
CA ASP B 324 30.06 -25.05 -8.29
C ASP B 324 29.32 -26.09 -7.45
N GLU B 325 28.72 -27.10 -8.10
CA GLU B 325 28.01 -28.13 -7.37
C GLU B 325 28.93 -28.89 -6.42
N THR B 326 30.12 -29.26 -6.91
CA THR B 326 31.08 -29.93 -6.04
C THR B 326 31.56 -29.02 -4.94
N PHE B 327 31.80 -27.74 -5.26
CA PHE B 327 32.20 -26.77 -4.25
C PHE B 327 31.13 -26.62 -3.18
N TYR B 328 29.88 -26.45 -3.60
CA TYR B 328 28.76 -26.33 -2.68
C TYR B 328 28.61 -27.58 -1.83
N ASN B 329 28.70 -28.77 -2.44
CA ASN B 329 28.50 -30.01 -1.71
C ASN B 329 29.59 -30.24 -0.68
N LYS B 330 30.83 -29.82 -0.96
CA LYS B 330 31.90 -30.00 0.02
C LYS B 330 31.64 -29.16 1.26
N ILE B 331 31.15 -27.93 1.08
CA ILE B 331 30.88 -27.08 2.24
C ILE B 331 29.71 -27.63 3.04
N GLN B 332 28.65 -28.06 2.36
CA GLN B 332 27.46 -28.53 3.06
C GLN B 332 27.78 -29.74 3.93
N GLU B 333 28.59 -30.67 3.41
CA GLU B 333 28.87 -31.89 4.16
C GLU B 333 29.85 -31.65 5.31
N LYS B 334 30.79 -30.72 5.14
CA LYS B 334 31.77 -30.50 6.19
C LYS B 334 31.18 -29.75 7.39
N CYS B 335 30.15 -28.94 7.17
CA CYS B 335 29.59 -28.10 8.22
C CYS B 335 28.48 -28.84 8.95
N LYS B 336 28.65 -29.03 10.25
CA LYS B 336 27.68 -29.76 11.05
C LYS B 336 26.58 -28.87 11.61
N TYR B 337 26.67 -27.56 11.40
CA TYR B 337 25.74 -26.61 11.99
C TYR B 337 25.23 -25.65 10.93
N SER B 338 24.08 -25.03 11.21
CA SER B 338 23.59 -23.90 10.44
C SER B 338 23.38 -22.71 11.36
N LEU B 339 23.39 -21.52 10.77
CA LEU B 339 23.09 -20.32 11.54
C LEU B 339 21.76 -20.44 12.25
N GLU B 340 20.78 -21.08 11.61
CA GLU B 340 19.49 -21.26 12.27
C GLU B 340 19.63 -22.05 13.55
N ASP B 341 20.50 -23.06 13.56
CA ASP B 341 20.68 -23.89 14.75
C ASP B 341 21.16 -23.07 15.94
N ILE B 342 22.10 -22.15 15.70
CA ILE B 342 22.83 -21.52 16.80
C ILE B 342 22.37 -20.11 17.10
N ALA B 343 21.54 -19.50 16.26
CA ALA B 343 21.24 -18.08 16.36
C ALA B 343 19.74 -17.83 16.46
N ILE B 344 19.40 -16.70 17.06
CA ILE B 344 18.05 -16.14 17.02
C ILE B 344 18.07 -14.98 16.05
N SER B 345 17.25 -15.06 15.01
CA SER B 345 17.23 -14.09 13.92
C SER B 345 15.97 -13.22 14.00
N PHE B 346 16.07 -11.97 13.56
CA PHE B 346 14.87 -11.13 13.52
C PHE B 346 15.03 -9.98 12.53
N GLN B 347 13.89 -9.55 12.00
CA GLN B 347 13.82 -8.40 11.12
C GLN B 347 13.80 -7.12 11.94
N GLY B 348 14.24 -6.03 11.31
CA GLY B 348 14.30 -4.74 11.97
C GLY B 348 12.93 -4.16 12.27
N ILE B 349 12.96 -3.00 12.93
CA ILE B 349 11.75 -2.26 13.25
C ILE B 349 11.02 -1.90 11.97
N ILE B 350 9.69 -1.95 12.01
CA ILE B 350 8.87 -1.40 10.94
C ILE B 350 7.94 -0.37 11.57
N THR B 351 8.30 0.91 11.46
CA THR B 351 7.49 1.97 12.03
C THR B 351 6.14 2.09 11.34
N GLY B 352 6.14 1.92 10.01
CA GLY B 352 4.96 2.14 9.21
C GLY B 352 4.91 3.52 8.58
N CYS B 353 5.64 4.49 9.14
CA CYS B 353 5.80 5.80 8.49
C CYS B 353 7.10 6.41 9.05
N ASP B 354 8.21 6.22 8.34
CA ASP B 354 9.52 6.55 8.90
C ASP B 354 9.67 8.05 9.17
N LYS B 355 9.05 8.89 8.34
CA LYS B 355 9.18 10.33 8.53
C LYS B 355 8.57 10.80 9.83
N ALA B 356 7.67 10.02 10.41
CA ALA B 356 7.06 10.40 11.69
C ALA B 356 7.98 10.11 12.88
N PHE B 357 8.89 9.14 12.76
CA PHE B 357 9.64 8.66 13.90
C PHE B 357 11.16 8.77 13.77
N ILE B 358 11.70 8.96 12.58
CA ILE B 358 13.13 8.98 12.36
C ILE B 358 13.57 10.41 12.13
N LEU B 359 14.59 10.85 12.86
CA LEU B 359 15.08 12.22 12.79
C LEU B 359 16.58 12.22 12.63
N SER B 360 17.08 13.13 11.78
CA SER B 360 18.51 13.38 11.74
C SER B 360 18.99 13.83 13.12
N LYS B 361 20.16 13.32 13.53
CA LYS B 361 20.62 13.59 14.88
C LYS B 361 20.91 15.07 15.10
N ASP B 362 21.05 15.83 14.02
CA ASP B 362 21.21 17.29 14.10
C ASP B 362 19.88 18.04 14.05
N ASP B 363 18.76 17.34 13.98
CA ASP B 363 17.46 17.99 13.94
C ASP B 363 17.14 18.64 15.28
N VAL B 364 16.66 19.89 15.24
CA VAL B 364 16.35 20.62 16.45
C VAL B 364 15.15 20.03 17.18
N LYS B 365 14.27 19.30 16.48
CA LYS B 365 13.09 18.74 17.12
C LYS B 365 13.45 17.70 18.18
N LEU B 366 14.66 17.14 18.13
CA LEU B 366 15.08 16.17 19.15
C LEU B 366 15.18 16.79 20.52
N ASN B 367 15.28 18.12 20.62
CA ASN B 367 15.28 18.77 21.92
C ASN B 367 13.96 18.61 22.65
N LEU B 368 12.89 18.27 21.92
CA LEU B 368 11.58 18.02 22.52
C LEU B 368 11.42 16.58 23.02
N VAL B 369 12.34 15.68 22.67
CA VAL B 369 12.17 14.26 22.95
C VAL B 369 13.15 13.87 24.06
N ASP B 370 12.61 13.37 25.16
CA ASP B 370 13.44 12.89 26.26
C ASP B 370 14.35 11.77 25.76
N ASP B 371 15.61 11.81 26.22
CA ASP B 371 16.61 10.87 25.71
C ASP B 371 16.24 9.42 25.98
N LYS B 372 15.35 9.17 26.95
CA LYS B 372 14.90 7.80 27.21
C LYS B 372 14.07 7.23 26.07
N PHE B 373 13.54 8.07 25.19
CA PHE B 373 12.76 7.60 24.05
C PHE B 373 13.61 7.36 22.81
N LEU B 374 14.85 7.82 22.79
CA LEU B 374 15.64 7.91 21.56
C LEU B 374 16.56 6.69 21.40
N LYS B 375 16.58 6.12 20.20
CA LYS B 375 17.46 5.01 19.89
C LYS B 375 18.30 5.37 18.67
N CYS B 376 19.51 4.81 18.62
CA CYS B 376 20.34 4.98 17.43
C CYS B 376 19.75 4.19 16.27
N TRP B 377 19.86 4.75 15.06
CA TRP B 377 19.16 4.24 13.89
C TRP B 377 20.13 4.20 12.72
N ILE B 378 20.35 3.01 12.16
CA ILE B 378 21.25 2.85 11.04
C ILE B 378 20.46 2.35 9.83
N LYS B 379 21.02 2.60 8.66
CA LYS B 379 20.49 2.13 7.39
C LYS B 379 21.42 1.07 6.82
N SER B 380 20.94 0.39 5.77
CA SER B 380 21.72 -0.69 5.17
C SER B 380 23.11 -0.25 4.75
N LYS B 381 23.28 1.01 4.32
CA LYS B 381 24.60 1.45 3.88
C LYS B 381 25.58 1.66 5.02
N ASN B 382 25.12 1.66 6.28
CA ASN B 382 26.05 1.80 7.40
C ASN B 382 26.81 0.52 7.71
N ILE B 383 26.38 -0.62 7.17
CA ILE B 383 26.98 -1.91 7.49
C ILE B 383 28.19 -2.15 6.61
N ASN B 384 29.37 -2.26 7.23
CA ASN B 384 30.56 -2.77 6.57
C ASN B 384 30.81 -4.19 7.04
N LYS B 385 31.79 -4.84 6.44
CA LYS B 385 32.32 -6.05 7.04
C LYS B 385 32.84 -5.72 8.43
N TYR B 386 32.43 -6.52 9.41
CA TYR B 386 32.91 -6.56 10.79
C TYR B 386 32.47 -5.43 11.72
N ILE B 387 32.09 -4.25 11.20
CA ILE B 387 31.73 -3.13 12.07
C ILE B 387 30.73 -2.23 11.35
N VAL B 388 30.03 -1.42 12.15
CA VAL B 388 28.96 -0.56 11.68
C VAL B 388 29.44 0.89 11.74
N ASP B 389 29.08 1.66 10.72
CA ASP B 389 29.36 3.09 10.74
C ASP B 389 28.57 3.76 11.85
N LYS B 390 29.08 4.90 12.32
CA LYS B 390 28.36 5.68 13.31
C LYS B 390 26.98 6.08 12.76
N SER B 391 25.97 5.98 13.62
CA SER B 391 24.61 6.30 13.20
C SER B 391 24.43 7.80 13.00
N GLU B 392 23.67 8.16 11.96
CA GLU B 392 23.33 9.55 11.67
C GLU B 392 21.90 9.91 12.02
N TYR B 393 21.08 8.94 12.42
CA TYR B 393 19.66 9.15 12.69
C TYR B 393 19.32 8.65 14.09
N ARG B 394 18.17 9.12 14.58
CA ARG B 394 17.63 8.70 15.87
C ARG B 394 16.19 8.27 15.68
N LEU B 395 15.80 7.20 16.37
CA LEU B 395 14.43 6.71 16.35
C LEU B 395 13.72 7.12 17.64
N ILE B 396 12.51 7.65 17.51
CA ILE B 396 11.64 7.88 18.65
C ILE B 396 10.86 6.59 18.89
N TYR B 397 11.20 5.87 19.96
CA TYR B 397 10.53 4.60 20.24
C TYR B 397 9.21 4.93 20.94
N SER B 398 8.23 5.33 20.14
CA SER B 398 6.98 5.90 20.64
C SER B 398 6.13 4.90 21.40
N ASN B 399 6.42 3.60 21.33
CA ASN B 399 5.62 2.64 22.09
C ASN B 399 5.72 2.87 23.59
N ASP B 400 6.76 3.56 24.05
CA ASP B 400 6.97 3.84 25.46
C ASP B 400 6.33 5.14 25.91
N ILE B 401 5.63 5.84 25.02
CA ILE B 401 4.83 7.00 25.41
C ILE B 401 3.51 6.48 25.98
N ASP B 402 3.31 6.68 27.28
CA ASP B 402 2.16 6.07 27.95
C ASP B 402 0.87 6.79 27.60
N ASN B 403 0.77 8.06 27.97
CA ASN B 403 -0.45 8.83 27.82
C ASN B 403 -0.23 9.97 26.82
N GLU B 404 -1.30 10.29 26.09
CA GLU B 404 -1.26 11.37 25.13
C GLU B 404 -1.19 12.76 25.78
N ASN B 405 -1.38 12.85 27.10
CA ASN B 405 -1.28 14.13 27.78
C ASN B 405 0.10 14.37 28.37
N THR B 406 0.76 13.32 28.86
CA THR B 406 2.05 13.47 29.51
C THR B 406 3.14 13.95 28.55
N ASN B 407 3.04 13.57 27.28
CA ASN B 407 4.05 13.91 26.27
C ASN B 407 3.40 14.56 25.06
N LYS B 408 2.57 15.59 25.32
CA LYS B 408 1.79 16.21 24.26
C LYS B 408 2.69 16.87 23.21
N ARG B 409 3.80 17.46 23.64
CA ARG B 409 4.65 18.20 22.71
C ARG B 409 5.20 17.29 21.61
N ILE B 410 5.64 16.09 21.98
CA ILE B 410 6.17 15.16 20.98
C ILE B 410 5.08 14.76 19.99
N LEU B 411 3.89 14.43 20.50
CA LEU B 411 2.80 14.01 19.63
C LEU B 411 2.36 15.14 18.73
N ASP B 412 2.16 16.33 19.29
CA ASP B 412 1.61 17.44 18.53
C ASP B 412 2.58 17.92 17.45
N GLU B 413 3.87 17.99 17.76
CA GLU B 413 4.81 18.70 16.90
C GLU B 413 5.69 17.80 16.04
N ILE B 414 5.78 16.51 16.36
CA ILE B 414 6.66 15.63 15.60
C ILE B 414 5.85 14.52 14.94
N ILE B 415 5.23 13.66 15.77
CA ILE B 415 4.57 12.48 15.24
C ILE B 415 3.23 12.84 14.60
N GLY B 416 2.47 13.74 15.24
CA GLY B 416 1.14 14.08 14.76
C GLY B 416 1.14 14.73 13.39
N LEU B 417 2.30 15.20 12.92
CA LEU B 417 2.38 15.74 11.57
C LEU B 417 1.99 14.71 10.52
N TYR B 418 2.03 13.43 10.87
CA TYR B 418 1.69 12.35 9.94
C TYR B 418 0.52 11.53 10.46
N LYS B 419 -0.34 12.16 11.28
CA LYS B 419 -1.39 11.42 11.97
C LYS B 419 -2.33 10.73 10.98
N THR B 420 -2.69 11.42 9.90
CA THR B 420 -3.61 10.81 8.93
C THR B 420 -3.01 9.56 8.32
N LYS B 421 -1.74 9.62 7.90
CA LYS B 421 -1.10 8.43 7.34
C LYS B 421 -0.93 7.35 8.41
N LEU B 422 -0.60 7.74 9.64
CA LEU B 422 -0.45 6.77 10.71
C LEU B 422 -1.76 6.05 11.00
N GLU B 423 -2.87 6.76 10.95
CA GLU B 423 -4.16 6.15 11.24
C GLU B 423 -4.63 5.21 10.14
N ASN B 424 -4.02 5.27 8.96
CA ASN B 424 -4.40 4.39 7.87
C ASN B 424 -3.70 3.04 7.94
N ARG B 425 -2.73 2.87 8.84
CA ARG B 425 -2.08 1.58 8.99
C ARG B 425 -3.07 0.53 9.51
N ARG B 426 -2.87 -0.71 9.06
CA ARG B 426 -3.86 -1.76 9.26
C ARG B 426 -4.20 -1.93 10.74
N GLU B 427 -3.19 -1.94 11.60
CA GLU B 427 -3.41 -2.21 13.02
C GLU B 427 -4.01 -1.01 13.76
N CYS B 428 -3.88 0.21 13.24
CA CYS B 428 -4.58 1.34 13.83
C CYS B 428 -6.07 1.30 13.50
N LYS B 429 -6.40 0.93 12.26
CA LYS B 429 -7.80 0.82 11.87
C LYS B 429 -8.51 -0.31 12.61
N SER B 430 -7.78 -1.37 12.94
CA SER B 430 -8.36 -2.48 13.70
C SER B 430 -8.38 -2.22 15.20
N GLY B 431 -7.76 -1.13 15.67
CA GLY B 431 -7.89 -0.70 17.04
C GLY B 431 -6.86 -1.24 18.01
N ILE B 432 -5.98 -2.15 17.59
CA ILE B 432 -5.03 -2.71 18.54
C ILE B 432 -3.74 -1.91 18.65
N ARG B 433 -3.52 -0.94 17.75
CA ARG B 433 -2.33 -0.10 17.79
C ARG B 433 -2.76 1.36 17.88
N LYS B 434 -2.20 2.09 18.84
CA LYS B 434 -2.46 3.52 18.92
C LYS B 434 -1.86 4.24 17.72
N TRP B 435 -2.49 5.36 17.36
CA TRP B 435 -2.10 6.04 16.13
C TRP B 435 -0.64 6.49 16.16
N TYR B 436 -0.11 6.80 17.34
CA TYR B 436 1.26 7.29 17.46
C TYR B 436 2.26 6.18 17.73
N GLU B 437 1.82 4.94 17.92
CA GLU B 437 2.75 3.86 18.20
C GLU B 437 3.41 3.36 16.92
N LEU B 438 4.57 2.72 17.08
CA LEU B 438 5.21 2.02 15.98
C LEU B 438 4.36 0.83 15.57
N GLN B 439 4.27 0.58 14.26
CA GLN B 439 3.42 -0.51 13.78
C GLN B 439 3.94 -1.87 14.25
N TRP B 440 5.22 -2.14 14.02
CA TRP B 440 5.86 -3.35 14.52
C TRP B 440 7.13 -2.91 15.25
N GLY B 441 6.98 -2.60 16.54
CA GLY B 441 8.09 -2.12 17.32
C GLY B 441 9.02 -3.19 17.83
N ARG B 442 8.68 -4.46 17.60
CA ARG B 442 9.51 -5.59 17.98
C ARG B 442 9.84 -5.54 19.47
N GLU B 443 10.94 -6.17 19.87
CA GLU B 443 11.36 -6.24 21.25
C GLU B 443 12.66 -5.49 21.43
N LYS B 444 12.66 -4.46 22.28
CA LYS B 444 13.87 -3.67 22.52
C LYS B 444 15.01 -4.53 23.06
N LEU B 445 14.69 -5.50 23.91
CA LEU B 445 15.72 -6.36 24.49
C LEU B 445 16.51 -7.11 23.42
N PHE B 446 15.93 -7.30 22.23
CA PHE B 446 16.65 -7.93 21.14
C PHE B 446 17.65 -6.98 20.46
N PHE B 447 17.33 -5.69 20.37
CA PHE B 447 18.23 -4.75 19.74
C PHE B 447 19.30 -4.21 20.69
N GLU B 448 18.97 -4.09 21.98
CA GLU B 448 19.87 -3.45 22.94
C GLU B 448 20.77 -4.50 23.59
N ARG B 449 21.65 -5.06 22.76
CA ARG B 449 22.58 -6.09 23.17
C ARG B 449 23.62 -6.23 22.06
N LYS B 450 24.69 -6.98 22.35
CA LYS B 450 25.65 -7.34 21.33
C LYS B 450 25.00 -8.26 20.31
N LYS B 451 25.20 -7.97 19.03
CA LYS B 451 24.54 -8.75 17.99
C LYS B 451 25.26 -8.52 16.67
N ILE B 452 24.89 -9.32 15.68
CA ILE B 452 25.42 -9.23 14.32
C ILE B 452 24.33 -8.67 13.42
N MET B 453 24.71 -7.71 12.57
CA MET B 453 23.77 -7.08 11.66
C MET B 453 24.31 -7.15 10.23
N TYR B 454 23.39 -7.26 9.27
CA TYR B 454 23.79 -7.31 7.86
C TYR B 454 22.74 -6.64 6.99
N PRO B 455 23.15 -6.04 5.87
CA PRO B 455 22.17 -5.38 4.99
C PRO B 455 21.27 -6.39 4.30
N TYR B 456 20.04 -5.97 4.03
CA TYR B 456 19.06 -6.89 3.47
C TYR B 456 19.28 -7.10 1.98
N LYS B 457 20.00 -6.20 1.32
CA LYS B 457 20.33 -6.29 -0.09
C LYS B 457 21.73 -5.76 -0.25
N SER B 458 22.58 -6.49 -0.99
CA SER B 458 23.99 -6.13 -1.05
C SER B 458 24.65 -6.87 -2.19
N ASN B 459 25.81 -6.35 -2.60
CA ASN B 459 26.66 -7.00 -3.59
C ASN B 459 27.55 -8.09 -2.99
N GLU B 460 27.70 -8.14 -1.68
CA GLU B 460 28.67 -9.02 -1.06
C GLU B 460 28.32 -9.24 0.40
N ASN B 461 28.99 -10.21 1.02
CA ASN B 461 28.75 -10.53 2.43
C ASN B 461 29.27 -9.40 3.30
N ARG B 462 28.37 -8.78 4.06
CA ARG B 462 28.72 -7.70 4.99
C ARG B 462 28.06 -8.02 6.33
N PHE B 463 28.78 -8.74 7.20
CA PHE B 463 28.30 -9.07 8.53
C PHE B 463 29.12 -8.31 9.55
N ALA B 464 28.46 -7.52 10.38
CA ALA B 464 29.12 -6.63 11.32
C ALA B 464 28.67 -6.93 12.73
N ILE B 465 29.60 -6.84 13.68
CA ILE B 465 29.23 -6.89 15.09
C ILE B 465 28.79 -5.50 15.52
N ASP B 466 27.59 -5.40 16.08
CA ASP B 466 27.07 -4.15 16.60
C ASP B 466 27.33 -4.09 18.09
N TYR B 467 28.10 -3.08 18.52
CA TYR B 467 28.37 -2.86 19.92
C TYR B 467 27.54 -1.73 20.52
N ASP B 468 26.72 -1.05 19.71
CA ASP B 468 26.17 0.24 20.12
C ASP B 468 24.66 0.25 20.21
N ASN B 469 24.02 -0.92 20.34
CA ASN B 469 22.56 -1.01 20.48
C ASN B 469 21.85 -0.32 19.33
N ASN B 470 22.38 -0.48 18.11
CA ASN B 470 21.75 0.14 16.94
C ASN B 470 20.42 -0.52 16.65
N PHE B 471 19.40 0.30 16.43
CA PHE B 471 18.14 -0.14 15.83
C PHE B 471 18.19 0.10 14.32
N SER B 472 17.26 -0.51 13.61
CA SER B 472 17.19 -0.33 12.17
C SER B 472 15.80 -0.69 11.69
N SER B 473 15.52 -0.29 10.44
CA SER B 473 14.32 -0.71 9.75
C SER B 473 14.55 -2.10 9.17
N ALA B 474 13.65 -2.54 8.30
CA ALA B 474 13.75 -3.88 7.73
C ALA B 474 14.75 -3.97 6.58
N ASP B 475 15.52 -2.91 6.35
CA ASP B 475 16.62 -3.01 5.39
C ASP B 475 17.89 -3.55 6.03
N VAL B 476 17.87 -3.80 7.35
CA VAL B 476 18.97 -4.43 8.07
C VAL B 476 18.39 -5.56 8.91
N TYR B 477 19.00 -6.74 8.82
CA TYR B 477 18.60 -7.85 9.67
C TYR B 477 19.62 -8.05 10.77
N SER B 478 19.22 -8.80 11.80
CA SER B 478 20.06 -9.02 12.96
C SER B 478 19.95 -10.46 13.42
N PHE B 479 20.97 -10.91 14.13
CA PHE B 479 20.84 -12.12 14.92
C PHE B 479 21.83 -12.06 16.08
N PHE B 480 21.50 -12.78 17.14
CA PHE B 480 22.43 -13.02 18.23
C PHE B 480 22.54 -14.53 18.43
N ILE B 481 23.61 -14.94 19.11
CA ILE B 481 23.89 -16.36 19.32
C ILE B 481 23.10 -16.87 20.51
N LYS B 482 22.49 -18.05 20.35
CA LYS B 482 21.73 -18.65 21.44
C LYS B 482 22.63 -18.91 22.65
N GLU B 483 22.02 -18.88 23.84
CA GLU B 483 22.76 -19.11 25.07
C GLU B 483 23.52 -20.43 25.03
N GLU B 484 22.86 -21.50 24.58
CA GLU B 484 23.46 -22.82 24.63
C GLU B 484 24.54 -23.04 23.57
N TYR B 485 24.81 -22.06 22.72
CA TYR B 485 25.88 -22.18 21.75
C TYR B 485 27.03 -21.20 21.99
N LEU B 486 26.93 -20.35 23.01
CA LEU B 486 27.96 -19.34 23.26
C LEU B 486 29.31 -19.97 23.57
N ASP B 487 29.33 -21.18 24.12
CA ASP B 487 30.59 -21.85 24.37
C ASP B 487 31.16 -22.53 23.12
N LYS B 488 30.38 -22.67 22.06
CA LYS B 488 30.87 -23.25 20.82
C LYS B 488 31.23 -22.19 19.77
N PHE B 489 30.44 -21.12 19.65
CA PHE B 489 30.67 -20.10 18.64
C PHE B 489 30.66 -18.71 19.26
N SER B 490 31.56 -17.85 18.80
CA SER B 490 31.64 -16.47 19.24
C SER B 490 31.31 -15.54 18.08
N TYR B 491 30.91 -14.32 18.42
CA TYR B 491 30.59 -13.33 17.40
C TYR B 491 31.80 -13.05 16.52
N GLU B 492 32.99 -13.04 17.11
CA GLU B 492 34.19 -12.72 16.34
C GLU B 492 34.53 -13.85 15.36
N TYR B 493 34.32 -15.11 15.77
CA TYR B 493 34.49 -16.22 14.85
C TYR B 493 33.49 -16.13 13.70
N LEU B 494 32.23 -15.82 14.01
CA LEU B 494 31.18 -15.87 12.99
C LEU B 494 31.44 -14.83 11.89
N VAL B 495 31.68 -13.57 12.28
CA VAL B 495 31.96 -12.57 11.25
C VAL B 495 33.26 -12.85 10.55
N GLY B 496 34.16 -13.60 11.19
CA GLY B 496 35.37 -14.03 10.50
C GLY B 496 35.07 -14.96 9.33
N ILE B 497 34.21 -15.96 9.54
CA ILE B 497 33.94 -16.85 8.42
C ILE B 497 32.88 -16.25 7.50
N LEU B 498 31.90 -15.52 8.03
CA LEU B 498 30.81 -15.02 7.19
C LEU B 498 31.29 -13.96 6.20
N ASN B 499 32.35 -13.24 6.52
CA ASN B 499 32.88 -12.20 5.66
C ASN B 499 34.00 -12.69 4.74
N SER B 500 34.27 -13.99 4.75
CA SER B 500 35.39 -14.51 3.96
C SER B 500 35.01 -14.63 2.50
N SER B 501 36.04 -14.63 1.65
CA SER B 501 35.81 -14.86 0.22
C SER B 501 35.13 -16.19 -0.03
N VAL B 502 35.42 -17.19 0.80
CA VAL B 502 34.79 -18.50 0.65
C VAL B 502 33.28 -18.40 0.87
N TYR B 503 32.88 -17.76 1.98
CA TYR B 503 31.47 -17.72 2.31
C TYR B 503 30.70 -16.76 1.40
N ASP B 504 31.38 -15.74 0.86
CA ASP B 504 30.74 -14.90 -0.15
C ASP B 504 30.37 -15.72 -1.37
N LYS B 505 31.31 -16.51 -1.88
CA LYS B 505 31.03 -17.38 -3.02
C LYS B 505 30.00 -18.43 -2.66
N TYR B 506 30.09 -18.97 -1.44
CA TYR B 506 29.18 -20.03 -1.00
C TYR B 506 27.74 -19.54 -0.96
N PHE B 507 27.51 -18.39 -0.32
CA PHE B 507 26.15 -17.87 -0.21
C PHE B 507 25.56 -17.59 -1.59
N LYS B 508 26.36 -17.03 -2.49
CA LYS B 508 25.86 -16.66 -3.81
C LYS B 508 25.59 -17.86 -4.71
N ILE B 509 25.98 -19.07 -4.31
CA ILE B 509 25.62 -20.25 -5.08
C ILE B 509 24.11 -20.38 -5.20
N THR B 510 23.40 -20.09 -4.10
CA THR B 510 21.96 -20.26 -4.02
C THR B 510 21.22 -18.97 -3.72
N ALA B 511 21.92 -17.85 -3.57
CA ALA B 511 21.26 -16.62 -3.15
C ALA B 511 20.34 -16.08 -4.25
N LYS B 512 19.37 -15.28 -3.82
CA LYS B 512 18.35 -14.70 -4.68
C LYS B 512 18.92 -13.45 -5.36
N LYS B 513 19.23 -13.53 -6.65
CA LYS B 513 19.77 -12.39 -7.37
C LYS B 513 18.64 -11.44 -7.74
N MET B 514 18.70 -10.21 -7.22
CA MET B 514 17.60 -9.26 -7.32
C MET B 514 17.74 -8.30 -8.49
N SER B 515 18.85 -7.58 -8.56
CA SER B 515 19.13 -6.67 -9.67
C SER B 515 20.64 -6.64 -9.86
N LYS B 516 21.10 -5.79 -10.78
CA LYS B 516 22.52 -5.72 -11.07
C LYS B 516 23.30 -5.46 -9.79
N ASN B 517 24.21 -6.38 -9.46
CA ASN B 517 25.07 -6.30 -8.28
C ASN B 517 24.30 -6.35 -6.97
N ILE B 518 23.10 -6.91 -6.94
CA ILE B 518 22.30 -6.96 -5.71
C ILE B 518 21.76 -8.38 -5.50
N TYR B 519 22.11 -9.00 -4.39
CA TYR B 519 21.45 -10.20 -3.89
C TYR B 519 20.63 -9.85 -2.66
N ASP B 520 19.54 -10.60 -2.47
CA ASP B 520 18.85 -10.56 -1.19
C ASP B 520 19.70 -11.25 -0.12
N TYR B 521 19.87 -10.60 1.02
CA TYR B 521 20.41 -11.23 2.23
C TYR B 521 19.27 -11.22 3.24
N TYR B 522 18.40 -12.22 3.12
CA TYR B 522 17.25 -12.40 3.99
C TYR B 522 17.41 -13.67 4.81
N PRO B 523 16.83 -13.71 6.00
CA PRO B 523 16.93 -14.92 6.85
C PRO B 523 16.48 -16.20 6.16
N ASN B 524 15.54 -16.14 5.23
CA ASN B 524 15.10 -17.39 4.63
C ASN B 524 16.21 -18.08 3.84
N LYS B 525 17.29 -17.37 3.51
CA LYS B 525 18.49 -18.03 3.00
C LYS B 525 19.72 -17.83 3.88
N VAL B 526 19.85 -16.70 4.56
CA VAL B 526 21.02 -16.47 5.40
C VAL B 526 21.05 -17.45 6.57
N MET B 527 19.89 -17.72 7.17
CA MET B 527 19.89 -18.67 8.29
C MET B 527 20.12 -20.11 7.84
N LYS B 528 20.11 -20.38 6.54
CA LYS B 528 20.45 -21.72 6.06
C LYS B 528 21.95 -21.88 5.80
N ILE B 529 22.71 -20.80 5.90
CA ILE B 529 24.17 -20.88 5.77
C ILE B 529 24.70 -21.86 6.81
N ARG B 530 25.52 -22.79 6.36
CA ARG B 530 26.09 -23.79 7.24
C ARG B 530 27.48 -23.35 7.70
N ILE B 531 27.80 -23.66 8.96
CA ILE B 531 29.04 -23.23 9.59
C ILE B 531 29.71 -24.43 10.24
N PHE B 532 31.03 -24.33 10.40
CA PHE B 532 31.83 -25.41 10.91
C PHE B 532 32.60 -24.96 12.15
N ARG B 533 33.20 -25.93 12.81
CA ARG B 533 34.04 -25.69 13.98
C ARG B 533 35.07 -26.79 14.04
N ASP B 534 36.35 -26.43 13.94
CA ASP B 534 37.41 -27.45 13.90
C ASP B 534 38.68 -26.85 14.52
N ASN B 535 39.81 -27.51 14.25
CA ASN B 535 41.09 -27.13 14.86
C ASN B 535 41.56 -25.74 14.45
N ASN B 536 41.00 -25.17 13.40
CA ASN B 536 41.37 -23.82 12.98
C ASN B 536 40.57 -22.74 13.71
N TYR B 537 39.65 -23.12 14.60
CA TYR B 537 38.73 -22.17 15.20
C TYR B 537 39.49 -21.03 15.87
N GLU B 538 40.48 -21.37 16.69
CA GLU B 538 41.15 -20.35 17.51
C GLU B 538 41.89 -19.35 16.64
N GLU B 539 42.58 -19.82 15.60
CA GLU B 539 43.34 -18.90 14.75
C GLU B 539 42.42 -18.05 13.87
N ILE B 540 41.34 -18.65 13.37
CA ILE B 540 40.35 -17.86 12.62
C ILE B 540 39.79 -16.76 13.51
N GLU B 541 39.42 -17.12 14.74
CA GLU B 541 38.85 -16.13 15.65
C GLU B 541 39.86 -15.04 15.96
N ASN B 542 41.11 -15.42 16.16
CA ASN B 542 42.11 -14.42 16.51
C ASN B 542 42.37 -13.45 15.36
N LEU B 543 42.37 -13.95 14.12
CA LEU B 543 42.53 -13.05 12.97
C LEU B 543 41.37 -12.08 12.88
N SER B 544 40.16 -12.54 13.14
CA SER B 544 39.00 -11.66 13.12
C SER B 544 39.13 -10.57 14.19
N LYS B 545 39.59 -10.93 15.39
CA LYS B 545 39.76 -9.93 16.44
C LYS B 545 40.79 -8.89 16.05
N GLN B 546 41.89 -9.31 15.42
CA GLN B 546 42.90 -8.35 14.98
C GLN B 546 42.33 -7.38 13.96
N ILE B 547 41.54 -7.90 13.01
CA ILE B 547 40.92 -7.04 12.01
C ILE B 547 40.01 -6.02 12.66
N ILE B 548 39.21 -6.45 13.64
CA ILE B 548 38.30 -5.53 14.31
C ILE B 548 39.09 -4.44 15.03
N SER B 549 40.19 -4.81 15.69
CA SER B 549 40.99 -3.81 16.40
C SER B 549 41.58 -2.79 15.44
N ILE B 550 42.03 -3.24 14.27
CA ILE B 550 42.57 -2.32 13.28
C ILE B 550 41.47 -1.40 12.77
N LEU B 551 40.29 -1.96 12.49
CA LEU B 551 39.20 -1.17 11.95
C LEU B 551 38.68 -0.14 12.96
N LEU B 552 38.83 -0.39 14.25
CA LEU B 552 38.42 0.56 15.27
C LEU B 552 39.54 1.51 15.67
N ASN B 553 40.74 1.34 15.11
CA ASN B 553 41.88 2.16 15.50
C ASN B 553 41.75 3.58 14.90
N LYS B 554 42.59 4.49 15.40
CA LYS B 554 42.62 5.85 14.89
C LYS B 554 43.19 5.90 13.47
N SER B 555 44.26 5.18 13.21
CA SER B 555 44.82 5.03 11.87
C SER B 555 44.52 3.61 11.39
N ILE B 556 43.77 3.50 10.29
CA ILE B 556 43.40 2.20 9.75
C ILE B 556 44.41 1.81 8.68
N ASP B 557 45.15 0.73 8.94
CA ASP B 557 46.07 0.15 7.97
C ASP B 557 45.26 -0.79 7.08
N LYS B 558 44.71 -0.24 5.99
CA LYS B 558 43.95 -1.07 5.07
C LYS B 558 44.80 -2.18 4.48
N GLY B 559 46.11 -1.95 4.34
CA GLY B 559 46.99 -3.00 3.83
C GLY B 559 47.08 -4.19 4.75
N LYS B 560 47.18 -3.94 6.06
CA LYS B 560 47.32 -5.06 7.01
C LYS B 560 46.02 -5.85 7.13
N VAL B 561 44.86 -5.18 7.05
CA VAL B 561 43.59 -5.91 7.10
C VAL B 561 43.52 -6.89 5.94
N GLU B 562 43.95 -6.48 4.75
CA GLU B 562 43.92 -7.38 3.60
C GLU B 562 44.78 -8.61 3.85
N LYS B 563 45.99 -8.42 4.38
CA LYS B 563 46.86 -9.56 4.63
C LYS B 563 46.25 -10.51 5.66
N LEU B 564 45.65 -9.96 6.72
CA LEU B 564 44.96 -10.80 7.69
C LEU B 564 43.76 -11.49 7.07
N GLN B 565 43.01 -10.77 6.24
CA GLN B 565 41.84 -11.37 5.58
C GLN B 565 42.26 -12.50 4.65
N ILE B 566 43.32 -12.30 3.86
CA ILE B 566 43.81 -13.36 2.97
C ILE B 566 44.26 -14.56 3.79
N LYS B 567 44.98 -14.31 4.88
CA LYS B 567 45.41 -15.40 5.76
C LYS B 567 44.21 -16.15 6.32
N MET B 568 43.14 -15.43 6.66
CA MET B 568 41.94 -16.09 7.15
C MET B 568 41.22 -16.85 6.04
N ASP B 569 41.21 -16.28 4.82
CA ASP B 569 40.56 -16.96 3.71
C ASP B 569 41.19 -18.33 3.46
N ASN B 570 42.52 -18.41 3.51
CA ASN B 570 43.17 -19.67 3.24
C ASN B 570 42.94 -20.69 4.35
N LEU B 571 42.87 -20.23 5.60
CA LEU B 571 42.55 -21.16 6.70
C LEU B 571 41.18 -21.78 6.51
N ILE B 572 40.21 -20.98 6.08
CA ILE B 572 38.86 -21.50 5.85
C ILE B 572 38.84 -22.44 4.66
N MET B 573 39.61 -22.12 3.62
CA MET B 573 39.71 -23.04 2.48
C MET B 573 40.32 -24.36 2.92
N ASP B 574 41.32 -24.32 3.79
CA ASP B 574 41.92 -25.54 4.30
C ASP B 574 40.91 -26.35 5.11
N SER B 575 40.13 -25.68 5.96
CA SER B 575 39.17 -26.38 6.80
C SER B 575 38.10 -27.09 5.98
N LEU B 576 37.61 -26.44 4.92
CA LEU B 576 36.54 -26.99 4.11
C LEU B 576 37.06 -27.82 2.95
N GLY B 577 38.37 -27.91 2.76
CA GLY B 577 38.96 -28.72 1.72
C GLY B 577 38.68 -28.26 0.31
N ILE B 578 38.67 -26.95 0.08
CA ILE B 578 38.42 -26.39 -1.24
C ILE B 578 39.55 -25.47 -1.67
N GLY C 29 6.40 47.05 -18.00
CA GLY C 29 5.76 46.71 -19.26
C GLY C 29 4.25 46.88 -19.25
N ILE C 30 3.78 48.05 -19.70
CA ILE C 30 2.37 48.38 -19.76
C ILE C 30 1.97 48.50 -21.23
N TYR C 31 0.87 47.84 -21.61
CA TYR C 31 0.45 47.72 -23.00
C TYR C 31 -0.90 48.39 -23.20
N TYR C 32 -0.99 49.24 -24.21
CA TYR C 32 -2.19 50.02 -24.49
C TYR C 32 -3.09 49.24 -25.45
N THR C 33 -4.23 48.78 -24.97
CA THR C 33 -5.20 48.10 -25.83
C THR C 33 -5.98 49.13 -26.64
N PRO C 34 -6.13 48.92 -27.95
CA PRO C 34 -6.82 49.92 -28.78
C PRO C 34 -8.24 50.16 -28.33
N LYS C 35 -8.68 51.42 -28.49
CA LYS C 35 -9.94 51.85 -27.89
C LYS C 35 -11.12 51.01 -28.38
N ILE C 36 -11.17 50.70 -29.67
CA ILE C 36 -12.29 49.92 -30.18
C ILE C 36 -12.30 48.48 -29.67
N ILE C 37 -11.14 47.95 -29.27
CA ILE C 37 -11.12 46.60 -28.70
C ILE C 37 -11.75 46.61 -27.31
N VAL C 38 -11.39 47.59 -26.48
CA VAL C 38 -11.89 47.61 -25.11
C VAL C 38 -13.39 47.92 -25.10
N ASP C 39 -13.83 48.81 -25.99
CA ASP C 39 -15.26 49.09 -26.10
C ASP C 39 -16.04 47.82 -26.43
N TYR C 40 -15.51 47.03 -27.38
CA TYR C 40 -16.17 45.78 -27.77
C TYR C 40 -16.23 44.80 -26.62
N ILE C 41 -15.14 44.70 -25.85
CA ILE C 41 -15.09 43.74 -24.75
C ILE C 41 -16.06 44.13 -23.64
N VAL C 42 -16.09 45.41 -23.27
CA VAL C 42 -17.03 45.87 -22.26
C VAL C 42 -18.46 45.65 -22.73
N LYS C 43 -18.71 45.86 -24.02
CA LYS C 43 -20.03 45.60 -24.59
C LYS C 43 -20.39 44.13 -24.47
N LYS C 44 -19.44 43.23 -24.73
CA LYS C 44 -19.74 41.81 -24.74
C LYS C 44 -20.16 41.31 -23.36
N THR C 45 -19.70 41.95 -22.30
CA THR C 45 -20.06 41.50 -20.96
C THR C 45 -21.28 42.22 -20.41
N LEU C 46 -21.40 43.53 -20.63
CA LEU C 46 -22.41 44.35 -19.96
C LEU C 46 -23.63 44.63 -20.83
N LYS C 47 -23.73 44.00 -22.01
CA LYS C 47 -24.81 44.35 -22.94
C LYS C 47 -26.18 44.04 -22.38
N ASN C 48 -26.32 42.92 -21.67
CA ASN C 48 -27.63 42.40 -21.28
C ASN C 48 -27.80 42.33 -19.77
N HIS C 49 -27.11 43.18 -19.01
CA HIS C 49 -27.28 43.17 -17.57
C HIS C 49 -28.56 43.91 -17.20
N ASP C 50 -29.45 43.22 -16.48
CA ASP C 50 -30.67 43.85 -15.96
C ASP C 50 -30.28 44.61 -14.70
N ILE C 51 -30.08 45.92 -14.83
CA ILE C 51 -29.65 46.71 -13.69
C ILE C 51 -30.76 46.83 -12.66
N ILE C 52 -32.02 46.72 -13.08
CA ILE C 52 -33.12 46.73 -12.12
C ILE C 52 -33.15 45.43 -11.32
N LYS C 53 -32.91 44.29 -11.99
CA LYS C 53 -32.93 43.01 -11.30
C LYS C 53 -31.71 42.85 -10.38
N ASN C 54 -30.53 43.15 -10.89
CA ASN C 54 -29.28 43.05 -10.12
C ASN C 54 -28.63 44.43 -10.10
N PRO C 55 -28.98 45.29 -9.14
CA PRO C 55 -28.38 46.63 -9.08
C PRO C 55 -26.95 46.66 -8.57
N TYR C 56 -26.38 45.51 -8.19
CA TYR C 56 -25.03 45.45 -7.64
C TYR C 56 -24.19 44.49 -8.47
N PRO C 57 -23.85 44.86 -9.70
CA PRO C 57 -22.91 44.05 -10.48
C PRO C 57 -21.49 44.25 -10.00
N ARG C 58 -20.65 43.25 -10.25
CA ARG C 58 -19.26 43.27 -9.83
C ARG C 58 -18.39 42.96 -11.03
N ILE C 59 -17.73 43.99 -11.56
CA ILE C 59 -16.91 43.88 -12.77
C ILE C 59 -15.45 43.99 -12.34
N LEU C 60 -14.62 43.09 -12.85
CA LEU C 60 -13.23 42.96 -12.42
C LEU C 60 -12.28 42.97 -13.61
N ASP C 61 -11.13 43.61 -13.43
CA ASP C 61 -10.02 43.55 -14.37
C ASP C 61 -8.75 43.29 -13.56
N ILE C 62 -8.21 42.08 -13.64
CA ILE C 62 -7.08 41.69 -12.81
C ILE C 62 -5.75 42.07 -13.45
N SER C 63 -5.81 42.79 -14.56
CA SER C 63 -4.61 43.34 -15.20
C SER C 63 -4.91 44.77 -15.67
N CYS C 64 -5.53 45.55 -14.79
CA CYS C 64 -6.15 46.81 -15.20
C CYS C 64 -5.15 47.83 -15.71
N GLY C 65 -3.92 47.80 -15.22
CA GLY C 65 -2.94 48.80 -15.63
C GLY C 65 -3.41 50.19 -15.26
N CYS C 66 -3.38 51.10 -16.23
CA CYS C 66 -3.88 52.45 -16.03
C CYS C 66 -5.40 52.52 -16.01
N GLY C 67 -6.09 51.44 -16.35
CA GLY C 67 -7.54 51.41 -16.32
C GLY C 67 -8.18 51.58 -17.67
N ASN C 68 -7.59 50.98 -18.71
CA ASN C 68 -8.16 51.06 -20.05
C ASN C 68 -9.60 50.55 -20.05
N PHE C 69 -9.81 49.39 -19.44
CA PHE C 69 -11.13 48.77 -19.46
C PHE C 69 -12.04 49.33 -18.37
N LEU C 70 -11.49 49.52 -17.16
CA LEU C 70 -12.33 49.90 -16.03
C LEU C 70 -12.92 51.30 -16.19
N LEU C 71 -12.16 52.22 -16.79
CA LEU C 71 -12.71 53.55 -17.06
C LEU C 71 -13.89 53.46 -18.03
N GLU C 72 -13.79 52.59 -19.03
CA GLU C 72 -14.91 52.36 -19.94
C GLU C 72 -16.09 51.72 -19.23
N VAL C 73 -15.81 50.83 -18.27
CA VAL C 73 -16.89 50.24 -17.46
C VAL C 73 -17.64 51.33 -16.70
N TYR C 74 -16.92 52.29 -16.14
CA TYR C 74 -17.57 53.37 -15.42
C TYR C 74 -18.50 54.17 -16.32
N ASP C 75 -18.05 54.48 -17.54
CA ASP C 75 -18.89 55.23 -18.46
C ASP C 75 -20.16 54.47 -18.82
N ILE C 76 -20.03 53.17 -19.09
CA ILE C 76 -21.18 52.35 -19.44
C ILE C 76 -22.14 52.26 -18.25
N LEU C 77 -21.61 52.05 -17.05
CA LEU C 77 -22.44 51.93 -15.87
C LEU C 77 -23.16 53.24 -15.54
N TYR C 78 -22.47 54.37 -15.73
CA TYR C 78 -23.08 55.66 -15.39
C TYR C 78 -24.33 55.92 -16.23
N ASP C 79 -24.27 55.62 -17.53
CA ASP C 79 -25.45 55.78 -18.38
C ASP C 79 -26.53 54.76 -18.03
N LEU C 80 -26.13 53.56 -17.64
CA LEU C 80 -27.10 52.52 -17.31
C LEU C 80 -27.88 52.86 -16.06
N PHE C 81 -27.18 53.32 -15.01
CA PHE C 81 -27.88 53.78 -13.81
C PHE C 81 -28.72 55.02 -14.09
N GLU C 82 -28.18 55.96 -14.85
CA GLU C 82 -28.89 57.21 -15.12
C GLU C 82 -30.18 56.96 -15.88
N GLU C 83 -30.15 56.05 -16.86
CA GLU C 83 -31.33 55.79 -17.68
C GLU C 83 -32.45 55.14 -16.86
N ASN C 84 -32.11 54.43 -15.78
CA ASN C 84 -33.08 53.65 -15.01
C ASN C 84 -33.28 54.20 -13.60
N ILE C 85 -32.94 55.47 -13.36
CA ILE C 85 -32.92 55.98 -11.99
C ILE C 85 -34.33 56.04 -11.39
N TYR C 86 -35.36 56.19 -12.23
CA TYR C 86 -36.72 56.27 -11.69
C TYR C 86 -37.22 54.90 -11.23
N GLU C 87 -36.88 53.83 -11.96
CA GLU C 87 -37.26 52.49 -11.53
C GLU C 87 -36.48 52.07 -10.29
N LEU C 88 -35.25 52.55 -10.13
CA LEU C 88 -34.50 52.29 -8.91
C LEU C 88 -35.17 52.92 -7.71
N LYS C 89 -35.71 54.14 -7.87
CA LYS C 89 -36.41 54.81 -6.78
C LYS C 89 -37.71 54.11 -6.43
N LYS C 90 -38.38 53.50 -7.41
CA LYS C 90 -39.66 52.86 -7.16
C LYS C 90 -39.48 51.46 -6.56
N LYS C 91 -38.68 50.62 -7.20
CA LYS C 91 -38.48 49.25 -6.73
C LYS C 91 -37.71 49.22 -5.42
N TYR C 92 -36.59 49.94 -5.36
CA TYR C 92 -35.70 49.95 -4.21
C TYR C 92 -35.91 51.22 -3.39
N ASP C 93 -35.01 51.47 -2.45
CA ASP C 93 -35.09 52.64 -1.59
C ASP C 93 -35.13 53.92 -2.42
N GLU C 94 -36.22 54.68 -2.25
CA GLU C 94 -36.41 55.87 -3.08
C GLU C 94 -35.34 56.92 -2.82
N ASN C 95 -34.98 57.13 -1.55
CA ASN C 95 -34.08 58.23 -1.21
C ASN C 95 -32.65 57.95 -1.66
N TYR C 96 -32.14 56.73 -1.44
CA TYR C 96 -30.74 56.44 -1.72
C TYR C 96 -30.43 56.46 -3.22
N TRP C 97 -31.41 56.12 -4.05
CA TRP C 97 -31.18 56.00 -5.50
C TRP C 97 -31.36 57.35 -6.18
N THR C 98 -30.35 58.20 -5.98
CA THR C 98 -30.29 59.51 -6.61
C THR C 98 -29.15 59.55 -7.62
N VAL C 99 -29.29 60.43 -8.62
CA VAL C 99 -28.21 60.62 -9.58
C VAL C 99 -26.96 61.16 -8.90
N ASP C 100 -27.13 61.87 -7.77
CA ASP C 100 -25.99 62.40 -7.04
C ASP C 100 -25.13 61.29 -6.47
N ASN C 101 -25.74 60.22 -5.98
CA ASN C 101 -25.02 59.11 -5.35
C ASN C 101 -24.58 58.05 -6.35
N ILE C 102 -24.81 58.26 -7.65
CA ILE C 102 -24.43 57.26 -8.65
C ILE C 102 -22.91 57.10 -8.70
N HIS C 103 -22.19 58.21 -8.64
CA HIS C 103 -20.72 58.17 -8.71
C HIS C 103 -20.13 57.37 -7.56
N ARG C 104 -20.61 57.62 -6.33
CA ARG C 104 -20.10 56.89 -5.18
C ARG C 104 -20.53 55.43 -5.23
N HIS C 105 -21.72 55.15 -5.76
CA HIS C 105 -22.22 53.77 -5.79
C HIS C 105 -21.34 52.90 -6.68
N ILE C 106 -20.93 53.41 -7.84
CA ILE C 106 -20.14 52.61 -8.77
C ILE C 106 -18.79 52.26 -8.16
N LEU C 107 -18.13 53.25 -7.56
CA LEU C 107 -16.79 53.02 -7.02
C LEU C 107 -16.83 52.09 -5.81
N ASN C 108 -17.86 52.22 -4.96
CA ASN C 108 -17.89 51.47 -3.71
C ASN C 108 -18.23 49.99 -3.94
N TYR C 109 -19.15 49.71 -4.86
CA TYR C 109 -19.73 48.38 -4.97
C TYR C 109 -19.51 47.67 -6.30
N CYS C 110 -19.25 48.39 -7.39
CA CYS C 110 -19.32 47.80 -8.72
C CYS C 110 -17.97 47.53 -9.37
N ILE C 111 -17.04 48.48 -9.31
CA ILE C 111 -15.78 48.38 -10.05
C ILE C 111 -14.71 47.77 -9.13
N TYR C 112 -14.02 46.75 -9.66
CA TYR C 112 -12.90 46.11 -8.99
C TYR C 112 -11.73 46.00 -9.95
N GLY C 113 -10.54 46.26 -9.46
CA GLY C 113 -9.34 46.19 -10.30
C GLY C 113 -8.13 45.77 -9.50
N ALA C 114 -7.21 45.09 -10.17
CA ALA C 114 -5.98 44.63 -9.55
C ALA C 114 -4.83 44.73 -10.54
N ASP C 115 -3.66 45.16 -10.06
CA ASP C 115 -2.47 45.21 -10.90
C ASP C 115 -1.24 45.25 -10.02
N ILE C 116 -0.15 44.67 -10.54
CA ILE C 116 1.09 44.60 -9.78
C ILE C 116 1.78 45.97 -9.70
N ASP C 117 1.63 46.80 -10.74
CA ASP C 117 2.33 48.07 -10.79
C ASP C 117 1.66 49.08 -9.85
N GLU C 118 2.39 49.50 -8.82
CA GLU C 118 1.86 50.49 -7.89
C GLU C 118 1.63 51.84 -8.57
N LYS C 119 2.59 52.26 -9.41
CA LYS C 119 2.48 53.55 -10.08
C LYS C 119 1.26 53.60 -10.99
N ALA C 120 1.05 52.54 -11.79
CA ALA C 120 -0.09 52.52 -12.69
C ALA C 120 -1.41 52.46 -11.93
N ILE C 121 -1.46 51.68 -10.85
CA ILE C 121 -2.69 51.58 -10.07
C ILE C 121 -2.96 52.86 -9.30
N SER C 122 -1.93 53.68 -9.06
CA SER C 122 -2.16 55.00 -8.48
C SER C 122 -2.81 55.94 -9.49
N ILE C 123 -2.38 55.87 -10.75
CA ILE C 123 -2.97 56.71 -11.79
C ILE C 123 -4.46 56.41 -11.93
N LEU C 124 -4.81 55.13 -11.97
CA LEU C 124 -6.20 54.74 -12.11
C LEU C 124 -7.04 55.21 -10.93
N LYS C 125 -6.49 55.13 -9.71
CA LYS C 125 -7.23 55.58 -8.53
C LYS C 125 -7.55 57.07 -8.62
N ASP C 126 -6.55 57.88 -8.98
CA ASP C 126 -6.79 59.30 -9.20
C ASP C 126 -7.66 59.55 -10.43
N SER C 127 -7.49 58.73 -11.46
CA SER C 127 -8.29 58.89 -12.68
C SER C 127 -9.77 58.63 -12.40
N LEU C 128 -10.08 57.63 -11.56
CA LEU C 128 -11.46 57.33 -11.22
C LEU C 128 -12.07 58.43 -10.36
N THR C 129 -11.27 59.02 -9.46
CA THR C 129 -11.79 60.06 -8.58
C THR C 129 -12.23 61.29 -9.36
N ASN C 130 -11.62 61.56 -10.50
CA ASN C 130 -11.96 62.72 -11.31
C ASN C 130 -13.15 62.49 -12.23
N LYS C 131 -13.62 61.25 -12.35
CA LYS C 131 -14.75 60.94 -13.21
C LYS C 131 -16.08 61.25 -12.52
N ILE C 142 -15.77 57.54 -0.19
CA ILE C 142 -15.87 56.49 -1.19
C ILE C 142 -14.55 55.73 -1.28
N LYS C 143 -14.63 54.40 -1.25
CA LYS C 143 -13.45 53.54 -1.26
C LYS C 143 -13.42 52.76 -2.57
N ILE C 144 -12.53 53.16 -3.48
CA ILE C 144 -12.36 52.45 -4.74
C ILE C 144 -11.68 51.12 -4.46
N ASN C 145 -12.21 50.05 -5.07
CA ASN C 145 -11.73 48.69 -4.81
C ASN C 145 -10.60 48.34 -5.78
N LEU C 146 -9.45 48.97 -5.55
CA LEU C 146 -8.22 48.68 -6.28
C LEU C 146 -7.24 47.99 -5.35
N PHE C 147 -6.63 46.91 -5.82
CA PHE C 147 -5.69 46.13 -5.02
C PHE C 147 -4.39 45.98 -5.80
N CYS C 148 -3.30 46.49 -5.23
CA CYS C 148 -1.97 46.34 -5.83
C CYS C 148 -1.36 45.04 -5.30
N CYS C 149 -1.28 44.03 -6.15
CA CYS C 149 -0.86 42.70 -5.72
C CYS C 149 -0.61 41.86 -6.97
N ASP C 150 -0.26 40.59 -6.74
CA ASP C 150 -0.18 39.58 -7.78
C ASP C 150 -1.56 38.95 -7.94
N SER C 151 -2.20 39.18 -9.09
CA SER C 151 -3.57 38.72 -9.29
C SER C 151 -3.68 37.21 -9.21
N LEU C 152 -2.63 36.49 -9.62
CA LEU C 152 -2.68 35.04 -9.56
C LEU C 152 -2.63 34.50 -8.14
N LYS C 153 -2.32 35.33 -7.14
CA LYS C 153 -2.27 34.88 -5.76
C LYS C 153 -3.33 35.50 -4.86
N LYS C 154 -3.94 36.62 -5.26
CA LYS C 154 -4.89 37.32 -4.40
C LYS C 154 -6.13 36.47 -4.20
N LYS C 155 -6.31 35.95 -3.00
CA LYS C 155 -7.50 35.19 -2.67
C LYS C 155 -8.71 36.12 -2.63
N TRP C 156 -9.75 35.76 -3.36
CA TRP C 156 -10.96 36.58 -3.45
C TRP C 156 -12.04 35.99 -2.54
N ARG C 157 -12.61 36.84 -1.69
CA ARG C 157 -13.66 36.40 -0.77
C ARG C 157 -15.03 36.39 -1.43
N TYR C 158 -15.11 36.71 -2.71
CA TYR C 158 -16.39 36.88 -3.40
C TYR C 158 -16.17 36.86 -4.91
N LYS C 159 -16.98 36.06 -5.61
CA LYS C 159 -16.84 35.92 -7.06
C LYS C 159 -17.47 37.11 -7.78
N PHE C 160 -17.24 37.18 -9.09
CA PHE C 160 -17.53 38.37 -9.88
C PHE C 160 -18.51 38.06 -11.01
N ASP C 161 -19.44 39.00 -11.23
CA ASP C 161 -20.41 38.85 -12.31
C ASP C 161 -19.78 39.02 -13.68
N TYR C 162 -18.78 39.89 -13.81
CA TYR C 162 -18.18 40.17 -15.10
C TYR C 162 -16.68 40.37 -14.94
N ILE C 163 -15.92 39.85 -15.89
CA ILE C 163 -14.46 39.99 -15.91
C ILE C 163 -14.04 40.40 -17.32
N VAL C 164 -13.22 41.46 -17.40
CA VAL C 164 -12.69 41.96 -18.66
C VAL C 164 -11.22 42.24 -18.46
N GLY C 165 -10.50 42.35 -19.58
CA GLY C 165 -9.16 42.89 -19.53
C GLY C 165 -8.22 42.26 -20.54
N ASN C 166 -6.96 42.67 -20.42
CA ASN C 166 -5.89 42.24 -21.32
C ASN C 166 -4.74 41.76 -20.44
N PRO C 167 -4.64 40.47 -20.17
CA PRO C 167 -3.63 39.97 -19.21
C PRO C 167 -2.23 40.08 -19.79
N PRO C 168 -1.19 39.99 -18.95
CA PRO C 168 0.17 40.01 -19.48
C PRO C 168 0.50 38.72 -20.20
N TYR C 169 1.27 38.83 -21.28
CA TYR C 169 1.76 37.68 -22.03
C TYR C 169 3.25 37.56 -21.77
N ILE C 170 3.67 36.45 -21.16
CA ILE C 170 5.09 36.22 -20.88
C ILE C 170 5.40 34.76 -21.17
N GLY C 171 6.29 34.52 -22.13
CA GLY C 171 6.66 33.18 -22.53
C GLY C 171 7.70 32.54 -21.62
N HIS C 172 8.09 31.32 -21.98
CA HIS C 172 8.94 30.52 -21.11
C HIS C 172 10.35 31.08 -20.99
N LYS C 173 10.84 31.79 -22.00
CA LYS C 173 12.16 32.40 -21.89
C LYS C 173 12.17 33.60 -20.96
N LYS C 174 11.16 34.47 -21.07
CA LYS C 174 11.17 35.77 -20.41
C LYS C 174 10.55 35.76 -19.02
N LEU C 175 9.95 34.65 -18.60
CA LEU C 175 9.37 34.52 -17.28
C LEU C 175 10.44 34.09 -16.29
N GLU C 176 10.61 34.87 -15.22
CA GLU C 176 11.65 34.57 -14.23
C GLU C 176 11.44 33.18 -13.65
N LYS C 177 12.53 32.41 -13.56
CA LYS C 177 12.43 31.02 -13.15
C LYS C 177 11.95 30.87 -11.71
N LYS C 178 12.14 31.89 -10.87
CA LYS C 178 11.66 31.84 -9.49
C LYS C 178 10.13 31.75 -9.45
N TYR C 179 9.44 32.55 -10.28
CA TYR C 179 7.99 32.56 -10.30
C TYR C 179 7.38 31.37 -11.02
N LYS C 180 8.17 30.59 -11.75
CA LYS C 180 7.62 29.43 -12.45
C LYS C 180 7.31 28.28 -11.50
N LYS C 181 8.07 28.14 -10.42
CA LYS C 181 7.80 27.06 -9.47
C LYS C 181 6.41 27.19 -8.87
N PHE C 182 5.98 28.41 -8.60
CA PHE C 182 4.62 28.63 -8.12
C PHE C 182 3.59 28.25 -9.19
N LEU C 183 3.82 28.67 -10.44
CA LEU C 183 2.86 28.36 -11.51
C LEU C 183 2.75 26.86 -11.75
N LEU C 184 3.90 26.16 -11.72
CA LEU C 184 3.90 24.73 -11.99
C LEU C 184 3.19 23.93 -10.90
N GLU C 185 3.01 24.50 -9.70
CA GLU C 185 2.31 23.79 -8.64
C GLU C 185 0.81 24.05 -8.68
N LYS C 186 0.41 25.31 -8.54
CA LYS C 186 -1.01 25.66 -8.38
C LYS C 186 -1.76 25.78 -9.69
N TYR C 187 -1.07 26.08 -10.80
CA TYR C 187 -1.72 26.26 -12.09
C TYR C 187 -1.38 25.15 -13.06
N SER C 188 -1.05 23.96 -12.53
CA SER C 188 -0.61 22.85 -13.37
C SER C 188 -1.67 22.39 -14.36
N GLU C 189 -2.95 22.61 -14.06
CA GLU C 189 -4.01 22.21 -14.98
C GLU C 189 -3.91 22.94 -16.32
N VAL C 190 -3.27 24.11 -16.36
CA VAL C 190 -3.12 24.83 -17.62
C VAL C 190 -1.67 25.18 -17.94
N TYR C 191 -0.77 25.22 -16.97
CA TYR C 191 0.60 25.68 -17.18
C TYR C 191 1.57 24.51 -16.99
N LYS C 192 2.40 24.28 -18.00
CA LYS C 192 3.28 23.12 -18.04
C LYS C 192 4.22 23.30 -19.22
N ASP C 193 5.45 22.79 -19.08
CA ASP C 193 6.47 22.88 -20.11
C ASP C 193 6.65 24.29 -20.65
N LYS C 194 6.38 24.50 -21.94
CA LYS C 194 6.63 25.79 -22.60
C LYS C 194 5.40 26.68 -22.64
N ALA C 195 4.46 26.50 -21.71
CA ALA C 195 3.24 27.29 -21.67
C ALA C 195 3.57 28.76 -21.36
N ASP C 196 2.55 29.61 -21.48
CA ASP C 196 2.67 31.05 -21.30
C ASP C 196 1.91 31.50 -20.06
N LEU C 197 2.32 32.65 -19.52
CA LEU C 197 1.70 33.16 -18.30
C LEU C 197 0.22 33.43 -18.49
N TYR C 198 -0.19 33.90 -19.67
CA TYR C 198 -1.59 34.22 -19.88
C TYR C 198 -2.48 32.98 -19.85
N PHE C 199 -1.91 31.78 -19.92
CA PHE C 199 -2.70 30.58 -19.70
C PHE C 199 -3.27 30.59 -18.28
N CYS C 200 -2.46 31.01 -17.31
CA CYS C 200 -2.89 31.01 -15.92
C CYS C 200 -3.94 32.08 -15.64
N PHE C 201 -3.85 33.22 -16.34
CA PHE C 201 -4.89 34.24 -16.18
C PHE C 201 -6.24 33.74 -16.68
N TYR C 202 -6.25 32.92 -17.73
CA TYR C 202 -7.49 32.26 -18.15
C TYR C 202 -8.06 31.42 -17.03
N LYS C 203 -7.22 30.60 -16.39
CA LYS C 203 -7.71 29.75 -15.31
C LYS C 203 -8.22 30.58 -14.13
N LYS C 204 -7.48 31.63 -13.76
CA LYS C 204 -7.91 32.47 -12.64
C LYS C 204 -9.23 33.16 -12.93
N ILE C 205 -9.38 33.69 -14.14
CA ILE C 205 -10.62 34.38 -14.51
C ILE C 205 -11.80 33.43 -14.49
N ILE C 206 -11.63 32.23 -15.04
CA ILE C 206 -12.70 31.24 -15.05
C ILE C 206 -13.10 30.88 -13.62
N ASP C 207 -12.12 30.69 -12.73
CA ASP C 207 -12.42 30.17 -11.41
C ASP C 207 -13.14 31.21 -10.54
N ILE C 208 -12.83 32.49 -10.71
CA ILE C 208 -13.43 33.51 -9.84
C ILE C 208 -14.60 34.17 -10.54
N LEU C 209 -15.06 33.57 -11.64
CA LEU C 209 -16.25 34.06 -12.31
C LEU C 209 -17.48 33.48 -11.65
N LYS C 210 -18.38 34.36 -11.22
CA LYS C 210 -19.61 33.96 -10.57
C LYS C 210 -20.48 33.17 -11.54
N GLN C 211 -21.29 32.26 -10.99
CA GLN C 211 -22.18 31.45 -11.82
C GLN C 211 -23.18 32.35 -12.53
N GLY C 212 -23.33 32.13 -13.84
CA GLY C 212 -24.11 33.01 -14.67
C GLY C 212 -23.37 34.23 -15.18
N GLY C 213 -22.11 34.41 -14.80
CA GLY C 213 -21.34 35.57 -15.21
C GLY C 213 -20.78 35.44 -16.61
N ILE C 214 -20.20 36.54 -17.09
CA ILE C 214 -19.66 36.63 -18.43
C ILE C 214 -18.24 37.16 -18.35
N GLY C 215 -17.33 36.55 -19.11
CA GLY C 215 -15.97 37.02 -19.20
C GLY C 215 -15.55 37.26 -20.63
N SER C 216 -14.74 38.31 -20.84
CA SER C 216 -14.25 38.66 -22.16
C SER C 216 -12.86 39.26 -22.04
N VAL C 217 -11.90 38.70 -22.79
CA VAL C 217 -10.51 39.13 -22.76
C VAL C 217 -9.94 39.11 -24.17
N ILE C 218 -8.87 39.87 -24.37
CA ILE C 218 -8.01 39.75 -25.54
C ILE C 218 -6.68 39.17 -25.10
N THR C 219 -6.26 38.09 -25.75
CA THR C 219 -5.03 37.37 -25.44
C THR C 219 -4.36 37.02 -26.76
N PRO C 220 -3.14 36.48 -26.76
CA PRO C 220 -2.59 35.94 -28.01
C PRO C 220 -3.46 34.81 -28.52
N ARG C 221 -3.45 34.62 -29.83
CA ARG C 221 -4.26 33.59 -30.47
C ARG C 221 -3.64 32.20 -30.41
N TYR C 222 -2.35 32.09 -30.04
CA TYR C 222 -1.59 30.88 -30.30
C TYR C 222 -2.12 29.67 -29.55
N PHE C 223 -2.76 29.88 -28.39
CA PHE C 223 -3.27 28.74 -27.63
C PHE C 223 -4.36 27.98 -28.37
N LEU C 224 -4.97 28.58 -29.38
CA LEU C 224 -6.03 27.91 -30.14
C LEU C 224 -5.50 26.71 -30.92
N GLU C 225 -4.21 26.74 -31.29
CA GLU C 225 -3.60 25.68 -32.08
C GLU C 225 -2.38 25.04 -31.44
N SER C 226 -1.69 25.74 -30.54
CA SER C 226 -0.36 25.32 -30.10
C SER C 226 -0.42 24.05 -29.25
N LEU C 227 0.67 23.29 -29.30
CA LEU C 227 0.80 22.10 -28.49
C LEU C 227 0.72 22.45 -27.00
N SER C 228 1.34 23.57 -26.61
CA SER C 228 1.36 23.95 -25.20
C SER C 228 -0.05 24.27 -24.69
N GLY C 229 -0.94 24.71 -25.57
CA GLY C 229 -2.27 25.12 -25.17
C GLY C 229 -3.28 24.01 -25.01
N LYS C 230 -2.88 22.74 -25.18
CA LYS C 230 -3.85 21.65 -25.14
C LYS C 230 -4.56 21.59 -23.79
N ASP C 231 -3.82 21.73 -22.69
CA ASP C 231 -4.44 21.72 -21.37
C ASP C 231 -5.37 22.90 -21.18
N LEU C 232 -4.95 24.09 -21.66
CA LEU C 232 -5.80 25.27 -21.53
C LEU C 232 -7.11 25.11 -22.28
N ARG C 233 -7.05 24.60 -23.51
CA ARG C 233 -8.28 24.40 -24.30
C ARG C 233 -9.24 23.46 -23.59
N GLU C 234 -8.71 22.40 -22.96
CA GLU C 234 -9.55 21.50 -22.19
C GLU C 234 -10.20 22.22 -21.00
N TYR C 235 -9.41 23.03 -20.28
CA TYR C 235 -9.94 23.72 -19.11
C TYR C 235 -11.04 24.70 -19.50
N ILE C 236 -10.82 25.46 -20.58
CA ILE C 236 -11.85 26.38 -21.07
C ILE C 236 -13.07 25.59 -21.52
N LYS C 237 -12.85 24.52 -22.29
CA LYS C 237 -13.95 23.75 -22.87
C LYS C 237 -14.83 23.12 -21.80
N SER C 238 -14.24 22.72 -20.67
CA SER C 238 -14.97 21.98 -19.66
C SER C 238 -15.64 22.84 -18.60
N ASN C 239 -15.28 24.11 -18.47
CA ASN C 239 -15.75 24.92 -17.35
C ASN C 239 -16.62 26.11 -17.73
N VAL C 240 -16.53 26.61 -18.98
CA VAL C 240 -17.34 27.74 -19.40
C VAL C 240 -17.96 27.41 -20.75
N ASN C 241 -19.04 28.13 -21.06
CA ASN C 241 -19.61 28.12 -22.39
C ASN C 241 -18.92 29.21 -23.20
N VAL C 242 -18.23 28.82 -24.27
CA VAL C 242 -17.59 29.80 -25.14
C VAL C 242 -18.67 30.40 -26.05
N GLN C 243 -18.89 31.70 -25.92
CA GLN C 243 -19.88 32.36 -26.77
C GLN C 243 -19.32 32.69 -28.14
N GLU C 244 -18.10 33.23 -28.19
CA GLU C 244 -17.61 33.82 -29.42
C GLU C 244 -16.09 33.89 -29.41
N ILE C 245 -15.49 33.61 -30.56
CA ILE C 245 -14.05 33.77 -30.77
C ILE C 245 -13.86 34.73 -31.94
N VAL C 246 -13.13 35.81 -31.72
CA VAL C 246 -12.73 36.73 -32.78
C VAL C 246 -11.26 36.48 -33.02
N ASP C 247 -10.93 35.91 -34.19
CA ASP C 247 -9.56 35.51 -34.52
C ASP C 247 -9.01 36.49 -35.54
N PHE C 248 -8.02 37.28 -35.13
CA PHE C 248 -7.41 38.28 -36.00
C PHE C 248 -6.24 37.72 -36.82
N LEU C 249 -5.92 36.44 -36.66
CA LEU C 249 -4.84 35.78 -37.41
C LEU C 249 -3.57 36.63 -37.27
N GLY C 250 -2.84 36.88 -38.34
CA GLY C 250 -1.60 37.63 -38.24
C GLY C 250 -1.73 39.14 -38.28
N ALA C 251 -2.93 39.68 -38.13
CA ALA C 251 -3.10 41.13 -38.15
C ALA C 251 -2.36 41.76 -36.96
N ASN C 252 -1.99 43.03 -37.12
CA ASN C 252 -1.20 43.75 -36.12
C ASN C 252 -2.13 44.64 -35.31
N ILE C 253 -2.71 44.08 -34.26
CA ILE C 253 -3.64 44.83 -33.41
C ILE C 253 -2.89 45.85 -32.56
N PHE C 254 -1.75 45.47 -32.01
CA PHE C 254 -0.98 46.34 -31.12
C PHE C 254 0.17 46.95 -31.90
N LYS C 255 0.21 48.28 -31.97
CA LYS C 255 1.23 48.98 -32.74
C LYS C 255 2.62 48.68 -32.19
N ASN C 256 3.55 48.35 -33.09
CA ASN C 256 4.94 48.06 -32.78
C ASN C 256 5.10 46.86 -31.84
N ILE C 257 4.13 45.95 -31.83
CA ILE C 257 4.17 44.76 -30.99
C ILE C 257 4.05 43.54 -31.90
N GLY C 258 5.00 42.60 -31.76
CA GLY C 258 4.99 41.41 -32.57
C GLY C 258 4.16 40.28 -31.98
N VAL C 259 2.86 40.48 -31.86
CA VAL C 259 1.96 39.47 -31.33
C VAL C 259 0.71 39.42 -32.21
N SER C 260 0.08 38.26 -32.23
CA SER C 260 -1.20 38.05 -32.91
C SER C 260 -2.26 37.74 -31.88
N SER C 261 -3.47 38.27 -32.09
CA SER C 261 -4.43 38.45 -31.02
C SER C 261 -5.76 37.77 -31.33
N CYS C 262 -6.51 37.50 -30.27
CA CYS C 262 -7.88 37.02 -30.39
C CYS C 262 -8.67 37.48 -29.19
N ILE C 263 -10.00 37.48 -29.34
CA ILE C 263 -10.92 37.88 -28.28
C ILE C 263 -11.83 36.72 -27.96
N LEU C 264 -11.88 36.32 -26.70
CA LEU C 264 -12.74 35.23 -26.24
C LEU C 264 -13.82 35.80 -25.32
N THR C 265 -15.06 35.43 -25.58
CA THR C 265 -16.18 35.74 -24.71
C THR C 265 -16.81 34.42 -24.26
N PHE C 266 -17.04 34.30 -22.96
CA PHE C 266 -17.50 33.04 -22.39
C PHE C 266 -18.34 33.33 -21.16
N ASP C 267 -19.14 32.33 -20.77
CA ASP C 267 -20.07 32.51 -19.68
C ASP C 267 -20.21 31.21 -18.90
N LYS C 268 -20.72 31.33 -17.69
CA LYS C 268 -21.08 30.17 -16.86
C LYS C 268 -22.59 30.04 -16.73
N LYS C 269 -23.33 30.44 -17.77
CA LYS C 269 -24.78 30.39 -17.75
C LYS C 269 -25.27 28.96 -18.01
N LYS C 270 -26.59 28.78 -17.88
CA LYS C 270 -27.21 27.48 -18.14
C LYS C 270 -26.90 27.03 -19.56
N THR C 271 -26.22 25.90 -19.70
CA THR C 271 -25.76 25.43 -21.00
C THR C 271 -26.96 25.04 -21.87
N LYS C 272 -26.98 25.55 -23.10
CA LYS C 272 -28.03 25.25 -24.05
C LYS C 272 -27.65 25.71 -25.45
N GLU C 273 -27.79 24.83 -26.45
CA GLU C 273 -27.48 25.14 -27.85
C GLU C 273 -26.13 25.82 -27.98
N THR C 274 -25.09 25.13 -27.51
CA THR C 274 -23.76 25.71 -27.38
C THR C 274 -23.09 25.85 -28.74
N TYR C 275 -23.60 26.76 -29.58
CA TYR C 275 -22.95 27.09 -30.85
C TYR C 275 -22.01 28.27 -30.65
N ILE C 276 -20.74 28.07 -30.96
CA ILE C 276 -19.74 29.11 -30.82
C ILE C 276 -19.71 29.96 -32.09
N ASP C 277 -19.79 31.28 -31.92
CA ASP C 277 -19.68 32.22 -33.03
C ASP C 277 -18.21 32.51 -33.27
N VAL C 278 -17.68 32.09 -34.42
CA VAL C 278 -16.27 32.28 -34.74
C VAL C 278 -16.16 33.32 -35.86
N PHE C 279 -15.34 34.33 -35.63
CA PHE C 279 -15.02 35.36 -36.63
C PHE C 279 -13.54 35.26 -36.96
N LYS C 280 -13.24 34.87 -38.21
CA LYS C 280 -11.88 34.79 -38.70
C LYS C 280 -11.65 35.91 -39.72
N ILE C 281 -10.63 36.72 -39.50
CA ILE C 281 -10.34 37.81 -40.42
C ILE C 281 -9.92 37.24 -41.77
N LYS C 282 -10.31 37.93 -42.85
CA LYS C 282 -9.97 37.50 -44.20
C LYS C 282 -8.74 38.19 -44.76
N ASN C 283 -8.50 39.44 -44.34
CA ASN C 283 -7.34 40.21 -44.81
C ASN C 283 -6.52 40.61 -43.59
N GLU C 284 -5.33 40.05 -43.46
CA GLU C 284 -4.47 40.38 -42.33
C GLU C 284 -3.89 41.79 -42.41
N ASP C 285 -4.06 42.48 -43.53
CA ASP C 285 -3.46 43.79 -43.75
C ASP C 285 -4.29 44.95 -43.21
N ILE C 286 -5.46 44.69 -42.63
CA ILE C 286 -6.30 45.79 -42.19
C ILE C 286 -5.65 46.50 -41.00
N CYS C 287 -5.91 47.80 -40.88
CA CYS C 287 -5.44 48.60 -39.77
C CYS C 287 -6.62 48.86 -38.83
N ILE C 288 -6.48 48.47 -37.58
CA ILE C 288 -7.60 48.48 -36.64
C ILE C 288 -8.02 49.90 -36.31
N ASN C 289 -7.08 50.86 -36.31
CA ASN C 289 -7.39 52.24 -35.92
C ASN C 289 -8.24 52.98 -36.93
N LYS C 290 -8.46 52.41 -38.11
CA LYS C 290 -9.18 53.09 -39.19
C LYS C 290 -10.68 52.82 -39.17
N PHE C 291 -11.20 52.13 -38.16
CA PHE C 291 -12.61 51.77 -38.12
C PHE C 291 -13.25 52.26 -36.83
N GLU C 292 -14.46 52.81 -36.97
CA GLU C 292 -15.14 53.42 -35.82
C GLU C 292 -15.46 52.40 -34.75
N THR C 293 -15.95 51.23 -35.14
CA THR C 293 -16.28 50.17 -34.20
C THR C 293 -15.78 48.84 -34.74
N LEU C 294 -15.63 47.88 -33.81
CA LEU C 294 -15.26 46.53 -34.22
C LEU C 294 -16.41 45.83 -34.93
N GLU C 295 -17.66 46.14 -34.56
CA GLU C 295 -18.80 45.52 -35.21
C GLU C 295 -18.86 45.84 -36.70
N GLU C 296 -18.40 47.04 -37.08
CA GLU C 296 -18.35 47.37 -38.51
C GLU C 296 -17.49 46.38 -39.27
N LEU C 297 -16.36 45.96 -38.68
CA LEU C 297 -15.52 44.95 -39.32
C LEU C 297 -16.17 43.58 -39.29
N LEU C 298 -16.70 43.18 -38.13
CA LEU C 298 -17.26 41.83 -38.00
C LEU C 298 -18.44 41.62 -38.93
N LYS C 299 -19.33 42.60 -39.02
CA LYS C 299 -20.53 42.50 -39.84
C LYS C 299 -20.28 43.00 -41.25
N SER C 300 -19.25 42.46 -41.90
CA SER C 300 -18.82 42.93 -43.21
C SER C 300 -18.06 41.81 -43.93
N SER C 301 -17.63 42.12 -45.16
CA SER C 301 -16.86 41.17 -45.95
C SER C 301 -15.46 40.92 -45.39
N LYS C 302 -14.99 41.77 -44.48
CA LYS C 302 -13.63 41.63 -43.94
C LYS C 302 -13.47 40.42 -43.02
N PHE C 303 -14.57 39.85 -42.53
CA PHE C 303 -14.52 38.74 -41.59
C PHE C 303 -15.44 37.62 -42.07
N GLU C 304 -14.96 36.39 -41.98
CA GLU C 304 -15.80 35.22 -42.19
C GLU C 304 -16.43 34.81 -40.87
N HIS C 305 -17.68 34.36 -40.92
CA HIS C 305 -18.36 33.83 -39.75
C HIS C 305 -18.83 32.41 -40.02
N PHE C 306 -18.74 31.57 -38.98
CA PHE C 306 -19.33 30.23 -39.00
C PHE C 306 -19.53 29.78 -37.56
N ASN C 307 -20.36 28.76 -37.40
CA ASN C 307 -20.71 28.22 -36.09
C ASN C 307 -19.91 26.95 -35.81
N ILE C 308 -19.53 26.76 -34.56
CA ILE C 308 -18.83 25.57 -34.10
C ILE C 308 -19.59 25.01 -32.90
N ASN C 309 -19.85 23.70 -32.91
CA ASN C 309 -20.48 23.05 -31.77
C ASN C 309 -19.44 22.76 -30.71
N GLN C 310 -19.61 23.36 -29.52
CA GLN C 310 -18.62 23.20 -28.46
C GLN C 310 -18.53 21.75 -28.00
N ARG C 311 -19.66 21.05 -27.96
CA ARG C 311 -19.65 19.65 -27.55
C ARG C 311 -18.88 18.75 -28.51
N LEU C 312 -18.69 19.20 -29.76
CA LEU C 312 -18.01 18.42 -30.78
C LEU C 312 -16.51 18.72 -30.86
N LEU C 313 -16.00 19.62 -30.03
CA LEU C 313 -14.57 19.87 -30.01
C LEU C 313 -13.82 18.70 -29.39
N SER C 314 -12.69 18.36 -29.99
CA SER C 314 -11.76 17.41 -29.40
C SER C 314 -10.72 18.18 -28.59
N ASP C 315 -9.61 17.54 -28.22
CA ASP C 315 -8.49 18.27 -27.65
C ASP C 315 -7.89 19.28 -28.64
N GLU C 316 -8.10 19.07 -29.94
CA GLU C 316 -7.72 20.04 -30.96
C GLU C 316 -8.97 20.76 -31.44
N TRP C 317 -8.91 22.09 -31.49
CA TRP C 317 -10.03 22.92 -31.93
C TRP C 317 -9.86 23.23 -33.41
N ILE C 318 -10.63 22.54 -34.25
CA ILE C 318 -10.61 22.77 -35.70
C ILE C 318 -11.68 23.83 -35.97
N LEU C 319 -11.26 25.09 -36.03
CA LEU C 319 -12.19 26.21 -36.20
C LEU C 319 -12.22 26.58 -37.68
N VAL C 320 -12.90 25.76 -38.46
CA VAL C 320 -12.99 25.94 -39.91
C VAL C 320 -14.45 25.78 -40.33
N ASN C 321 -14.75 26.26 -41.53
CA ASN C 321 -16.12 26.19 -42.01
C ASN C 321 -16.46 24.78 -42.46
N LYS C 322 -17.69 24.61 -42.98
CA LYS C 322 -18.17 23.28 -43.34
C LYS C 322 -17.36 22.66 -44.47
N ASP C 323 -17.01 23.47 -45.48
CA ASP C 323 -16.28 22.95 -46.62
C ASP C 323 -14.90 22.44 -46.22
N ASP C 324 -14.19 23.20 -45.38
CA ASP C 324 -12.86 22.79 -44.95
C ASP C 324 -12.92 21.55 -44.06
N GLU C 325 -13.96 21.44 -43.24
CA GLU C 325 -14.12 20.26 -42.39
C GLU C 325 -14.27 19.00 -43.23
N THR C 326 -15.12 19.06 -44.25
CA THR C 326 -15.28 17.92 -45.15
C THR C 326 -13.99 17.60 -45.89
N PHE C 327 -13.32 18.64 -46.38
CA PHE C 327 -12.06 18.47 -47.09
C PHE C 327 -11.01 17.84 -46.18
N TYR C 328 -10.87 18.37 -44.96
CA TYR C 328 -9.88 17.87 -44.02
C TYR C 328 -10.17 16.42 -43.65
N ASN C 329 -11.44 16.10 -43.37
CA ASN C 329 -11.78 14.74 -42.97
C ASN C 329 -11.61 13.75 -44.11
N LYS C 330 -11.86 14.17 -45.35
CA LYS C 330 -11.66 13.29 -46.50
C LYS C 330 -10.20 12.84 -46.59
N ILE C 331 -9.27 13.79 -46.45
CA ILE C 331 -7.86 13.44 -46.52
C ILE C 331 -7.46 12.54 -45.36
N GLN C 332 -7.94 12.84 -44.16
CA GLN C 332 -7.55 12.06 -42.98
C GLN C 332 -7.97 10.60 -43.11
N GLU C 333 -9.19 10.37 -43.59
CA GLU C 333 -9.68 9.00 -43.71
C GLU C 333 -8.96 8.25 -44.82
N LYS C 334 -8.69 8.91 -45.94
CA LYS C 334 -8.14 8.21 -47.10
C LYS C 334 -6.69 7.80 -46.91
N CYS C 335 -5.92 8.56 -46.13
CA CYS C 335 -4.50 8.28 -45.97
C CYS C 335 -4.28 7.25 -44.88
N LYS C 336 -3.49 6.22 -45.19
CA LYS C 336 -3.18 5.17 -44.22
C LYS C 336 -1.90 5.42 -43.44
N TYR C 337 -1.13 6.45 -43.80
CA TYR C 337 0.17 6.70 -43.21
C TYR C 337 0.24 8.13 -42.71
N SER C 338 1.17 8.37 -41.77
CA SER C 338 1.57 9.70 -41.38
C SER C 338 3.07 9.84 -41.60
N LEU C 339 3.54 11.09 -41.70
CA LEU C 339 4.97 11.31 -41.83
C LEU C 339 5.73 10.71 -40.65
N GLU C 340 5.16 10.81 -39.45
CA GLU C 340 5.75 10.21 -38.26
C GLU C 340 5.95 8.71 -38.45
N ASP C 341 5.01 8.05 -39.11
CA ASP C 341 5.10 6.61 -39.32
C ASP C 341 6.32 6.24 -40.15
N ILE C 342 6.65 7.04 -41.16
CA ILE C 342 7.61 6.64 -42.19
C ILE C 342 8.94 7.37 -42.09
N ALA C 343 9.05 8.41 -41.28
CA ALA C 343 10.25 9.26 -41.31
C ALA C 343 10.80 9.47 -39.91
N ILE C 344 12.09 9.79 -39.87
CA ILE C 344 12.77 10.21 -38.65
C ILE C 344 12.96 11.71 -38.73
N SER C 345 12.36 12.44 -37.78
CA SER C 345 12.41 13.89 -37.75
C SER C 345 13.42 14.37 -36.72
N PHE C 346 14.05 15.51 -36.99
CA PHE C 346 14.96 16.10 -36.01
C PHE C 346 15.12 17.60 -36.26
N GLN C 347 15.40 18.32 -35.19
CA GLN C 347 15.67 19.75 -35.20
C GLN C 347 17.14 20.01 -35.52
N GLY C 348 17.42 21.20 -36.05
CA GLY C 348 18.75 21.53 -36.50
C GLY C 348 19.74 21.76 -35.35
N ILE C 349 20.97 22.06 -35.73
CA ILE C 349 22.01 22.40 -34.76
C ILE C 349 21.58 23.63 -33.97
N ILE C 350 21.84 23.60 -32.66
CA ILE C 350 21.73 24.80 -31.82
C ILE C 350 23.11 25.02 -31.22
N THR C 351 23.86 25.97 -31.78
CA THR C 351 25.21 26.21 -31.29
C THR C 351 25.20 26.87 -29.92
N GLY C 352 24.19 27.67 -29.62
CA GLY C 352 24.15 28.48 -28.42
C GLY C 352 24.71 29.88 -28.60
N CYS C 353 25.56 30.09 -29.60
CA CYS C 353 26.04 31.44 -29.96
C CYS C 353 26.53 31.38 -31.41
N ASP C 354 25.66 31.80 -32.35
CA ASP C 354 25.98 31.59 -33.76
C ASP C 354 27.20 32.39 -34.19
N LYS C 355 27.38 33.60 -33.64
CA LYS C 355 28.51 34.45 -34.02
C LYS C 355 29.86 33.80 -33.73
N ALA C 356 29.90 32.80 -32.85
CA ALA C 356 31.15 32.12 -32.53
C ALA C 356 31.47 30.96 -33.48
N PHE C 357 30.47 30.41 -34.17
CA PHE C 357 30.66 29.20 -34.95
C PHE C 357 30.30 29.32 -36.43
N ILE C 358 29.60 30.38 -36.83
CA ILE C 358 29.10 30.54 -38.19
C ILE C 358 29.89 31.66 -38.87
N LEU C 359 30.47 31.34 -40.03
CA LEU C 359 31.21 32.30 -40.81
C LEU C 359 30.70 32.31 -42.24
N SER C 360 30.68 33.49 -42.84
CA SER C 360 30.42 33.59 -44.27
C SER C 360 31.48 32.82 -45.02
N LYS C 361 31.08 32.12 -46.09
CA LYS C 361 32.02 31.24 -46.76
C LYS C 361 33.13 31.99 -47.46
N ASP C 362 33.03 33.32 -47.58
CA ASP C 362 34.09 34.15 -48.12
C ASP C 362 34.97 34.76 -47.03
N ASP C 363 34.77 34.40 -45.77
CA ASP C 363 35.54 34.98 -44.68
C ASP C 363 36.96 34.43 -44.69
N VAL C 364 37.94 35.34 -44.53
CA VAL C 364 39.35 34.94 -44.56
C VAL C 364 39.71 34.08 -43.36
N LYS C 365 39.01 34.24 -42.23
CA LYS C 365 39.33 33.47 -41.05
C LYS C 365 39.08 31.97 -41.23
N LEU C 366 38.36 31.58 -42.29
CA LEU C 366 38.25 30.16 -42.64
C LEU C 366 39.61 29.57 -43.02
N ASN C 367 40.61 30.41 -43.29
CA ASN C 367 41.96 29.91 -43.50
C ASN C 367 42.53 29.29 -42.24
N LEU C 368 42.03 29.69 -41.06
CA LEU C 368 42.48 29.13 -39.80
C LEU C 368 41.82 27.80 -39.46
N VAL C 369 40.78 27.40 -40.19
CA VAL C 369 39.99 26.23 -39.85
C VAL C 369 40.27 25.14 -40.88
N ASP C 370 40.68 23.97 -40.40
CA ASP C 370 40.83 22.81 -41.27
C ASP C 370 39.49 22.46 -41.91
N ASP C 371 39.55 22.06 -43.18
CA ASP C 371 38.31 21.79 -43.92
C ASP C 371 37.50 20.66 -43.31
N LYS C 372 38.14 19.73 -42.58
CA LYS C 372 37.39 18.62 -42.00
C LYS C 372 36.41 19.07 -40.92
N PHE C 373 36.61 20.25 -40.33
CA PHE C 373 35.68 20.77 -39.32
C PHE C 373 34.53 21.57 -39.92
N LEU C 374 34.57 21.91 -41.20
CA LEU C 374 33.63 22.87 -41.77
C LEU C 374 32.45 22.17 -42.41
N LYS C 375 31.25 22.65 -42.11
CA LYS C 375 30.02 22.14 -42.68
C LYS C 375 29.30 23.26 -43.42
N CYS C 376 28.51 22.89 -44.43
CA CYS C 376 27.63 23.85 -45.09
C CYS C 376 26.45 24.19 -44.18
N TRP C 377 26.10 25.47 -44.17
CA TRP C 377 25.12 26.04 -43.24
C TRP C 377 24.11 26.84 -44.03
N ILE C 378 22.85 26.39 -44.03
CA ILE C 378 21.79 27.13 -44.72
C ILE C 378 20.87 27.74 -43.68
N LYS C 379 20.15 28.79 -44.11
CA LYS C 379 19.13 29.46 -43.32
C LYS C 379 17.75 29.16 -43.91
N SER C 380 16.72 29.57 -43.17
CA SER C 380 15.35 29.28 -43.58
C SER C 380 15.03 29.86 -44.95
N LYS C 381 15.62 31.00 -45.31
CA LYS C 381 15.31 31.59 -46.61
C LYS C 381 15.91 30.79 -47.76
N ASN C 382 16.87 29.91 -47.48
CA ASN C 382 17.47 29.12 -48.54
C ASN C 382 16.57 28.01 -49.06
N ILE C 383 15.50 27.69 -48.35
CA ILE C 383 14.62 26.58 -48.72
C ILE C 383 13.57 27.07 -49.71
N ASN C 384 13.50 26.41 -50.86
CA ASN C 384 12.39 26.56 -51.79
C ASN C 384 11.63 25.25 -51.87
N LYS C 385 10.55 25.25 -52.64
CA LYS C 385 9.94 23.99 -53.02
C LYS C 385 10.93 23.16 -53.82
N TYR C 386 11.12 21.92 -53.40
CA TYR C 386 11.89 20.87 -54.06
C TYR C 386 13.42 21.00 -53.98
N ILE C 387 13.97 22.18 -53.74
CA ILE C 387 15.42 22.36 -53.81
C ILE C 387 15.86 23.46 -52.85
N VAL C 388 17.15 23.41 -52.49
CA VAL C 388 17.76 24.34 -51.54
C VAL C 388 18.75 25.23 -52.28
N ASP C 389 18.76 26.52 -51.94
CA ASP C 389 19.77 27.41 -52.47
C ASP C 389 21.15 27.00 -51.99
N LYS C 390 22.17 27.32 -52.80
CA LYS C 390 23.55 27.09 -52.39
C LYS C 390 23.85 27.84 -51.10
N SER C 391 24.61 27.20 -50.22
CA SER C 391 24.90 27.77 -48.90
C SER C 391 25.94 28.88 -49.00
N GLU C 392 25.70 29.96 -48.25
CA GLU C 392 26.61 31.09 -48.17
C GLU C 392 27.43 31.11 -46.88
N TYR C 393 27.12 30.23 -45.93
CA TYR C 393 27.77 30.20 -44.63
C TYR C 393 28.43 28.86 -44.40
N ARG C 394 29.34 28.83 -43.43
CA ARG C 394 29.98 27.60 -42.98
C ARG C 394 29.85 27.47 -41.48
N LEU C 395 29.67 26.25 -41.01
CA LEU C 395 29.60 25.94 -39.59
C LEU C 395 30.91 25.29 -39.15
N ILE C 396 31.47 25.79 -38.05
CA ILE C 396 32.62 25.17 -37.41
C ILE C 396 32.08 24.12 -36.45
N TYR C 397 32.16 22.85 -36.85
CA TYR C 397 31.65 21.77 -36.01
C TYR C 397 32.69 21.51 -34.92
N SER C 398 32.67 22.38 -33.90
CA SER C 398 33.73 22.42 -32.90
C SER C 398 33.75 21.20 -31.99
N ASN C 399 32.72 20.36 -32.02
CA ASN C 399 32.74 19.15 -31.21
C ASN C 399 33.80 18.15 -31.66
N ASP C 400 34.30 18.28 -32.89
CA ASP C 400 35.31 17.36 -33.41
C ASP C 400 36.74 17.79 -33.07
N ILE C 401 36.88 18.84 -32.26
CA ILE C 401 38.19 19.20 -31.70
C ILE C 401 38.33 18.48 -30.36
N ASP C 402 39.34 17.61 -30.25
CA ASP C 402 39.44 16.69 -29.13
C ASP C 402 39.62 17.43 -27.80
N ASN C 403 40.52 18.42 -27.78
CA ASN C 403 40.76 19.20 -26.57
C ASN C 403 41.21 20.60 -27.00
N GLU C 404 41.59 21.42 -26.01
CA GLU C 404 41.98 22.80 -26.28
C GLU C 404 43.37 22.91 -26.90
N ASN C 405 44.28 21.98 -26.59
CA ASN C 405 45.68 22.14 -26.96
C ASN C 405 46.00 21.68 -28.39
N THR C 406 45.05 21.08 -29.10
CA THR C 406 45.34 20.52 -30.42
C THR C 406 45.14 21.53 -31.54
N ASN C 407 44.08 22.33 -31.49
CA ASN C 407 43.73 23.29 -32.54
C ASN C 407 43.55 24.67 -31.94
N LYS C 408 44.55 25.12 -31.17
CA LYS C 408 44.42 26.32 -30.36
C LYS C 408 43.99 27.54 -31.17
N ARG C 409 44.51 27.67 -32.40
CA ARG C 409 44.26 28.89 -33.17
C ARG C 409 42.79 29.08 -33.48
N ILE C 410 42.05 28.00 -33.73
CA ILE C 410 40.62 28.12 -33.94
C ILE C 410 39.95 28.66 -32.69
N LEU C 411 40.30 28.09 -31.53
CA LEU C 411 39.68 28.52 -30.28
C LEU C 411 40.09 29.94 -29.92
N ASP C 412 41.34 30.31 -30.19
CA ASP C 412 41.83 31.62 -29.77
C ASP C 412 41.31 32.75 -30.65
N GLU C 413 41.22 32.53 -31.96
CA GLU C 413 40.95 33.60 -32.89
C GLU C 413 39.52 33.65 -33.39
N ILE C 414 38.74 32.58 -33.24
CA ILE C 414 37.38 32.60 -33.75
C ILE C 414 36.36 32.34 -32.65
N ILE C 415 36.39 31.15 -32.06
CA ILE C 415 35.37 30.77 -31.09
C ILE C 415 35.53 31.55 -29.80
N GLY C 416 36.77 31.72 -29.34
CA GLY C 416 37.03 32.37 -28.07
C GLY C 416 36.68 33.85 -28.02
N LEU C 417 36.35 34.45 -29.16
CA LEU C 417 35.89 35.83 -29.14
C LEU C 417 34.58 35.99 -28.37
N TYR C 418 33.86 34.89 -28.13
CA TYR C 418 32.62 34.92 -27.38
C TYR C 418 32.69 33.98 -26.18
N LYS C 419 33.90 33.80 -25.62
CA LYS C 419 34.09 32.78 -24.60
C LYS C 419 33.23 33.05 -23.37
N THR C 420 33.13 34.30 -22.95
CA THR C 420 32.28 34.61 -21.80
C THR C 420 30.83 34.26 -22.08
N LYS C 421 30.33 34.60 -23.27
CA LYS C 421 28.97 34.24 -23.64
C LYS C 421 28.80 32.73 -23.69
N LEU C 422 29.80 32.02 -24.24
CA LEU C 422 29.72 30.56 -24.32
C LEU C 422 29.76 29.91 -22.94
N GLU C 423 30.58 30.44 -22.04
CA GLU C 423 30.66 29.87 -20.70
C GLU C 423 29.36 30.02 -19.92
N ASN C 424 28.47 30.92 -20.35
CA ASN C 424 27.23 31.14 -19.63
C ASN C 424 26.11 30.21 -20.06
N ARG C 425 26.31 29.38 -21.08
CA ARG C 425 25.29 28.42 -21.47
C ARG C 425 25.11 27.37 -20.38
N ARG C 426 23.89 26.83 -20.28
CA ARG C 426 23.53 26.00 -19.13
C ARG C 426 24.42 24.76 -19.02
N GLU C 427 24.69 24.09 -20.14
CA GLU C 427 25.49 22.86 -20.09
C GLU C 427 26.97 23.13 -19.83
N CYS C 428 27.42 24.37 -20.04
CA CYS C 428 28.80 24.71 -19.68
C CYS C 428 28.93 24.98 -18.19
N LYS C 429 27.90 25.59 -17.59
CA LYS C 429 27.97 25.88 -16.16
C LYS C 429 27.86 24.61 -15.33
N SER C 430 27.13 23.61 -15.81
CA SER C 430 27.07 22.33 -15.12
C SER C 430 28.27 21.43 -15.44
N GLY C 431 29.15 21.85 -16.35
CA GLY C 431 30.37 21.13 -16.59
C GLY C 431 30.28 19.94 -17.53
N ILE C 432 29.12 19.68 -18.13
CA ILE C 432 29.02 18.56 -19.07
C ILE C 432 29.34 18.95 -20.50
N ARG C 433 29.52 20.23 -20.78
CA ARG C 433 29.83 20.72 -22.11
C ARG C 433 31.03 21.67 -22.02
N LYS C 434 32.02 21.46 -22.88
CA LYS C 434 33.18 22.35 -22.91
C LYS C 434 32.78 23.70 -23.48
N TRP C 435 33.52 24.75 -23.11
CA TRP C 435 33.13 26.11 -23.46
C TRP C 435 33.14 26.32 -24.97
N TYR C 436 34.02 25.63 -25.69
CA TYR C 436 34.13 25.82 -27.14
C TYR C 436 33.24 24.88 -27.94
N GLU C 437 32.55 23.95 -27.29
CA GLU C 437 31.72 22.99 -28.00
C GLU C 437 30.37 23.59 -28.36
N LEU C 438 29.75 23.04 -29.40
CA LEU C 438 28.37 23.40 -29.73
C LEU C 438 27.44 22.97 -28.60
N GLN C 439 26.41 23.78 -28.34
CA GLN C 439 25.52 23.46 -27.22
C GLN C 439 24.72 22.19 -27.49
N TRP C 440 24.10 22.11 -28.67
CA TRP C 440 23.37 20.90 -29.09
C TRP C 440 23.86 20.54 -30.50
N GLY C 441 24.92 19.74 -30.55
CA GLY C 441 25.52 19.38 -31.83
C GLY C 441 24.82 18.30 -32.60
N ARG C 442 23.82 17.65 -32.01
CA ARG C 442 23.01 16.60 -32.65
C ARG C 442 23.96 15.49 -33.11
N GLU C 443 23.63 14.84 -34.23
CA GLU C 443 24.43 13.75 -34.77
C GLU C 443 24.74 14.06 -36.23
N LYS C 444 26.03 14.07 -36.58
CA LYS C 444 26.42 14.41 -37.94
C LYS C 444 25.84 13.43 -38.95
N LEU C 445 25.79 12.15 -38.60
CA LEU C 445 25.25 11.15 -39.52
C LEU C 445 23.80 11.43 -39.90
N PHE C 446 23.08 12.21 -39.10
CA PHE C 446 21.73 12.59 -39.49
C PHE C 446 21.72 13.64 -40.58
N PHE C 447 22.61 14.64 -40.48
CA PHE C 447 22.64 15.70 -41.47
C PHE C 447 23.33 15.26 -42.76
N GLU C 448 24.38 14.45 -42.65
CA GLU C 448 25.25 14.13 -43.79
C GLU C 448 24.70 12.92 -44.55
N ARG C 449 23.53 13.14 -45.14
CA ARG C 449 22.82 12.12 -45.89
C ARG C 449 21.74 12.81 -46.72
N LYS C 450 21.19 12.07 -47.67
CA LYS C 450 20.04 12.56 -48.41
C LYS C 450 18.86 12.71 -47.46
N LYS C 451 18.19 13.87 -47.51
CA LYS C 451 17.11 14.16 -46.57
C LYS C 451 16.25 15.27 -47.13
N ILE C 452 15.15 15.55 -46.43
CA ILE C 452 14.24 16.63 -46.78
C ILE C 452 14.31 17.71 -45.71
N MET C 453 14.32 18.97 -46.14
CA MET C 453 14.42 20.12 -45.24
C MET C 453 13.29 21.11 -45.55
N TYR C 454 12.80 21.77 -44.50
CA TYR C 454 11.75 22.77 -44.65
C TYR C 454 11.94 23.86 -43.62
N PRO C 455 11.57 25.10 -43.92
CA PRO C 455 11.75 26.20 -42.96
C PRO C 455 10.77 26.08 -41.80
N TYR C 456 11.24 26.49 -40.62
CA TYR C 456 10.41 26.37 -39.41
C TYR C 456 9.26 27.37 -39.40
N LYS C 457 9.36 28.45 -40.16
CA LYS C 457 8.32 29.45 -40.27
C LYS C 457 8.26 29.91 -41.72
N SER C 458 7.07 29.87 -42.32
CA SER C 458 6.94 30.15 -43.74
C SER C 458 5.50 30.55 -44.05
N ASN C 459 5.32 31.11 -45.25
CA ASN C 459 3.99 31.41 -45.77
C ASN C 459 3.32 30.23 -46.45
N GLU C 460 4.09 29.19 -46.79
CA GLU C 460 3.56 28.11 -47.61
C GLU C 460 4.42 26.87 -47.40
N ASN C 461 3.93 25.73 -47.89
CA ASN C 461 4.69 24.50 -47.84
C ASN C 461 5.94 24.64 -48.72
N ARG C 462 7.12 24.47 -48.12
CA ARG C 462 8.39 24.53 -48.82
C ARG C 462 9.22 23.33 -48.33
N PHE C 463 9.08 22.20 -49.01
CA PHE C 463 9.81 20.98 -48.66
C PHE C 463 10.80 20.68 -49.78
N ALA C 464 12.08 20.65 -49.43
CA ALA C 464 13.15 20.49 -50.40
C ALA C 464 13.96 19.25 -50.09
N ILE C 465 14.41 18.57 -51.14
CA ILE C 465 15.41 17.52 -51.00
C ILE C 465 16.78 18.17 -50.91
N ASP C 466 17.55 17.81 -49.89
CA ASP C 466 18.91 18.29 -49.72
C ASP C 466 19.86 17.23 -50.24
N TYR C 467 20.65 17.59 -51.26
CA TYR C 467 21.66 16.70 -51.83
C TYR C 467 23.06 17.02 -51.35
N ASP C 468 23.25 18.09 -50.55
CA ASP C 468 24.57 18.65 -50.31
C ASP C 468 25.01 18.55 -48.85
N ASN C 469 24.39 17.68 -48.06
CA ASN C 469 24.77 17.50 -46.65
C ASN C 469 24.71 18.83 -45.89
N ASN C 470 23.65 19.61 -46.10
CA ASN C 470 23.54 20.90 -45.45
C ASN C 470 23.23 20.75 -43.97
N PHE C 471 23.96 21.48 -43.14
CA PHE C 471 23.57 21.69 -41.75
C PHE C 471 22.77 22.97 -41.63
N SER C 472 21.99 23.08 -40.56
CA SER C 472 21.19 24.27 -40.33
C SER C 472 20.98 24.45 -38.84
N SER C 473 20.58 25.66 -38.46
CA SER C 473 20.15 25.93 -37.10
C SER C 473 18.72 25.44 -36.91
N ALA C 474 18.08 25.84 -35.81
CA ALA C 474 16.72 25.41 -35.55
C ALA C 474 15.69 26.12 -36.42
N ASP C 475 16.11 27.03 -37.30
CA ASP C 475 15.15 27.65 -38.22
C ASP C 475 14.85 26.78 -39.44
N VAL C 476 15.49 25.62 -39.55
CA VAL C 476 15.21 24.65 -40.60
C VAL C 476 15.09 23.28 -39.96
N TYR C 477 14.03 22.56 -40.28
CA TYR C 477 13.86 21.18 -39.82
C TYR C 477 14.17 20.20 -40.94
N SER C 478 14.52 18.98 -40.55
CA SER C 478 14.90 17.92 -41.47
C SER C 478 14.19 16.63 -41.10
N PHE C 479 13.99 15.77 -42.11
CA PHE C 479 13.67 14.37 -41.82
C PHE C 479 14.21 13.50 -42.94
N PHE C 480 14.36 12.22 -42.64
CA PHE C 480 14.72 11.22 -43.63
C PHE C 480 13.81 10.02 -43.48
N ILE C 481 13.63 9.30 -44.59
CA ILE C 481 12.70 8.17 -44.61
C ILE C 481 13.32 6.98 -43.88
N LYS C 482 12.51 6.29 -43.07
CA LYS C 482 12.98 5.10 -42.38
C LYS C 482 13.40 4.04 -43.39
N GLU C 483 14.39 3.23 -42.98
CA GLU C 483 14.94 2.22 -43.88
C GLU C 483 13.87 1.24 -44.34
N GLU C 484 12.99 0.82 -43.42
CA GLU C 484 11.96 -0.15 -43.78
C GLU C 484 10.92 0.42 -44.74
N TYR C 485 10.82 1.74 -44.86
CA TYR C 485 9.84 2.38 -45.73
C TYR C 485 10.43 2.86 -47.05
N LEU C 486 11.72 2.57 -47.32
CA LEU C 486 12.34 3.08 -48.53
C LEU C 486 11.78 2.43 -49.79
N ASP C 487 11.30 1.19 -49.71
CA ASP C 487 10.71 0.56 -50.88
C ASP C 487 9.27 1.00 -51.15
N LYS C 488 8.67 1.78 -50.25
CA LYS C 488 7.32 2.29 -50.44
C LYS C 488 7.29 3.77 -50.81
N PHE C 489 8.16 4.57 -50.20
CA PHE C 489 8.14 6.02 -50.38
C PHE C 489 9.52 6.52 -50.78
N SER C 490 9.55 7.42 -51.75
CA SER C 490 10.78 8.07 -52.18
C SER C 490 10.77 9.52 -51.74
N TYR C 491 11.96 10.12 -51.71
CA TYR C 491 12.06 11.54 -51.42
C TYR C 491 11.40 12.37 -52.51
N GLU C 492 11.53 11.93 -53.76
CA GLU C 492 10.94 12.68 -54.88
C GLU C 492 9.42 12.65 -54.81
N TYR C 493 8.83 11.51 -54.46
CA TYR C 493 7.38 11.46 -54.28
C TYR C 493 6.93 12.36 -53.14
N LEU C 494 7.65 12.34 -52.02
CA LEU C 494 7.21 13.06 -50.83
C LEU C 494 7.21 14.57 -51.07
N VAL C 495 8.28 15.11 -51.64
CA VAL C 495 8.28 16.55 -51.94
C VAL C 495 7.22 16.87 -52.98
N GLY C 496 6.87 15.90 -53.83
CA GLY C 496 5.81 16.14 -54.80
C GLY C 496 4.48 16.40 -54.13
N ILE C 497 4.10 15.56 -53.17
CA ILE C 497 2.80 15.77 -52.56
C ILE C 497 2.84 16.84 -51.48
N LEU C 498 3.98 16.98 -50.77
CA LEU C 498 4.04 17.96 -49.69
C LEU C 498 4.03 19.39 -50.22
N ASN C 499 4.53 19.61 -51.43
CA ASN C 499 4.57 20.94 -52.01
C ASN C 499 3.32 21.27 -52.82
N SER C 500 2.34 20.37 -52.86
CA SER C 500 1.21 20.55 -53.75
C SER C 500 0.18 21.51 -53.15
N SER C 501 -0.70 21.99 -54.02
CA SER C 501 -1.78 22.88 -53.59
C SER C 501 -2.68 22.19 -52.58
N VAL C 502 -2.98 20.91 -52.81
CA VAL C 502 -3.83 20.15 -51.89
C VAL C 502 -3.23 20.14 -50.49
N TYR C 503 -1.95 19.79 -50.38
CA TYR C 503 -1.32 19.67 -49.07
C TYR C 503 -0.97 21.00 -48.44
N ASP C 504 -0.85 22.07 -49.23
CA ASP C 504 -0.69 23.39 -48.65
C ASP C 504 -1.97 23.81 -47.92
N LYS C 505 -3.12 23.65 -48.55
CA LYS C 505 -4.40 23.90 -47.89
C LYS C 505 -4.62 22.95 -46.73
N TYR C 506 -4.27 21.67 -46.93
CA TYR C 506 -4.47 20.66 -45.90
C TYR C 506 -3.72 20.99 -44.62
N PHE C 507 -2.45 21.39 -44.74
CA PHE C 507 -1.67 21.71 -43.55
C PHE C 507 -2.19 22.97 -42.86
N LYS C 508 -2.55 23.98 -43.63
CA LYS C 508 -2.96 25.25 -43.03
C LYS C 508 -4.29 25.16 -42.31
N ILE C 509 -5.02 24.06 -42.46
CA ILE C 509 -6.29 23.90 -41.74
C ILE C 509 -6.06 23.85 -40.24
N THR C 510 -4.96 23.20 -39.81
CA THR C 510 -4.64 23.10 -38.39
C THR C 510 -3.34 23.78 -38.01
N ALA C 511 -2.61 24.34 -38.96
CA ALA C 511 -1.30 24.93 -38.66
C ALA C 511 -1.43 26.13 -37.73
N LYS C 512 -0.34 26.42 -37.03
CA LYS C 512 -0.28 27.47 -36.03
C LYS C 512 0.09 28.79 -36.70
N LYS C 513 -0.87 29.71 -36.79
CA LYS C 513 -0.65 31.01 -37.40
C LYS C 513 0.12 31.90 -36.44
N MET C 514 1.30 32.38 -36.87
CA MET C 514 2.23 33.07 -35.99
C MET C 514 2.17 34.59 -36.14
N SER C 515 2.40 35.08 -37.35
CA SER C 515 2.33 36.49 -37.66
C SER C 515 1.81 36.62 -39.08
N LYS C 516 1.76 37.85 -39.58
CA LYS C 516 1.25 38.09 -40.92
C LYS C 516 2.03 37.25 -41.93
N ASN C 517 1.33 36.38 -42.64
CA ASN C 517 1.89 35.52 -43.69
C ASN C 517 2.88 34.50 -43.17
N ILE C 518 2.83 34.15 -41.88
CA ILE C 518 3.79 33.19 -41.31
C ILE C 518 3.03 32.14 -40.54
N TYR C 519 3.22 30.88 -40.90
CA TYR C 519 2.79 29.74 -40.11
C TYR C 519 4.00 29.05 -39.51
N ASP C 520 3.81 28.43 -38.35
CA ASP C 520 4.82 27.54 -37.82
C ASP C 520 4.85 26.25 -38.62
N TYR C 521 6.03 25.83 -39.06
CA TYR C 521 6.24 24.51 -39.65
C TYR C 521 7.18 23.76 -38.71
N TYR C 522 6.60 23.15 -37.68
CA TYR C 522 7.32 22.40 -36.67
C TYR C 522 6.89 20.94 -36.71
N PRO C 523 7.76 20.03 -36.31
CA PRO C 523 7.40 18.60 -36.33
C PRO C 523 6.11 18.29 -35.57
N ASN C 524 5.80 19.03 -34.50
CA ASN C 524 4.62 18.68 -33.71
C ASN C 524 3.34 18.75 -34.53
N LYS C 525 3.36 19.46 -35.66
CA LYS C 525 2.27 19.34 -36.62
C LYS C 525 2.70 18.76 -37.96
N VAL C 526 3.93 19.03 -38.41
CA VAL C 526 4.36 18.53 -39.71
C VAL C 526 4.42 17.01 -39.73
N MET C 527 4.90 16.40 -38.64
CA MET C 527 4.97 14.94 -38.58
C MET C 527 3.61 14.28 -38.49
N LYS C 528 2.54 15.03 -38.26
CA LYS C 528 1.20 14.48 -38.25
C LYS C 528 0.53 14.56 -39.63
N ILE C 529 1.21 15.13 -40.63
CA ILE C 529 0.67 15.15 -41.99
C ILE C 529 0.50 13.72 -42.49
N ARG C 530 -0.67 13.42 -43.01
CA ARG C 530 -0.95 12.06 -43.43
C ARG C 530 -0.67 11.90 -44.93
N ILE C 531 -0.25 10.68 -45.29
CA ILE C 531 0.30 10.37 -46.61
C ILE C 531 -0.43 9.16 -47.17
N PHE C 532 -0.55 9.12 -48.48
CA PHE C 532 -1.21 8.02 -49.17
C PHE C 532 -0.26 7.37 -50.16
N ARG C 533 -0.68 6.23 -50.69
CA ARG C 533 0.07 5.49 -51.69
C ARG C 533 -0.89 4.66 -52.52
N ASP C 534 -1.00 4.97 -53.80
CA ASP C 534 -1.94 4.25 -54.68
C ASP C 534 -1.37 4.24 -56.09
N ASN C 535 -2.23 3.98 -57.08
CA ASN C 535 -1.80 3.77 -58.46
C ASN C 535 -1.30 5.05 -59.13
N ASN C 536 -1.52 6.22 -58.55
CA ASN C 536 -0.98 7.46 -59.09
C ASN C 536 0.44 7.73 -58.62
N TYR C 537 1.02 6.82 -57.83
CA TYR C 537 2.33 7.08 -57.23
C TYR C 537 3.39 7.31 -58.31
N GLU C 538 3.40 6.47 -59.34
CA GLU C 538 4.46 6.52 -60.35
C GLU C 538 4.46 7.85 -61.09
N GLU C 539 3.28 8.32 -61.52
CA GLU C 539 3.24 9.56 -62.29
C GLU C 539 3.45 10.77 -61.38
N ILE C 540 2.95 10.73 -60.15
CA ILE C 540 3.23 11.83 -59.23
C ILE C 540 4.73 11.94 -58.99
N GLU C 541 5.39 10.81 -58.75
CA GLU C 541 6.84 10.80 -58.59
C GLU C 541 7.53 11.26 -59.87
N ASN C 542 7.06 10.80 -61.03
CA ASN C 542 7.66 11.19 -62.30
C ASN C 542 7.57 12.69 -62.51
N LEU C 543 6.41 13.29 -62.19
CA LEU C 543 6.25 14.74 -62.37
C LEU C 543 7.17 15.50 -61.42
N SER C 544 7.34 14.99 -60.19
CA SER C 544 8.25 15.63 -59.25
C SER C 544 9.68 15.62 -59.78
N LYS C 545 10.12 14.48 -60.32
CA LYS C 545 11.47 14.40 -60.88
C LYS C 545 11.64 15.36 -62.04
N GLN C 546 10.62 15.51 -62.88
CA GLN C 546 10.69 16.48 -63.96
C GLN C 546 10.80 17.90 -63.42
N ILE C 547 10.06 18.21 -62.37
CA ILE C 547 10.10 19.56 -61.79
C ILE C 547 11.48 19.83 -61.20
N ILE C 548 12.03 18.87 -60.46
CA ILE C 548 13.37 19.01 -59.89
C ILE C 548 14.37 19.23 -61.01
N SER C 549 14.26 18.46 -62.09
CA SER C 549 15.19 18.57 -63.20
C SER C 549 15.19 19.97 -63.79
N ILE C 550 14.00 20.55 -64.01
CA ILE C 550 13.92 21.90 -64.56
C ILE C 550 14.51 22.92 -63.58
N LEU C 551 14.20 22.77 -62.29
CA LEU C 551 14.66 23.74 -61.31
C LEU C 551 16.18 23.75 -61.17
N LEU C 552 16.87 22.71 -61.62
CA LEU C 552 18.31 22.60 -61.43
C LEU C 552 19.11 22.84 -62.70
N ASN C 553 18.48 23.27 -63.80
CA ASN C 553 19.20 23.39 -65.06
C ASN C 553 19.56 24.85 -65.34
N LYS C 554 20.07 25.11 -66.55
CA LYS C 554 20.61 26.42 -66.89
C LYS C 554 19.53 27.51 -66.84
N SER C 555 18.54 27.42 -67.72
CA SER C 555 17.49 28.43 -67.83
C SER C 555 16.14 27.75 -67.59
N ILE C 556 15.68 27.78 -66.33
CA ILE C 556 14.43 27.13 -65.99
C ILE C 556 13.27 27.91 -66.62
N ASP C 557 12.17 27.20 -66.86
CA ASP C 557 10.94 27.79 -67.39
C ASP C 557 9.90 27.77 -66.28
N LYS C 558 9.40 28.95 -65.92
CA LYS C 558 8.34 29.03 -64.91
C LYS C 558 7.07 28.36 -65.39
N GLY C 559 6.68 28.62 -66.65
CA GLY C 559 5.46 28.04 -67.18
C GLY C 559 5.53 26.54 -67.32
N LYS C 560 6.71 26.00 -67.67
CA LYS C 560 6.85 24.55 -67.77
C LYS C 560 6.64 23.89 -66.42
N VAL C 561 7.24 24.45 -65.37
CA VAL C 561 7.04 23.90 -64.03
C VAL C 561 5.57 23.97 -63.63
N GLU C 562 4.92 25.10 -63.90
CA GLU C 562 3.56 25.32 -63.43
C GLU C 562 2.61 24.24 -63.93
N LYS C 563 2.65 23.96 -65.24
CA LYS C 563 1.75 22.94 -65.78
C LYS C 563 2.09 21.55 -65.28
N LEU C 564 3.37 21.28 -65.01
CA LEU C 564 3.72 20.02 -64.36
C LEU C 564 3.11 19.92 -62.97
N GLN C 565 3.15 21.03 -62.22
CA GLN C 565 2.56 21.05 -60.88
C GLN C 565 1.05 20.86 -60.95
N ILE C 566 0.39 21.46 -61.94
CA ILE C 566 -1.06 21.34 -62.07
C ILE C 566 -1.46 19.89 -62.32
N LYS C 567 -0.76 19.22 -63.25
CA LYS C 567 -1.02 17.80 -63.49
C LYS C 567 -0.86 16.98 -62.22
N MET C 568 0.16 17.28 -61.42
CA MET C 568 0.35 16.55 -60.18
C MET C 568 -0.78 16.80 -59.20
N ASP C 569 -1.17 18.08 -59.04
CA ASP C 569 -2.28 18.40 -58.16
C ASP C 569 -3.55 17.67 -58.57
N ASN C 570 -3.78 17.55 -59.88
CA ASN C 570 -4.97 16.84 -60.36
C ASN C 570 -4.94 15.37 -59.96
N LEU C 571 -3.78 14.73 -60.05
CA LEU C 571 -3.68 13.33 -59.63
C LEU C 571 -3.90 13.19 -58.14
N ILE C 572 -3.35 14.11 -57.35
CA ILE C 572 -3.52 14.04 -55.89
C ILE C 572 -4.97 14.21 -55.52
N MET C 573 -5.67 15.13 -56.18
CA MET C 573 -7.11 15.30 -55.94
C MET C 573 -7.87 14.05 -56.33
N ASP C 574 -7.51 13.45 -57.46
CA ASP C 574 -8.10 12.18 -57.88
C ASP C 574 -7.86 11.10 -56.83
N SER C 575 -6.63 11.04 -56.29
CA SER C 575 -6.30 10.01 -55.29
C SER C 575 -7.14 10.16 -54.03
N LEU C 576 -7.30 11.39 -53.55
CA LEU C 576 -7.95 11.66 -52.28
C LEU C 576 -9.45 11.89 -52.40
N GLY C 577 -10.00 11.83 -53.61
CA GLY C 577 -11.41 12.08 -53.79
C GLY C 577 -11.82 13.53 -53.62
N ILE C 578 -10.91 14.47 -53.82
CA ILE C 578 -11.23 15.89 -53.65
C ILE C 578 -11.91 16.42 -54.91
#